data_9LGA
#
_entry.id   9LGA
#
_cell.length_a   1.00
_cell.length_b   1.00
_cell.length_c   1.00
_cell.angle_alpha   90.00
_cell.angle_beta   90.00
_cell.angle_gamma   90.00
#
_symmetry.space_group_name_H-M   'P 1'
#
loop_
_entity.id
_entity.type
_entity.pdbx_description
1 polymer 'Multidrug resistance-associated protein 1'
2 non-polymer (2S)-2-(3,4-dimethoxyphenyl)-5-{[2-(3,4-dimethoxyphenyl)ethyl](methyl)amino}-2-(propan-2-yl)pentanenitrile
3 non-polymer GLUTATHIONE
#
_entity_poly.entity_id   1
_entity_poly.type   'polypeptide(L)'
_entity_poly.pdbx_seq_one_letter_code
;MALRDFCSVDGSDLFWEWNVTWNTSNPDFTKCFQNTVLVWVPCSYLWVCFPFYFLYLSHHDRGYIQMTHLNKAKTALGFL
LWIVCWADLFYSFWERSMGKLLAPVFLVSPTLLGITMLLATFLIQIERRRGVQSSGIMLTFWLIALLCALAILRSKIMTA
LKEDARVDVFRDVTFYIYFSLVLIQLVLSCFSDRSPLFSETINDPNPCPESSASFLSRITFWWITGMMVQGYRQPLESTD
LWSLNKEDTSEQVVPVLVKNWKKECAKSRKQPVKIVYSSKDPAKPKGSSKVDVNEEAEALIVKCPQKERDPSLFKVLYKT
FGPYFLMSFLFKAVHDLMMFAGPEILKLLINFVNDKKAPEWQGYFYTALLFISACLQTLVLHQYFHICFVSGMRIKTAVI
GAVYRKALVITNAARKSSTVGEIVNLMSVDAQRFMDLATYINMIWSAPLQVILALYLLWLNLGPSVLAGVAVMVLMVPLN
AVMAMKTKTYQVAHMKSKDNRIKLMNEILNGIKVLKLYAWELAFKDKVLAIRQEELKVLKKSAYLAAVGTFTWVCTPFLV
ALSTFAVYVTVDENNILDAQKAFVSLALFNILRFPLNILPMVISSIVQASVSLKRLRVFLSHEDLDPDSIQRRPIKDAGA
TNSITVKNATFTWARNDPPTLHGITFSVPEGSLVAVVGQVGCGKSSLLSALLAEMDKVEGHVTVKGSVAYVPQQAWIQNI
SLRENILFGRQLQERYYKAVVEACALLPDLEILPSGDRTEIGEKGVNLSGGQKQRVSLARAVYCDSDVYLLDDPLSAVDA
HVGKHIFENVIGPKGLLKNKTRLLVTHAISYLPQMDVIIVMSGGKISEMGSYQELLARDGAFAEFLRTYASAEQEQGQPE
DGLAGVGGPGKEVKQMENGMLVTDTAGKQMQRQLSSSSSYSRDVSQHHTSTAELRKPGPTEETWKLVEADKAQTGQVKLS
VYWDYMKAIGLFISFLSIFLFLCNHVASLVSNYWLSLWTDDPIVNGTQEHTQVRLSVYGALGISQGITVFGYSMAVSIGG
IFASRRLHLDLLHNVLRSPISFFERTPSGNLVNRFSKELDTVDSMIPQVIKMFMGSLFNVIGACIIILLATPMAAVIIPP
LGLIYFFVQRFYVASSRQLKRLESVSRSPVYSHFNETLLGVSVIRAFEEQERFIRQSDLKVDENQKAYYPSIVANRWLAV
RLECVGNCIVLFASLFAVISRHSLSAGLVGLSVSYSLQVTTYLNWLVRMSSEMETNIVAVERLKEYSETEKEAPWQIQDM
APPKDWPQVGRVEFRDYGLRYREDLDLVLKHINVTIDGGEKVGIVGRTGAGKSSLTLGLFRIKESAEGEIIIDDINIAKI
GLHDLRFKITIIPQDPVLFSGSLRMNLDPFSQYSDEEVWTSLELAHLKGFVSALPDKLNHECAEGGENLSVGQRQLVCLA
RALLRKTKILVLDEATAAVDLETDDLIQSTIRTQFDDCTVLTIAHRLNTIMDYTRVIVLDKGEIQEWGSPSDLLQQRGLF
YSMAKDSGLVKLGSENLYFQGGSGGSGHHHHHHHHHHH
;
_entity_poly.pdbx_strand_id   A
#
loop_
_chem_comp.id
_chem_comp.type
_chem_comp.name
_chem_comp.formula
4YH non-polymer (2S)-2-(3,4-dimethoxyphenyl)-5-{[2-(3,4-dimethoxyphenyl)ethyl](methyl)amino}-2-(propan-2-yl)pentanenitrile 'C27 H38 N2 O4'
GSH non-polymer GLUTATHIONE 'C10 H17 N3 O6 S'
#
# COMPACT_ATOMS: atom_id res chain seq x y z
N TRP A 16 -31.84 -7.46 -52.55
CA TRP A 16 -32.01 -6.62 -51.38
C TRP A 16 -32.84 -5.39 -51.67
N GLU A 17 -34.09 -5.40 -51.19
CA GLU A 17 -34.95 -4.23 -51.29
C GLU A 17 -35.76 -4.10 -50.00
N TRP A 18 -36.08 -2.86 -49.61
CA TRP A 18 -36.70 -2.63 -48.28
C TRP A 18 -38.11 -3.22 -48.13
N ASN A 19 -38.78 -3.55 -49.24
CA ASN A 19 -40.17 -3.98 -49.09
C ASN A 19 -40.29 -5.23 -48.21
N VAL A 20 -39.41 -6.22 -48.39
CA VAL A 20 -39.53 -7.47 -47.66
C VAL A 20 -38.60 -7.55 -46.45
N THR A 21 -37.58 -6.69 -46.39
CA THR A 21 -36.62 -6.71 -45.30
C THR A 21 -36.92 -5.68 -44.22
N TRP A 22 -37.42 -4.51 -44.60
CA TRP A 22 -37.58 -3.40 -43.68
C TRP A 22 -39.03 -2.98 -43.50
N ASN A 23 -39.77 -2.78 -44.58
CA ASN A 23 -41.05 -2.09 -44.51
C ASN A 23 -42.24 -3.01 -44.25
N THR A 24 -42.02 -4.30 -44.01
CA THR A 24 -43.12 -5.22 -43.79
C THR A 24 -43.15 -5.67 -42.35
N SER A 25 -44.23 -6.34 -41.98
CA SER A 25 -44.37 -6.89 -40.64
C SER A 25 -43.66 -8.22 -40.46
N ASN A 26 -43.19 -8.83 -41.55
CA ASN A 26 -42.41 -10.06 -41.47
C ASN A 26 -41.00 -9.77 -41.97
N PRO A 27 -40.04 -9.55 -41.09
CA PRO A 27 -38.72 -9.09 -41.53
C PRO A 27 -37.90 -10.21 -42.15
N ASP A 28 -38.17 -10.55 -43.40
CA ASP A 28 -37.51 -11.66 -44.05
C ASP A 28 -36.35 -11.15 -44.90
N PHE A 29 -35.25 -11.90 -44.87
CA PHE A 29 -34.11 -11.61 -45.73
C PHE A 29 -34.38 -12.14 -47.12
N THR A 30 -33.82 -11.49 -48.12
CA THR A 30 -33.98 -11.96 -49.49
C THR A 30 -33.19 -13.24 -49.70
N LYS A 31 -33.61 -14.01 -50.72
CA LYS A 31 -33.01 -15.32 -50.98
C LYS A 31 -31.54 -15.18 -51.32
N CYS A 32 -31.21 -14.23 -52.20
CA CYS A 32 -29.81 -13.99 -52.55
C CYS A 32 -29.00 -13.53 -51.35
N PHE A 33 -29.58 -12.64 -50.52
CA PHE A 33 -28.86 -12.20 -49.33
C PHE A 33 -28.58 -13.37 -48.42
N GLN A 34 -29.57 -14.25 -48.23
CA GLN A 34 -29.38 -15.45 -47.42
C GLN A 34 -28.23 -16.28 -47.94
N ASN A 35 -28.21 -16.55 -49.23
CA ASN A 35 -27.20 -17.46 -49.75
C ASN A 35 -25.84 -16.83 -49.97
N THR A 36 -25.72 -15.50 -49.89
CA THR A 36 -24.41 -14.89 -50.08
C THR A 36 -23.84 -14.28 -48.80
N VAL A 37 -24.49 -13.29 -48.20
CA VAL A 37 -23.79 -12.55 -47.16
C VAL A 37 -23.81 -13.34 -45.86
N LEU A 38 -24.93 -13.99 -45.56
CA LEU A 38 -25.06 -14.77 -44.35
C LEU A 38 -24.11 -15.95 -44.31
N VAL A 39 -23.66 -16.45 -45.46
CA VAL A 39 -22.66 -17.49 -45.51
C VAL A 39 -21.25 -16.93 -45.59
N TRP A 40 -21.08 -15.73 -46.16
CA TRP A 40 -19.75 -15.16 -46.24
C TRP A 40 -19.27 -14.64 -44.89
N VAL A 41 -20.21 -14.25 -44.02
CA VAL A 41 -19.84 -13.68 -42.70
C VAL A 41 -19.03 -14.69 -41.88
N PRO A 42 -19.57 -15.88 -41.51
CA PRO A 42 -18.83 -16.81 -40.64
C PRO A 42 -17.57 -17.37 -41.31
N CYS A 43 -17.72 -17.95 -42.51
CA CYS A 43 -16.55 -18.47 -43.26
C CYS A 43 -15.46 -17.39 -43.29
N SER A 44 -15.87 -16.15 -43.55
CA SER A 44 -14.92 -15.01 -43.66
C SER A 44 -14.23 -14.78 -42.31
N TYR A 45 -14.99 -14.88 -41.22
CA TYR A 45 -14.40 -14.64 -39.87
C TYR A 45 -13.22 -15.58 -39.65
N LEU A 46 -13.40 -16.86 -39.96
CA LEU A 46 -12.32 -17.86 -39.69
C LEU A 46 -11.14 -17.59 -40.63
N TRP A 47 -11.40 -17.11 -41.84
CA TRP A 47 -10.32 -16.91 -42.84
C TRP A 47 -9.38 -15.77 -42.43
N VAL A 48 -9.92 -14.71 -41.84
CA VAL A 48 -9.08 -13.53 -41.42
C VAL A 48 -8.39 -13.88 -40.10
N CYS A 49 -9.06 -14.63 -39.23
CA CYS A 49 -8.50 -15.00 -37.90
C CYS A 49 -7.48 -16.14 -38.03
N PHE A 50 -7.74 -17.11 -38.91
CA PHE A 50 -6.85 -18.30 -39.01
C PHE A 50 -5.37 -17.89 -38.98
N PRO A 51 -4.85 -17.07 -39.94
CA PRO A 51 -3.43 -16.74 -39.96
C PRO A 51 -3.00 -16.13 -38.62
N PHE A 52 -3.73 -15.09 -38.18
CA PHE A 52 -3.38 -14.43 -36.93
C PHE A 52 -3.32 -15.42 -35.78
N TYR A 53 -4.22 -16.40 -35.79
CA TYR A 53 -4.30 -17.35 -34.68
C TYR A 53 -3.08 -18.25 -34.58
N PHE A 54 -2.36 -18.47 -35.68
CA PHE A 54 -1.12 -19.26 -35.58
C PHE A 54 -0.08 -18.56 -34.72
N LEU A 55 -0.06 -17.23 -34.78
CA LEU A 55 0.87 -16.45 -33.94
C LEU A 55 0.69 -16.90 -32.48
N TYR A 56 -0.52 -16.76 -31.95
CA TYR A 56 -0.80 -17.14 -30.54
C TYR A 56 -0.55 -18.63 -30.35
N LEU A 57 -1.08 -19.48 -31.24
CA LEU A 57 -0.94 -20.95 -31.09
C LEU A 57 0.55 -21.32 -31.05
N SER A 58 1.38 -20.62 -31.82
CA SER A 58 2.82 -20.95 -31.89
C SER A 58 3.56 -20.33 -30.69
N HIS A 59 3.44 -19.01 -30.51
CA HIS A 59 4.19 -18.32 -29.43
C HIS A 59 3.79 -18.90 -28.07
N HIS A 60 2.51 -19.22 -27.89
CA HIS A 60 2.02 -19.73 -26.59
C HIS A 60 1.73 -21.24 -26.72
N ASP A 61 2.42 -22.06 -25.93
CA ASP A 61 2.23 -23.54 -26.00
C ASP A 61 2.06 -24.09 -24.58
N ARG A 62 1.34 -25.20 -24.44
CA ARG A 62 1.13 -25.82 -23.13
C ARG A 62 1.14 -27.34 -23.22
N GLY A 63 1.76 -27.89 -24.26
CA GLY A 63 1.75 -29.32 -24.48
C GLY A 63 0.66 -29.72 -25.45
N TYR A 64 0.28 -30.98 -25.38
CA TYR A 64 -0.82 -31.49 -26.17
C TYR A 64 -1.81 -32.25 -25.30
N ILE A 65 -3.08 -32.03 -25.59
CA ILE A 65 -4.18 -32.67 -24.88
C ILE A 65 -4.28 -34.10 -25.38
N GLN A 66 -4.71 -35.00 -24.50
CA GLN A 66 -4.83 -36.41 -24.86
C GLN A 66 -6.00 -36.62 -25.82
N MET A 67 -6.18 -37.86 -26.24
CA MET A 67 -7.31 -38.28 -27.08
C MET A 67 -8.53 -38.48 -26.21
N THR A 68 -9.48 -37.54 -26.27
CA THR A 68 -10.72 -37.65 -25.53
C THR A 68 -11.92 -37.76 -26.46
N HIS A 69 -13.04 -38.24 -25.91
CA HIS A 69 -14.25 -38.36 -26.73
C HIS A 69 -14.72 -37.00 -27.23
N LEU A 70 -14.65 -36.00 -26.36
CA LEU A 70 -15.10 -34.63 -26.73
C LEU A 70 -14.32 -34.14 -27.95
N ASN A 71 -12.98 -34.15 -27.88
CA ASN A 71 -12.14 -33.64 -29.00
C ASN A 71 -12.51 -34.40 -30.28
N LYS A 72 -12.63 -35.72 -30.19
CA LYS A 72 -12.97 -36.54 -31.38
C LYS A 72 -14.39 -36.18 -31.84
N ALA A 73 -15.35 -36.13 -30.91
CA ALA A 73 -16.72 -35.77 -31.28
C ALA A 73 -16.72 -34.50 -32.10
N LYS A 74 -15.92 -33.51 -31.68
CA LYS A 74 -15.85 -32.25 -32.43
C LYS A 74 -15.20 -32.45 -33.79
N THR A 75 -14.15 -33.27 -33.85
CA THR A 75 -13.47 -33.50 -35.12
C THR A 75 -14.35 -34.27 -36.09
N ALA A 76 -15.06 -35.30 -35.60
CA ALA A 76 -15.93 -36.07 -36.48
C ALA A 76 -17.05 -35.22 -37.04
N LEU A 77 -17.65 -34.36 -36.22
CA LEU A 77 -18.71 -33.49 -36.70
C LEU A 77 -18.18 -32.46 -37.69
N GLY A 78 -16.93 -32.04 -37.51
CA GLY A 78 -16.30 -31.18 -38.50
C GLY A 78 -16.12 -31.88 -39.84
N PHE A 79 -15.77 -33.17 -39.80
CA PHE A 79 -15.66 -33.93 -41.07
C PHE A 79 -17.04 -34.03 -41.72
N LEU A 80 -18.05 -34.45 -40.94
CA LEU A 80 -19.41 -34.64 -41.51
C LEU A 80 -19.95 -33.31 -42.04
N LEU A 81 -19.76 -32.22 -41.28
CA LEU A 81 -20.28 -30.89 -41.71
C LEU A 81 -19.69 -30.53 -43.07
N TRP A 82 -18.36 -30.71 -43.23
CA TRP A 82 -17.70 -30.42 -44.53
C TRP A 82 -18.38 -31.25 -45.63
N ILE A 83 -18.52 -32.57 -45.40
CA ILE A 83 -19.19 -33.45 -46.40
C ILE A 83 -20.56 -32.86 -46.75
N VAL A 84 -21.42 -32.66 -45.75
CA VAL A 84 -22.76 -32.14 -46.02
C VAL A 84 -22.70 -30.89 -46.88
N CYS A 85 -21.80 -29.96 -46.58
CA CYS A 85 -21.71 -28.74 -47.37
C CYS A 85 -21.23 -29.03 -48.80
N TRP A 86 -20.31 -29.97 -48.97
CA TRP A 86 -19.91 -30.37 -50.31
C TRP A 86 -20.96 -31.26 -50.98
N ALA A 87 -21.80 -31.92 -50.19
CA ALA A 87 -22.90 -32.71 -50.78
C ALA A 87 -23.80 -31.74 -51.57
N ASP A 88 -23.92 -30.49 -51.09
CA ASP A 88 -24.71 -29.47 -51.83
C ASP A 88 -24.07 -29.25 -53.20
N LEU A 89 -22.75 -29.07 -53.23
CA LEU A 89 -22.03 -28.84 -54.51
C LEU A 89 -22.30 -30.02 -55.45
N PHE A 90 -22.35 -31.24 -54.90
CA PHE A 90 -22.63 -32.45 -55.73
C PHE A 90 -24.01 -32.32 -56.36
N TYR A 91 -25.02 -31.95 -55.56
CA TYR A 91 -26.41 -31.80 -56.06
C TYR A 91 -26.44 -30.64 -57.07
N SER A 92 -25.74 -29.55 -56.78
CA SER A 92 -25.68 -28.41 -57.73
C SER A 92 -25.03 -28.88 -59.03
N PHE A 93 -23.97 -29.69 -58.92
CA PHE A 93 -23.32 -30.25 -60.14
C PHE A 93 -24.34 -31.14 -60.86
N TRP A 94 -25.04 -32.00 -60.10
CA TRP A 94 -26.09 -32.88 -60.69
C TRP A 94 -26.96 -32.06 -61.65
N LEU A 102 -27.37 -24.32 -61.59
CA LEU A 102 -27.52 -23.26 -62.57
C LEU A 102 -27.13 -21.91 -61.98
N ALA A 103 -27.70 -21.59 -60.83
CA ALA A 103 -27.41 -20.31 -60.20
C ALA A 103 -25.94 -20.25 -59.79
N PRO A 104 -25.24 -19.15 -60.10
CA PRO A 104 -23.81 -19.08 -59.75
C PRO A 104 -23.54 -19.24 -58.26
N VAL A 105 -24.45 -18.76 -57.41
CA VAL A 105 -24.24 -18.85 -55.97
C VAL A 105 -24.37 -20.28 -55.48
N PHE A 106 -24.97 -21.17 -56.27
CA PHE A 106 -25.12 -22.57 -55.88
C PHE A 106 -23.84 -23.37 -56.09
N LEU A 107 -22.78 -22.73 -56.58
CA LEU A 107 -21.49 -23.38 -56.71
C LEU A 107 -20.48 -22.84 -55.71
N VAL A 108 -20.25 -21.52 -55.71
CA VAL A 108 -19.16 -20.96 -54.92
C VAL A 108 -19.47 -21.04 -53.43
N SER A 109 -20.71 -20.76 -53.04
CA SER A 109 -21.05 -20.74 -51.62
C SER A 109 -20.88 -22.08 -50.94
N PRO A 110 -21.41 -23.20 -51.47
CA PRO A 110 -21.18 -24.48 -50.79
C PRO A 110 -19.71 -24.87 -50.70
N THR A 111 -18.94 -24.63 -51.77
CA THR A 111 -17.51 -24.95 -51.74
C THR A 111 -16.77 -24.09 -50.71
N LEU A 112 -17.08 -22.79 -50.66
CA LEU A 112 -16.45 -21.93 -49.67
C LEU A 112 -16.79 -22.38 -48.26
N LEU A 113 -18.04 -22.75 -48.03
CA LEU A 113 -18.43 -23.19 -46.69
C LEU A 113 -17.71 -24.48 -46.33
N GLY A 114 -17.62 -25.41 -47.28
CA GLY A 114 -16.88 -26.64 -47.00
C GLY A 114 -15.42 -26.38 -46.69
N ILE A 115 -14.81 -25.45 -47.42
CA ILE A 115 -13.36 -25.16 -47.23
C ILE A 115 -13.13 -24.52 -45.87
N THR A 116 -13.97 -23.54 -45.50
CA THR A 116 -13.83 -22.90 -44.16
C THR A 116 -14.15 -23.94 -43.09
N MET A 117 -15.06 -24.88 -43.38
CA MET A 117 -15.38 -25.96 -42.41
C MET A 117 -14.15 -26.85 -42.25
N LEU A 118 -13.46 -27.13 -43.36
CA LEU A 118 -12.22 -27.96 -43.30
C LEU A 118 -11.16 -27.19 -42.50
N LEU A 119 -11.24 -25.85 -42.52
CA LEU A 119 -10.28 -25.03 -41.73
C LEU A 119 -10.70 -25.10 -40.25
N ALA A 120 -12.00 -25.18 -39.98
CA ALA A 120 -12.48 -25.29 -38.60
C ALA A 120 -12.03 -26.60 -37.95
N THR A 121 -12.21 -27.72 -38.64
CA THR A 121 -11.82 -28.99 -38.04
C THR A 121 -10.30 -29.10 -37.90
N PHE A 122 -9.56 -28.60 -38.90
CA PHE A 122 -8.10 -28.54 -38.77
C PHE A 122 -7.70 -27.68 -37.58
N LEU A 123 -8.48 -26.64 -37.31
CA LEU A 123 -8.12 -25.68 -36.22
C LEU A 123 -8.31 -26.34 -34.84
N ILE A 124 -9.42 -27.06 -34.63
CA ILE A 124 -9.59 -27.78 -33.33
C ILE A 124 -8.48 -28.83 -33.21
N GLN A 125 -8.08 -29.44 -34.34
CA GLN A 125 -6.98 -30.45 -34.32
C GLN A 125 -5.70 -29.78 -33.83
N ILE A 126 -5.31 -28.65 -34.44
CA ILE A 126 -4.07 -28.00 -34.05
C ILE A 126 -4.20 -27.39 -32.65
N GLU A 127 -5.41 -26.98 -32.27
CA GLU A 127 -5.62 -26.49 -30.90
C GLU A 127 -5.43 -27.61 -29.89
N ARG A 128 -5.87 -28.83 -30.23
CA ARG A 128 -5.51 -29.97 -29.40
C ARG A 128 -4.00 -30.13 -29.33
N ARG A 129 -3.33 -30.03 -30.48
CA ARG A 129 -1.88 -30.22 -30.50
C ARG A 129 -1.17 -29.20 -29.63
N ARG A 130 -1.70 -27.98 -29.58
CA ARG A 130 -1.06 -26.87 -28.88
C ARG A 130 -1.60 -26.67 -27.48
N GLY A 131 -2.43 -27.60 -27.01
CA GLY A 131 -2.91 -27.54 -25.61
C GLY A 131 -3.87 -26.38 -25.37
N VAL A 132 -5.02 -26.40 -26.04
CA VAL A 132 -6.06 -25.35 -25.79
C VAL A 132 -7.34 -26.07 -25.35
N GLN A 133 -7.55 -26.19 -24.04
CA GLN A 133 -8.75 -26.92 -23.52
C GLN A 133 -10.02 -26.35 -24.17
N SER A 134 -10.35 -25.10 -23.87
CA SER A 134 -11.52 -24.44 -24.52
C SER A 134 -11.05 -23.74 -25.81
N SER A 135 -11.90 -22.93 -26.43
CA SER A 135 -11.49 -22.18 -27.64
C SER A 135 -12.42 -20.97 -27.86
N GLY A 136 -11.89 -19.75 -27.69
CA GLY A 136 -12.69 -18.54 -27.95
C GLY A 136 -12.95 -18.36 -29.44
N ILE A 137 -11.93 -18.60 -30.27
CA ILE A 137 -12.08 -18.45 -31.75
C ILE A 137 -13.08 -19.50 -32.25
N MET A 138 -12.96 -20.74 -31.74
CA MET A 138 -13.89 -21.83 -32.15
C MET A 138 -15.17 -21.73 -31.31
N LEU A 139 -15.43 -20.56 -30.71
CA LEU A 139 -16.70 -20.36 -29.96
C LEU A 139 -17.44 -19.20 -30.64
N THR A 140 -16.80 -18.02 -30.72
CA THR A 140 -17.39 -16.91 -31.44
C THR A 140 -17.71 -17.27 -32.87
N PHE A 141 -16.86 -18.08 -33.51
CA PHE A 141 -17.11 -18.47 -34.89
C PHE A 141 -18.38 -19.32 -34.99
N TRP A 142 -18.55 -20.27 -34.08
CA TRP A 142 -19.77 -21.05 -34.09
C TRP A 142 -20.98 -20.20 -33.71
N LEU A 143 -20.81 -19.23 -32.82
CA LEU A 143 -21.93 -18.35 -32.49
C LEU A 143 -22.37 -17.53 -33.70
N ILE A 144 -21.41 -16.99 -34.45
CA ILE A 144 -21.75 -16.21 -35.64
C ILE A 144 -22.40 -17.09 -36.69
N ALA A 145 -21.83 -18.29 -36.90
CA ALA A 145 -22.43 -19.22 -37.84
C ALA A 145 -23.85 -19.57 -37.42
N LEU A 146 -24.05 -19.80 -36.11
CA LEU A 146 -25.39 -20.17 -35.60
C LEU A 146 -26.38 -19.05 -35.92
N LEU A 147 -26.02 -17.80 -35.61
CA LEU A 147 -26.94 -16.66 -35.84
C LEU A 147 -27.28 -16.58 -37.34
N CYS A 148 -26.28 -16.72 -38.20
CA CYS A 148 -26.51 -16.69 -39.67
C CYS A 148 -27.43 -17.86 -40.05
N ALA A 149 -27.15 -19.05 -39.53
CA ALA A 149 -28.01 -20.22 -39.81
C ALA A 149 -29.42 -19.96 -39.31
N LEU A 150 -29.54 -19.37 -38.10
CA LEU A 150 -30.89 -19.08 -37.52
C LEU A 150 -31.66 -18.17 -38.47
N ALA A 151 -31.01 -17.13 -39.02
CA ALA A 151 -31.68 -16.20 -39.93
C ALA A 151 -32.18 -16.96 -41.17
N ILE A 152 -31.31 -17.77 -41.77
CA ILE A 152 -31.70 -18.59 -42.96
C ILE A 152 -32.78 -19.58 -42.53
N LEU A 153 -32.61 -20.21 -41.36
CA LEU A 153 -33.59 -21.21 -40.86
C LEU A 153 -34.98 -20.58 -40.83
N ARG A 154 -35.13 -19.48 -40.10
CA ARG A 154 -36.43 -18.83 -40.03
C ARG A 154 -36.97 -18.55 -41.42
N SER A 155 -36.11 -18.06 -42.32
CA SER A 155 -36.58 -17.79 -43.68
C SER A 155 -37.04 -19.07 -44.37
N LYS A 156 -36.29 -20.17 -44.20
CA LYS A 156 -36.63 -21.40 -44.90
C LYS A 156 -37.86 -22.07 -44.31
N ILE A 157 -38.11 -21.88 -43.02
CA ILE A 157 -39.31 -22.44 -42.43
C ILE A 157 -40.53 -21.58 -42.76
N MET A 158 -40.33 -20.28 -42.98
CA MET A 158 -41.45 -19.46 -43.44
C MET A 158 -41.76 -19.66 -44.91
N THR A 159 -40.76 -20.04 -45.71
CA THR A 159 -41.01 -20.32 -47.13
C THR A 159 -41.93 -21.52 -47.28
N ALA A 160 -41.76 -22.52 -46.41
CA ALA A 160 -42.62 -23.70 -46.43
C ALA A 160 -43.31 -23.88 -45.07
N VAL A 169 -36.67 -29.84 -48.72
CA VAL A 169 -36.89 -31.12 -49.37
C VAL A 169 -35.68 -31.49 -50.22
N PHE A 170 -35.31 -30.60 -51.14
CA PHE A 170 -34.20 -30.85 -52.04
C PHE A 170 -32.88 -30.35 -51.49
N ARG A 171 -32.78 -29.04 -51.25
CA ARG A 171 -31.60 -28.43 -50.66
C ARG A 171 -31.90 -27.84 -49.30
N ASP A 172 -33.17 -27.83 -48.88
CA ASP A 172 -33.54 -27.37 -47.55
C ASP A 172 -33.07 -28.35 -46.48
N VAL A 173 -33.20 -29.65 -46.75
CA VAL A 173 -32.85 -30.65 -45.75
C VAL A 173 -31.36 -30.62 -45.46
N THR A 174 -30.55 -30.35 -46.49
CA THR A 174 -29.12 -30.18 -46.26
C THR A 174 -28.89 -29.04 -45.28
N PHE A 175 -29.66 -27.96 -45.38
CA PHE A 175 -29.45 -26.84 -44.48
C PHE A 175 -29.91 -27.18 -43.06
N TYR A 176 -31.01 -27.93 -42.91
CA TYR A 176 -31.39 -28.37 -41.57
C TYR A 176 -30.32 -29.24 -40.94
N ILE A 177 -29.74 -30.16 -41.72
CA ILE A 177 -28.67 -30.98 -41.17
C ILE A 177 -27.47 -30.12 -40.79
N TYR A 178 -27.14 -29.14 -41.63
CA TYR A 178 -26.05 -28.21 -41.34
C TYR A 178 -26.31 -27.46 -40.04
N PHE A 179 -27.53 -26.97 -39.85
CA PHE A 179 -27.84 -26.17 -38.67
C PHE A 179 -27.80 -27.02 -37.41
N SER A 180 -28.36 -28.23 -37.46
CA SER A 180 -28.32 -29.09 -36.28
C SER A 180 -26.89 -29.44 -35.91
N LEU A 181 -26.07 -29.77 -36.91
CA LEU A 181 -24.67 -30.07 -36.62
C LEU A 181 -23.94 -28.85 -36.06
N VAL A 182 -24.23 -27.66 -36.60
CA VAL A 182 -23.58 -26.46 -36.10
C VAL A 182 -23.99 -26.18 -34.66
N LEU A 183 -25.25 -26.39 -34.34
CA LEU A 183 -25.72 -26.17 -32.97
C LEU A 183 -25.03 -27.14 -32.01
N ILE A 184 -24.96 -28.42 -32.39
CA ILE A 184 -24.31 -29.39 -31.51
C ILE A 184 -22.83 -29.07 -31.37
N GLN A 185 -22.23 -28.61 -32.47
CA GLN A 185 -20.79 -28.23 -32.43
C GLN A 185 -20.60 -27.06 -31.46
N LEU A 186 -21.51 -26.07 -31.51
CA LEU A 186 -21.41 -24.92 -30.62
C LEU A 186 -21.57 -25.33 -29.16
N VAL A 187 -22.52 -26.24 -28.88
CA VAL A 187 -22.69 -26.71 -27.52
C VAL A 187 -21.44 -27.45 -27.05
N LEU A 188 -20.86 -28.27 -27.92
CA LEU A 188 -19.63 -28.99 -27.57
C LEU A 188 -18.49 -28.02 -27.31
N SER A 189 -18.39 -26.95 -28.10
CA SER A 189 -17.27 -26.02 -27.97
C SER A 189 -17.27 -25.28 -26.65
N CYS A 190 -18.39 -25.26 -25.92
CA CYS A 190 -18.45 -24.61 -24.62
C CYS A 190 -17.71 -25.39 -23.54
N PHE A 191 -17.76 -26.72 -23.57
CA PHE A 191 -17.08 -27.53 -22.57
C PHE A 191 -15.56 -27.44 -22.72
N SER A 192 -14.87 -27.50 -21.58
CA SER A 192 -13.42 -27.40 -21.55
C SER A 192 -12.80 -28.79 -21.54
N ASP A 193 -11.77 -28.95 -22.35
CA ASP A 193 -11.11 -30.24 -22.52
C ASP A 193 -10.21 -30.54 -21.33
N ARG A 194 -9.66 -31.76 -21.32
CA ARG A 194 -8.80 -32.19 -20.22
C ARG A 194 -7.48 -31.42 -20.24
N SER A 195 -6.87 -31.31 -19.07
CA SER A 195 -5.61 -30.60 -18.94
C SER A 195 -4.50 -31.39 -19.63
N PRO A 196 -3.43 -30.72 -20.08
CA PRO A 196 -2.29 -31.40 -20.71
C PRO A 196 -1.65 -32.45 -19.81
N ASN A 206 -3.32 -25.12 -4.88
CA ASN A 206 -4.39 -24.26 -5.36
C ASN A 206 -3.98 -23.51 -6.63
N PRO A 207 -4.03 -24.19 -7.78
CA PRO A 207 -3.76 -23.50 -9.04
C PRO A 207 -4.84 -22.47 -9.34
N CYS A 208 -4.44 -21.42 -10.02
CA CYS A 208 -5.40 -20.38 -10.40
C CYS A 208 -6.40 -20.95 -11.39
N PRO A 209 -7.71 -20.81 -11.13
CA PRO A 209 -8.69 -21.37 -12.07
C PRO A 209 -8.68 -20.72 -13.44
N GLU A 210 -8.02 -19.56 -13.58
CA GLU A 210 -7.98 -18.87 -14.86
C GLU A 210 -7.27 -19.71 -15.92
N SER A 211 -6.27 -20.50 -15.53
CA SER A 211 -5.52 -21.30 -16.49
C SER A 211 -6.40 -22.31 -17.18
N SER A 212 -7.27 -22.99 -16.43
CA SER A 212 -8.13 -24.03 -16.98
C SER A 212 -9.56 -23.54 -17.26
N ALA A 213 -9.83 -22.25 -17.09
CA ALA A 213 -11.16 -21.73 -17.33
C ALA A 213 -11.44 -21.65 -18.82
N SER A 214 -12.69 -21.91 -19.20
CA SER A 214 -13.09 -21.86 -20.59
C SER A 214 -13.23 -20.41 -21.05
N PHE A 215 -13.51 -20.24 -22.35
CA PHE A 215 -13.64 -18.90 -22.91
C PHE A 215 -14.79 -18.13 -22.27
N LEU A 216 -15.95 -18.79 -22.11
CA LEU A 216 -17.08 -18.14 -21.47
C LEU A 216 -16.75 -17.77 -20.03
N SER A 217 -16.16 -18.70 -19.29
CA SER A 217 -15.79 -18.42 -17.90
C SER A 217 -14.72 -17.33 -17.81
N ARG A 218 -13.85 -17.23 -18.82
CA ARG A 218 -12.82 -16.20 -18.78
C ARG A 218 -13.40 -14.82 -19.08
N ILE A 219 -14.28 -14.73 -20.07
CA ILE A 219 -14.86 -13.42 -20.41
C ILE A 219 -15.83 -12.96 -19.32
N THR A 220 -16.59 -13.88 -18.75
CA THR A 220 -17.53 -13.53 -17.68
C THR A 220 -16.92 -13.59 -16.29
N PHE A 221 -15.65 -14.01 -16.18
CA PHE A 221 -14.94 -14.08 -14.90
C PHE A 221 -15.70 -14.96 -13.89
N TRP A 222 -16.22 -16.08 -14.38
CA TRP A 222 -16.95 -16.99 -13.51
C TRP A 222 -16.01 -17.79 -12.60
N TRP A 223 -14.76 -17.95 -12.98
CA TRP A 223 -13.84 -18.81 -12.25
C TRP A 223 -13.52 -18.29 -10.85
N ILE A 224 -13.84 -17.03 -10.55
CA ILE A 224 -13.68 -16.50 -9.20
C ILE A 224 -14.96 -16.55 -8.39
N THR A 225 -16.09 -16.78 -9.07
CA THR A 225 -17.41 -16.78 -8.39
C THR A 225 -17.37 -17.62 -7.12
N GLY A 226 -16.90 -18.87 -7.23
CA GLY A 226 -16.85 -19.75 -6.07
C GLY A 226 -16.07 -19.13 -4.93
N MET A 227 -14.89 -18.58 -5.23
CA MET A 227 -14.12 -17.87 -4.22
C MET A 227 -14.98 -16.83 -3.53
N MET A 228 -15.73 -16.05 -4.32
CA MET A 228 -16.60 -15.04 -3.75
C MET A 228 -17.56 -15.65 -2.74
N VAL A 229 -18.25 -16.73 -3.12
CA VAL A 229 -19.19 -17.31 -2.17
C VAL A 229 -18.42 -17.89 -0.99
N GLN A 230 -17.23 -18.43 -1.24
CA GLN A 230 -16.39 -18.86 -0.14
C GLN A 230 -16.05 -17.68 0.77
N GLY A 231 -15.70 -16.55 0.17
CA GLY A 231 -15.43 -15.36 0.96
C GLY A 231 -16.61 -14.90 1.80
N TYR A 232 -17.82 -15.33 1.44
CA TYR A 232 -18.96 -15.03 2.29
C TYR A 232 -19.15 -16.09 3.38
N ARG A 233 -18.92 -17.36 3.04
CA ARG A 233 -19.26 -18.40 3.99
C ARG A 233 -18.23 -18.47 5.13
N GLN A 234 -16.95 -18.39 4.80
CA GLN A 234 -15.91 -18.45 5.80
C GLN A 234 -14.84 -17.41 5.51
N PRO A 235 -14.14 -16.93 6.54
CA PRO A 235 -13.11 -15.91 6.31
C PRO A 235 -12.00 -16.40 5.40
N LEU A 236 -11.47 -15.48 4.61
CA LEU A 236 -10.40 -15.78 3.68
C LEU A 236 -9.05 -15.53 4.32
N GLU A 237 -8.22 -16.56 4.36
CA GLU A 237 -6.85 -16.45 4.84
C GLU A 237 -5.90 -16.55 3.64
N SER A 238 -4.62 -16.34 3.91
CA SER A 238 -3.62 -16.46 2.86
C SER A 238 -3.49 -17.89 2.34
N THR A 239 -3.95 -18.88 3.12
CA THR A 239 -3.89 -20.27 2.67
C THR A 239 -4.95 -20.58 1.62
N ASP A 240 -6.07 -19.87 1.63
CA ASP A 240 -7.11 -20.08 0.63
C ASP A 240 -6.81 -19.38 -0.69
N LEU A 241 -5.87 -18.44 -0.69
CA LEU A 241 -5.52 -17.73 -1.92
C LEU A 241 -4.80 -18.66 -2.89
N TRP A 242 -5.23 -18.66 -4.15
CA TRP A 242 -4.67 -19.56 -5.13
C TRP A 242 -3.21 -19.20 -5.43
N SER A 243 -2.46 -20.21 -5.83
CA SER A 243 -1.10 -19.97 -6.30
C SER A 243 -1.13 -19.11 -7.56
N LEU A 244 -0.13 -18.26 -7.70
CA LEU A 244 -0.06 -17.37 -8.85
C LEU A 244 0.10 -18.16 -10.13
N ASN A 245 -0.33 -17.55 -11.23
CA ASN A 245 -0.04 -18.11 -12.54
C ASN A 245 1.46 -18.15 -12.77
N LYS A 246 1.90 -19.13 -13.56
CA LYS A 246 3.32 -19.24 -13.85
C LYS A 246 3.87 -17.97 -14.50
N GLU A 247 3.08 -17.34 -15.36
CA GLU A 247 3.51 -16.10 -16.01
C GLU A 247 3.49 -14.89 -15.08
N ASP A 248 2.85 -15.00 -13.92
CA ASP A 248 2.80 -13.91 -12.95
C ASP A 248 3.83 -14.06 -11.83
N THR A 249 4.41 -15.24 -11.65
CA THR A 249 5.39 -15.45 -10.59
C THR A 249 6.62 -14.59 -10.83
N SER A 250 7.21 -14.11 -9.73
CA SER A 250 8.35 -13.22 -9.82
C SER A 250 9.52 -13.87 -10.55
N GLU A 251 9.75 -15.16 -10.26
CA GLU A 251 10.92 -15.88 -10.85
C GLU A 251 10.76 -15.97 -12.38
N GLN A 252 9.63 -15.51 -12.92
CA GLN A 252 9.40 -15.63 -14.39
C GLN A 252 9.39 -14.24 -15.03
N VAL A 253 8.83 -13.24 -14.34
CA VAL A 253 8.76 -11.90 -14.90
C VAL A 253 10.03 -11.11 -14.64
N VAL A 254 10.58 -11.20 -13.44
CA VAL A 254 11.77 -10.35 -13.11
C VAL A 254 12.91 -10.71 -14.06
N PRO A 255 13.34 -11.99 -14.19
CA PRO A 255 14.39 -12.36 -15.14
C PRO A 255 14.29 -11.68 -16.51
N VAL A 256 13.14 -11.79 -17.18
CA VAL A 256 13.06 -11.24 -18.53
C VAL A 256 13.38 -9.75 -18.52
N LEU A 257 12.89 -9.01 -17.53
CA LEU A 257 13.24 -7.61 -17.40
C LEU A 257 14.72 -7.43 -17.12
N VAL A 258 15.31 -8.31 -16.31
CA VAL A 258 16.72 -8.22 -15.99
C VAL A 258 17.56 -8.42 -17.25
N LYS A 259 17.22 -9.44 -18.05
CA LYS A 259 17.97 -9.67 -19.29
C LYS A 259 17.80 -8.52 -20.27
N ASN A 260 16.57 -8.00 -20.38
CA ASN A 260 16.34 -6.88 -21.29
C ASN A 260 17.12 -5.65 -20.84
N TRP A 261 17.16 -5.38 -19.53
CA TRP A 261 17.90 -4.22 -19.04
C TRP A 261 19.39 -4.39 -19.21
N LYS A 262 19.92 -5.60 -19.00
CA LYS A 262 21.33 -5.84 -19.24
C LYS A 262 21.68 -5.67 -20.71
N LYS A 263 20.80 -6.14 -21.60
CA LYS A 263 21.04 -5.94 -23.03
C LYS A 263 21.02 -4.47 -23.40
N GLU A 264 20.08 -3.71 -22.84
CA GLU A 264 19.97 -2.29 -23.19
C GLU A 264 21.12 -1.49 -22.61
N CYS A 265 21.55 -1.80 -21.39
CA CYS A 265 22.68 -1.08 -20.79
C CYS A 265 24.00 -1.49 -21.42
N ALA A 266 24.09 -2.73 -21.90
CA ALA A 266 25.30 -3.16 -22.62
C ALA A 266 25.46 -2.38 -23.91
N LYS A 267 24.36 -2.08 -24.59
CA LYS A 267 24.39 -1.24 -25.79
C LYS A 267 24.58 0.20 -25.35
N SER A 268 25.84 0.61 -25.28
CA SER A 268 26.19 1.97 -24.87
C SER A 268 27.48 2.43 -25.53
N ASP A 310 22.79 6.24 -24.09
CA ASP A 310 22.35 6.29 -22.70
C ASP A 310 21.18 5.35 -22.46
N PRO A 311 21.17 4.68 -21.31
CA PRO A 311 20.10 3.73 -21.01
C PRO A 311 18.74 4.41 -20.98
N SER A 312 17.73 3.69 -21.48
CA SER A 312 16.36 4.18 -21.52
C SER A 312 15.46 3.12 -20.92
N LEU A 313 14.95 3.39 -19.71
CA LEU A 313 14.11 2.40 -19.04
C LEU A 313 12.76 2.25 -19.72
N PHE A 314 12.29 3.30 -20.41
CA PHE A 314 11.02 3.21 -21.12
C PHE A 314 11.08 2.17 -22.23
N LYS A 315 12.19 2.14 -22.98
CA LYS A 315 12.34 1.14 -24.03
C LYS A 315 12.38 -0.26 -23.45
N VAL A 316 13.04 -0.44 -22.30
CA VAL A 316 13.09 -1.76 -21.66
C VAL A 316 11.70 -2.19 -21.22
N LEU A 317 10.95 -1.28 -20.60
CA LEU A 317 9.59 -1.59 -20.17
C LEU A 317 8.71 -1.94 -21.36
N TYR A 318 8.88 -1.20 -22.45
CA TYR A 318 8.11 -1.46 -23.68
C TYR A 318 8.46 -2.86 -24.21
N LYS A 319 9.76 -3.14 -24.37
CA LYS A 319 10.18 -4.42 -24.92
C LYS A 319 9.75 -5.59 -24.04
N THR A 320 9.66 -5.39 -22.73
CA THR A 320 9.26 -6.47 -21.84
C THR A 320 7.75 -6.69 -21.86
N PHE A 321 6.96 -5.61 -21.81
CA PHE A 321 5.52 -5.73 -21.64
C PHE A 321 4.73 -5.15 -22.81
N GLY A 322 5.26 -5.23 -24.03
CA GLY A 322 4.56 -4.78 -25.21
C GLY A 322 3.28 -5.51 -25.56
N PRO A 323 3.30 -6.85 -25.56
CA PRO A 323 2.08 -7.57 -25.96
C PRO A 323 0.86 -7.24 -25.12
N TYR A 324 1.03 -7.11 -23.80
CA TYR A 324 -0.10 -6.77 -22.94
C TYR A 324 -0.63 -5.38 -23.25
N PHE A 325 0.27 -4.41 -23.44
CA PHE A 325 -0.16 -3.06 -23.77
C PHE A 325 -0.86 -3.00 -25.12
N LEU A 326 -0.36 -3.74 -26.12
CA LEU A 326 -1.02 -3.76 -27.42
C LEU A 326 -2.39 -4.40 -27.35
N MET A 327 -2.53 -5.48 -26.57
CA MET A 327 -3.83 -6.11 -26.39
C MET A 327 -4.80 -5.15 -25.71
N SER A 328 -4.32 -4.44 -24.69
CA SER A 328 -5.16 -3.45 -24.02
C SER A 328 -5.55 -2.32 -24.98
N PHE A 329 -4.63 -1.92 -25.85
CA PHE A 329 -4.94 -0.89 -26.83
C PHE A 329 -6.04 -1.35 -27.78
N LEU A 330 -5.95 -2.59 -28.26
CA LEU A 330 -6.98 -3.13 -29.15
C LEU A 330 -8.33 -3.19 -28.45
N PHE A 331 -8.35 -3.70 -27.22
CA PHE A 331 -9.60 -3.79 -26.47
C PHE A 331 -10.19 -2.43 -26.17
N LYS A 332 -9.34 -1.45 -25.84
CA LYS A 332 -9.83 -0.10 -25.57
C LYS A 332 -10.37 0.55 -26.83
N ALA A 333 -9.74 0.31 -27.98
CA ALA A 333 -10.30 0.83 -29.23
C ALA A 333 -11.65 0.22 -29.53
N VAL A 334 -11.79 -1.10 -29.32
CA VAL A 334 -13.08 -1.75 -29.55
C VAL A 334 -14.14 -1.18 -28.63
N HIS A 335 -13.79 -1.04 -27.35
CA HIS A 335 -14.74 -0.47 -26.36
C HIS A 335 -15.13 0.95 -26.78
N ASP A 336 -14.12 1.75 -27.16
CA ASP A 336 -14.38 3.15 -27.55
C ASP A 336 -15.41 3.17 -28.68
N LEU A 337 -15.18 2.35 -29.72
CA LEU A 337 -16.11 2.33 -30.84
C LEU A 337 -17.48 1.81 -30.44
N MET A 338 -17.53 0.86 -29.50
CA MET A 338 -18.79 0.21 -29.15
C MET A 338 -19.62 0.99 -28.14
N MET A 339 -19.00 1.92 -27.38
CA MET A 339 -19.77 2.69 -26.43
C MET A 339 -20.62 3.76 -27.11
N PHE A 340 -20.26 4.16 -28.33
CA PHE A 340 -21.05 5.11 -29.08
C PHE A 340 -22.15 4.45 -29.89
N ALA A 341 -22.19 3.12 -29.95
CA ALA A 341 -23.32 2.44 -30.57
C ALA A 341 -24.60 2.70 -29.79
N GLY A 342 -24.49 2.91 -28.48
CA GLY A 342 -25.63 3.21 -27.65
C GLY A 342 -26.41 4.43 -28.10
N PRO A 343 -25.74 5.57 -28.23
CA PRO A 343 -26.44 6.76 -28.76
C PRO A 343 -26.97 6.62 -30.17
N GLU A 344 -26.30 5.88 -31.07
CA GLU A 344 -26.85 5.68 -32.41
C GLU A 344 -28.13 4.85 -32.36
N ILE A 345 -28.11 3.75 -31.61
CA ILE A 345 -29.32 2.94 -31.49
C ILE A 345 -30.41 3.72 -30.79
N LEU A 346 -30.04 4.60 -29.85
CA LEU A 346 -31.03 5.45 -29.20
C LEU A 346 -31.65 6.44 -30.20
N LYS A 347 -30.83 6.98 -31.10
CA LYS A 347 -31.37 7.85 -32.14
C LYS A 347 -32.33 7.10 -33.04
N LEU A 348 -31.95 5.88 -33.44
CA LEU A 348 -32.86 5.05 -34.24
C LEU A 348 -34.14 4.76 -33.50
N LEU A 349 -34.05 4.49 -32.19
CA LEU A 349 -35.23 4.21 -31.39
C LEU A 349 -36.13 5.43 -31.26
N ILE A 350 -35.54 6.61 -31.09
CA ILE A 350 -36.35 7.82 -30.99
C ILE A 350 -37.05 8.10 -32.31
N ASN A 351 -36.34 7.89 -33.43
CA ASN A 351 -36.98 8.00 -34.73
C ASN A 351 -38.13 7.00 -34.85
N PHE A 352 -37.94 5.78 -34.36
CA PHE A 352 -38.99 4.77 -34.40
C PHE A 352 -40.19 5.20 -33.55
N VAL A 353 -39.94 5.77 -32.37
CA VAL A 353 -41.03 6.11 -31.46
C VAL A 353 -41.83 7.30 -32.00
N ASN A 354 -41.13 8.38 -32.39
CA ASN A 354 -41.87 9.59 -32.82
C ASN A 354 -42.51 9.37 -34.20
N ASP A 355 -42.10 8.32 -34.91
CA ASP A 355 -42.69 8.01 -36.25
C ASP A 355 -43.60 6.79 -36.13
N LYS A 356 -44.92 6.97 -36.20
CA LYS A 356 -45.88 5.85 -36.11
C LYS A 356 -45.99 5.17 -37.47
N LYS A 357 -46.84 4.14 -37.59
CA LYS A 357 -47.00 3.39 -38.86
C LYS A 357 -45.67 2.70 -39.20
N ALA A 358 -44.80 2.52 -38.21
CA ALA A 358 -43.51 1.83 -38.43
C ALA A 358 -43.62 0.41 -37.88
N PRO A 359 -43.06 -0.63 -38.54
CA PRO A 359 -43.23 -2.00 -38.08
C PRO A 359 -42.76 -2.18 -36.65
N GLU A 360 -43.52 -2.95 -35.87
CA GLU A 360 -43.21 -3.12 -34.46
C GLU A 360 -41.92 -3.90 -34.25
N TRP A 361 -41.63 -4.86 -35.12
CA TRP A 361 -40.41 -5.66 -34.97
C TRP A 361 -39.17 -4.77 -35.00
N GLN A 362 -39.19 -3.75 -35.85
CA GLN A 362 -38.05 -2.80 -35.93
C GLN A 362 -37.73 -2.31 -34.52
N GLY A 363 -38.75 -2.05 -33.71
CA GLY A 363 -38.51 -1.64 -32.34
C GLY A 363 -37.78 -2.71 -31.56
N TYR A 364 -38.36 -3.91 -31.51
CA TYR A 364 -37.77 -4.98 -30.71
C TYR A 364 -36.39 -5.36 -31.24
N PHE A 365 -36.14 -5.15 -32.53
CA PHE A 365 -34.78 -5.31 -33.05
C PHE A 365 -33.84 -4.30 -32.40
N TYR A 366 -34.21 -3.01 -32.47
CA TYR A 366 -33.32 -1.96 -31.98
C TYR A 366 -32.94 -2.20 -30.53
N THR A 367 -33.94 -2.37 -29.66
CA THR A 367 -33.66 -2.67 -28.26
C THR A 367 -32.71 -3.84 -28.14
N ALA A 368 -33.04 -4.94 -28.81
CA ALA A 368 -32.17 -6.11 -28.76
C ALA A 368 -30.76 -5.73 -29.17
N LEU A 369 -30.64 -5.07 -30.31
CA LEU A 369 -29.33 -4.63 -30.77
C LEU A 369 -28.62 -3.85 -29.68
N LEU A 370 -29.31 -2.87 -29.11
CA LEU A 370 -28.71 -2.06 -28.07
C LEU A 370 -28.19 -2.95 -26.95
N PHE A 371 -29.06 -3.82 -26.43
CA PHE A 371 -28.66 -4.71 -25.36
C PHE A 371 -27.42 -5.48 -25.77
N ILE A 372 -27.47 -6.11 -26.95
CA ILE A 372 -26.34 -6.91 -27.40
C ILE A 372 -25.09 -6.06 -27.43
N SER A 373 -25.17 -4.89 -28.08
CA SER A 373 -24.00 -4.03 -28.17
C SER A 373 -23.50 -3.70 -26.78
N ALA A 374 -24.41 -3.28 -25.90
CA ALA A 374 -24.01 -2.92 -24.55
C ALA A 374 -23.29 -4.09 -23.90
N CYS A 375 -23.86 -5.29 -23.99
CA CYS A 375 -23.22 -6.45 -23.39
C CYS A 375 -21.81 -6.60 -23.93
N LEU A 376 -21.68 -6.60 -25.26
CA LEU A 376 -20.36 -6.71 -25.86
C LEU A 376 -19.42 -5.69 -25.26
N GLN A 377 -19.87 -4.44 -25.22
CA GLN A 377 -19.02 -3.37 -24.73
C GLN A 377 -18.47 -3.72 -23.35
N THR A 378 -19.36 -4.07 -22.42
CA THR A 378 -18.90 -4.28 -21.06
C THR A 378 -17.88 -5.42 -21.03
N LEU A 379 -18.16 -6.51 -21.75
CA LEU A 379 -17.21 -7.61 -21.78
C LEU A 379 -15.86 -7.11 -22.26
N VAL A 380 -15.86 -6.44 -23.42
CA VAL A 380 -14.61 -5.96 -23.97
C VAL A 380 -13.92 -5.06 -22.96
N LEU A 381 -14.68 -4.12 -22.40
CA LEU A 381 -14.07 -3.15 -21.50
C LEU A 381 -13.42 -3.86 -20.33
N HIS A 382 -14.11 -4.86 -19.78
CA HIS A 382 -13.57 -5.49 -18.59
C HIS A 382 -12.34 -6.31 -18.94
N GLN A 383 -12.33 -6.92 -20.13
CA GLN A 383 -11.10 -7.54 -20.60
C GLN A 383 -10.00 -6.51 -20.70
N TYR A 384 -10.33 -5.34 -21.28
CA TYR A 384 -9.35 -4.25 -21.34
C TYR A 384 -8.82 -3.92 -19.96
N PHE A 385 -9.68 -3.97 -18.94
CA PHE A 385 -9.20 -3.71 -17.60
C PHE A 385 -8.27 -4.83 -17.13
N HIS A 386 -8.71 -6.08 -17.31
CA HIS A 386 -7.98 -7.19 -16.72
C HIS A 386 -6.53 -7.20 -17.20
N ILE A 387 -6.34 -7.21 -18.52
CA ILE A 387 -5.00 -7.12 -19.10
C ILE A 387 -4.22 -6.00 -18.43
N CYS A 388 -4.79 -4.78 -18.47
CA CYS A 388 -4.10 -3.64 -17.88
C CYS A 388 -3.71 -3.93 -16.45
N PHE A 389 -4.68 -4.36 -15.64
CA PHE A 389 -4.38 -4.66 -14.25
C PHE A 389 -3.31 -5.73 -14.15
N VAL A 390 -3.50 -6.83 -14.90
CA VAL A 390 -2.49 -7.87 -14.92
C VAL A 390 -1.15 -7.29 -15.32
N SER A 391 -1.14 -6.51 -16.40
CA SER A 391 0.09 -5.88 -16.85
C SER A 391 0.72 -5.09 -15.71
N GLY A 392 -0.08 -4.23 -15.07
CA GLY A 392 0.46 -3.45 -13.97
C GLY A 392 1.04 -4.36 -12.89
N MET A 393 0.28 -5.39 -12.52
CA MET A 393 0.78 -6.38 -11.58
C MET A 393 2.16 -6.85 -11.98
N ARG A 394 2.27 -7.39 -13.20
CA ARG A 394 3.55 -7.90 -13.67
C ARG A 394 4.61 -6.82 -13.59
N ILE A 395 4.28 -5.62 -14.08
CA ILE A 395 5.26 -4.54 -14.07
C ILE A 395 5.76 -4.31 -12.66
N LYS A 396 4.83 -4.18 -11.71
CA LYS A 396 5.21 -3.96 -10.32
C LYS A 396 6.19 -5.03 -9.89
N THR A 397 5.80 -6.31 -10.07
CA THR A 397 6.66 -7.40 -9.66
C THR A 397 8.04 -7.23 -10.27
N ALA A 398 8.09 -7.06 -11.60
CA ALA A 398 9.37 -6.95 -12.27
C ALA A 398 10.20 -5.86 -11.63
N VAL A 399 9.61 -4.66 -11.50
CA VAL A 399 10.37 -3.54 -10.97
C VAL A 399 10.92 -3.89 -9.60
N ILE A 400 10.05 -4.40 -8.72
CA ILE A 400 10.48 -4.74 -7.37
C ILE A 400 11.63 -5.73 -7.44
N GLY A 401 11.44 -6.80 -8.21
CA GLY A 401 12.49 -7.80 -8.31
C GLY A 401 13.78 -7.19 -8.81
N ALA A 402 13.69 -6.38 -9.87
CA ALA A 402 14.90 -5.79 -10.42
C ALA A 402 15.59 -4.94 -9.36
N VAL A 403 14.81 -4.13 -8.64
CA VAL A 403 15.40 -3.29 -7.61
C VAL A 403 16.14 -4.14 -6.60
N TYR A 404 15.49 -5.23 -6.15
CA TYR A 404 16.13 -6.11 -5.19
C TYR A 404 17.45 -6.63 -5.73
N ARG A 405 17.45 -7.10 -6.97
CA ARG A 405 18.69 -7.60 -7.55
C ARG A 405 19.72 -6.49 -7.64
N LYS A 406 19.29 -5.29 -8.03
CA LYS A 406 20.23 -4.17 -8.12
C LYS A 406 20.76 -3.82 -6.75
N ALA A 407 19.97 -4.06 -5.70
CA ALA A 407 20.44 -3.77 -4.35
C ALA A 407 21.62 -4.66 -3.97
N LEU A 408 21.74 -5.82 -4.61
CA LEU A 408 22.76 -6.79 -4.23
C LEU A 408 24.02 -6.67 -5.08
N VAL A 409 24.08 -5.72 -6.01
CA VAL A 409 25.20 -5.64 -6.94
C VAL A 409 25.85 -4.26 -6.88
N ILE A 410 25.09 -3.25 -6.47
CA ILE A 410 25.58 -1.88 -6.52
C ILE A 410 26.75 -1.70 -5.56
N THR A 411 27.70 -0.86 -5.96
CA THR A 411 28.86 -0.55 -5.14
C THR A 411 28.45 0.29 -3.93
N ASN A 412 29.36 0.39 -2.97
CA ASN A 412 29.06 1.12 -1.75
C ASN A 412 28.83 2.60 -2.02
N ALA A 413 29.57 3.17 -2.97
CA ALA A 413 29.37 4.58 -3.32
C ALA A 413 27.98 4.82 -3.87
N ALA A 414 27.50 3.91 -4.72
CA ALA A 414 26.17 4.05 -5.30
C ALA A 414 25.08 3.99 -4.24
N ARG A 415 25.23 3.12 -3.23
CA ARG A 415 24.24 3.06 -2.17
C ARG A 415 24.35 4.26 -1.24
N LYS A 416 25.55 4.78 -1.03
CA LYS A 416 25.70 6.02 -0.29
C LYS A 416 25.08 7.20 -1.02
N SER A 417 25.00 7.14 -2.35
CA SER A 417 24.37 8.21 -3.11
C SER A 417 22.88 8.34 -2.79
N SER A 418 22.16 7.22 -2.70
CA SER A 418 20.73 7.23 -2.44
C SER A 418 20.47 6.54 -1.10
N THR A 419 19.84 7.27 -0.18
CA THR A 419 19.60 6.75 1.16
C THR A 419 18.71 5.51 1.11
N VAL A 420 18.76 4.72 2.18
CA VAL A 420 18.03 3.45 2.27
C VAL A 420 16.53 3.71 2.14
N GLY A 421 16.06 4.77 2.80
CA GLY A 421 14.66 5.14 2.67
C GLY A 421 14.26 5.44 1.24
N GLU A 422 15.15 6.07 0.46
CA GLU A 422 14.83 6.37 -0.92
C GLU A 422 14.79 5.11 -1.78
N ILE A 423 15.64 4.12 -1.49
CA ILE A 423 15.58 2.86 -2.24
C ILE A 423 14.31 2.09 -1.88
N VAL A 424 13.92 2.10 -0.61
CA VAL A 424 12.66 1.48 -0.24
C VAL A 424 11.49 2.22 -0.88
N ASN A 425 11.60 3.55 -1.03
CA ASN A 425 10.58 4.29 -1.76
C ASN A 425 10.57 3.90 -3.24
N LEU A 426 11.74 3.68 -3.83
CA LEU A 426 11.81 3.14 -5.19
C LEU A 426 11.03 1.84 -5.27
N MET A 427 11.20 0.96 -4.28
CA MET A 427 10.47 -0.30 -4.26
C MET A 427 8.97 -0.07 -4.12
N SER A 428 8.56 0.86 -3.28
CA SER A 428 7.15 0.96 -2.89
C SER A 428 6.35 1.93 -3.77
N VAL A 429 6.69 3.21 -3.71
CA VAL A 429 5.82 4.21 -4.34
C VAL A 429 5.98 4.20 -5.85
N ASP A 430 7.20 3.99 -6.37
CA ASP A 430 7.37 3.93 -7.81
C ASP A 430 6.64 2.75 -8.42
N ALA A 431 6.79 1.57 -7.82
CA ALA A 431 6.10 0.39 -8.33
C ALA A 431 4.58 0.53 -8.21
N GLN A 432 4.11 1.06 -7.07
CA GLN A 432 2.68 1.27 -6.91
C GLN A 432 2.16 2.28 -7.94
N ARG A 433 2.94 3.33 -8.21
CA ARG A 433 2.56 4.30 -9.22
C ARG A 433 2.44 3.65 -10.59
N PHE A 434 3.39 2.80 -10.94
CA PHE A 434 3.33 2.12 -12.22
C PHE A 434 2.08 1.24 -12.32
N MET A 435 1.83 0.46 -11.27
CA MET A 435 0.70 -0.48 -11.32
C MET A 435 -0.64 0.24 -11.36
N ASP A 436 -0.79 1.33 -10.60
CA ASP A 436 -2.06 2.05 -10.63
C ASP A 436 -2.16 3.00 -11.83
N LEU A 437 -1.04 3.32 -12.48
CA LEU A 437 -1.11 4.09 -13.71
C LEU A 437 -1.56 3.21 -14.87
N ALA A 438 -1.07 1.97 -14.92
CA ALA A 438 -1.43 1.05 -15.99
C ALA A 438 -2.94 0.91 -16.17
N THR A 439 -3.73 1.24 -15.15
CA THR A 439 -5.18 1.17 -15.28
C THR A 439 -5.72 2.17 -16.30
N TYR A 440 -5.32 3.43 -16.18
CA TYR A 440 -5.85 4.50 -17.03
C TYR A 440 -4.80 5.10 -17.96
N ILE A 441 -3.67 4.42 -18.16
CA ILE A 441 -2.65 4.95 -19.08
C ILE A 441 -3.21 5.01 -20.50
N ASN A 442 -4.01 4.02 -20.90
CA ASN A 442 -4.54 3.98 -22.24
C ASN A 442 -5.52 5.13 -22.52
N MET A 443 -6.01 5.80 -21.50
CA MET A 443 -6.88 6.93 -21.75
C MET A 443 -6.14 8.11 -22.36
N ILE A 444 -4.81 8.15 -22.28
CA ILE A 444 -4.04 9.21 -22.92
C ILE A 444 -4.33 9.29 -24.42
N TRP A 445 -4.78 8.19 -25.03
CA TRP A 445 -5.26 8.21 -26.40
C TRP A 445 -6.74 7.89 -26.52
N SER A 446 -7.32 7.14 -25.58
CA SER A 446 -8.74 6.86 -25.64
C SER A 446 -9.57 8.13 -25.43
N ALA A 447 -9.21 8.94 -24.44
CA ALA A 447 -9.98 10.15 -24.15
C ALA A 447 -10.00 11.13 -25.32
N PRO A 448 -8.88 11.45 -25.97
CA PRO A 448 -9.00 12.28 -27.19
C PRO A 448 -9.82 11.62 -28.27
N LEU A 449 -9.69 10.31 -28.46
CA LEU A 449 -10.48 9.61 -29.47
C LEU A 449 -11.97 9.63 -29.11
N GLN A 450 -12.30 9.36 -27.84
CA GLN A 450 -13.69 9.40 -27.41
C GLN A 450 -14.26 10.81 -27.57
N VAL A 451 -13.48 11.83 -27.22
CA VAL A 451 -13.96 13.21 -27.33
C VAL A 451 -14.19 13.57 -28.79
N ILE A 452 -13.26 13.21 -29.67
CA ILE A 452 -13.40 13.53 -31.09
C ILE A 452 -14.61 12.83 -31.68
N LEU A 453 -14.79 11.55 -31.36
CA LEU A 453 -15.94 10.80 -31.88
C LEU A 453 -17.25 11.38 -31.36
N ALA A 454 -17.31 11.69 -30.06
CA ALA A 454 -18.54 12.24 -29.50
C ALA A 454 -18.85 13.61 -30.08
N LEU A 455 -17.82 14.43 -30.32
CA LEU A 455 -18.04 15.72 -30.93
C LEU A 455 -18.52 15.58 -32.36
N TYR A 456 -18.00 14.59 -33.09
CA TYR A 456 -18.51 14.31 -34.43
C TYR A 456 -19.99 13.92 -34.40
N LEU A 457 -20.36 13.06 -33.45
CA LEU A 457 -21.76 12.64 -33.33
C LEU A 457 -22.66 13.81 -32.97
N LEU A 458 -22.21 14.66 -32.03
CA LEU A 458 -22.98 15.84 -31.66
C LEU A 458 -23.12 16.81 -32.83
N TRP A 459 -22.05 16.98 -33.60
CA TRP A 459 -22.10 17.81 -34.80
C TRP A 459 -23.10 17.26 -35.80
N LEU A 460 -23.15 15.93 -35.93
CA LEU A 460 -24.20 15.30 -36.73
C LEU A 460 -25.58 15.69 -36.20
N ASN A 461 -25.74 15.66 -34.88
CA ASN A 461 -27.03 16.01 -34.29
C ASN A 461 -27.26 17.52 -34.31
N LEU A 462 -26.41 18.28 -33.62
CA LEU A 462 -26.71 19.68 -33.38
C LEU A 462 -26.21 20.57 -34.52
N GLY A 463 -25.00 20.32 -35.02
CA GLY A 463 -24.42 21.15 -36.03
C GLY A 463 -23.25 21.94 -35.48
N PRO A 464 -23.06 23.17 -36.00
CA PRO A 464 -21.96 24.01 -35.50
C PRO A 464 -22.09 24.38 -34.02
N SER A 465 -23.30 24.31 -33.46
CA SER A 465 -23.49 24.72 -32.07
C SER A 465 -22.64 23.89 -31.11
N VAL A 466 -22.25 22.69 -31.52
CA VAL A 466 -21.42 21.84 -30.68
C VAL A 466 -20.11 22.53 -30.34
N LEU A 467 -19.61 23.40 -31.23
CA LEU A 467 -18.40 24.15 -30.95
C LEU A 467 -18.51 24.88 -29.62
N ALA A 468 -19.68 25.45 -29.33
CA ALA A 468 -19.88 26.13 -28.05
C ALA A 468 -19.62 25.18 -26.89
N GLY A 469 -20.18 23.98 -26.96
CA GLY A 469 -19.87 22.98 -25.94
C GLY A 469 -18.39 22.69 -25.86
N VAL A 470 -17.72 22.61 -27.02
CA VAL A 470 -16.28 22.41 -27.03
C VAL A 470 -15.59 23.53 -26.25
N ALA A 471 -16.08 24.77 -26.42
CA ALA A 471 -15.55 25.89 -25.65
C ALA A 471 -15.58 25.58 -24.16
N VAL A 472 -16.72 25.08 -23.67
CA VAL A 472 -16.82 24.72 -22.26
C VAL A 472 -15.78 23.66 -21.92
N MET A 473 -15.64 22.65 -22.78
CA MET A 473 -14.60 21.66 -22.58
C MET A 473 -13.24 22.33 -22.54
N VAL A 474 -12.98 23.25 -23.46
CA VAL A 474 -11.72 24.00 -23.43
C VAL A 474 -11.62 24.77 -22.13
N LEU A 475 -12.72 25.38 -21.70
CA LEU A 475 -12.71 26.09 -20.42
C LEU A 475 -12.48 25.16 -19.25
N MET A 476 -12.77 23.87 -19.40
CA MET A 476 -12.47 22.90 -18.36
C MET A 476 -11.01 22.47 -18.37
N VAL A 477 -10.29 22.73 -19.46
CA VAL A 477 -8.87 22.34 -19.51
C VAL A 477 -8.03 23.06 -18.47
N PRO A 478 -8.07 24.39 -18.36
CA PRO A 478 -7.17 25.03 -17.37
C PRO A 478 -7.59 24.77 -15.94
N LEU A 479 -8.89 24.88 -15.64
CA LEU A 479 -9.37 24.71 -14.28
C LEU A 479 -8.89 23.39 -13.70
N ASN A 480 -9.33 22.28 -14.30
CA ASN A 480 -8.83 20.97 -13.91
C ASN A 480 -7.33 21.00 -13.77
N ALA A 481 -6.64 21.54 -14.79
CA ALA A 481 -5.19 21.67 -14.74
C ALA A 481 -4.74 22.30 -13.43
N VAL A 482 -5.14 23.55 -13.18
CA VAL A 482 -4.68 24.21 -11.97
C VAL A 482 -5.18 23.43 -10.76
N MET A 483 -6.41 22.92 -10.84
CA MET A 483 -6.95 22.10 -9.76
C MET A 483 -5.96 20.99 -9.42
N ALA A 484 -5.58 20.20 -10.43
CA ALA A 484 -4.63 19.12 -10.19
C ALA A 484 -3.38 19.66 -9.52
N MET A 485 -2.78 20.69 -10.13
CA MET A 485 -1.57 21.27 -9.56
C MET A 485 -1.81 21.66 -8.11
N LYS A 486 -2.88 22.40 -7.87
CA LYS A 486 -3.14 22.88 -6.51
C LYS A 486 -3.27 21.70 -5.56
N THR A 487 -4.02 20.67 -5.97
CA THR A 487 -4.19 19.52 -5.09
C THR A 487 -2.83 18.95 -4.71
N LYS A 488 -1.97 18.77 -5.71
CA LYS A 488 -0.65 18.21 -5.43
C LYS A 488 0.05 19.05 -4.37
N THR A 489 0.07 20.37 -4.57
CA THR A 489 0.71 21.24 -3.59
C THR A 489 0.14 20.99 -2.21
N TYR A 490 -1.19 21.05 -2.10
CA TYR A 490 -1.83 20.84 -0.81
C TYR A 490 -1.43 19.47 -0.27
N GLN A 491 -1.54 18.44 -1.12
CA GLN A 491 -1.21 17.10 -0.67
C GLN A 491 0.21 17.05 -0.14
N VAL A 492 1.15 17.64 -0.88
CA VAL A 492 2.53 17.64 -0.43
C VAL A 492 2.63 18.28 0.94
N ALA A 493 2.05 19.47 1.09
CA ALA A 493 2.06 20.14 2.39
C ALA A 493 1.41 19.25 3.44
N HIS A 494 0.25 18.67 3.09
CA HIS A 494 -0.42 17.76 4.01
C HIS A 494 0.53 16.67 4.45
N MET A 495 1.21 16.04 3.49
CA MET A 495 2.16 15.00 3.82
C MET A 495 3.16 15.49 4.85
N LYS A 496 3.77 16.64 4.58
CA LYS A 496 4.74 17.19 5.53
C LYS A 496 4.08 17.43 6.88
N SER A 497 2.91 18.09 6.87
CA SER A 497 2.25 18.41 8.12
C SER A 497 1.84 17.15 8.86
N LYS A 498 1.73 16.01 8.16
CA LYS A 498 1.47 14.77 8.86
C LYS A 498 2.75 14.18 9.44
N ASP A 499 3.83 14.17 8.63
CA ASP A 499 5.03 13.46 9.04
C ASP A 499 5.55 13.97 10.38
N ASN A 500 5.72 15.29 10.49
CA ASN A 500 6.15 15.89 11.73
C ASN A 500 5.27 15.42 12.89
N ARG A 501 3.95 15.54 12.71
CA ARG A 501 3.03 15.12 13.75
C ARG A 501 3.28 13.68 14.15
N ILE A 502 3.39 12.78 13.17
CA ILE A 502 3.63 11.38 13.48
C ILE A 502 4.93 11.23 14.23
N LYS A 503 5.98 11.93 13.78
CA LYS A 503 7.25 11.89 14.49
C LYS A 503 7.05 12.35 15.93
N LEU A 504 6.32 13.45 16.12
CA LEU A 504 6.05 13.92 17.47
C LEU A 504 5.29 12.86 18.26
N MET A 505 4.30 12.23 17.61
CA MET A 505 3.57 11.15 18.29
C MET A 505 4.51 10.01 18.61
N ASN A 506 5.42 9.69 17.70
CA ASN A 506 6.41 8.66 17.97
C ASN A 506 7.25 9.01 19.18
N GLU A 507 7.49 10.30 19.40
CA GLU A 507 8.23 10.72 20.59
C GLU A 507 7.36 10.65 21.84
N ILE A 508 6.06 10.89 21.72
CA ILE A 508 5.19 10.87 22.88
C ILE A 508 5.04 9.45 23.42
N LEU A 509 4.79 8.49 22.53
CA LEU A 509 4.62 7.11 22.97
C LEU A 509 5.92 6.54 23.52
N ASN A 510 7.04 6.79 22.85
CA ASN A 510 8.35 6.39 23.35
C ASN A 510 8.87 7.49 24.26
N GLY A 511 8.41 7.45 25.52
CA GLY A 511 8.69 8.51 26.45
C GLY A 511 7.45 8.95 27.21
N ILE A 512 6.39 8.16 27.09
CA ILE A 512 5.15 8.48 27.79
C ILE A 512 5.33 8.37 29.30
N LYS A 513 6.19 7.46 29.75
CA LYS A 513 6.45 7.34 31.18
C LYS A 513 7.04 8.63 31.74
N VAL A 514 8.00 9.21 31.01
CA VAL A 514 8.60 10.47 31.45
C VAL A 514 7.57 11.58 31.47
N LEU A 515 6.72 11.65 30.45
CA LEU A 515 5.70 12.70 30.39
C LEU A 515 4.71 12.57 31.54
N LYS A 516 4.30 11.34 31.86
CA LYS A 516 3.39 11.13 32.99
C LYS A 516 4.08 11.50 34.30
N LEU A 517 5.36 11.16 34.44
CA LEU A 517 6.08 11.51 35.66
C LEU A 517 6.18 13.02 35.84
N TYR A 518 6.45 13.74 34.75
CA TYR A 518 6.58 15.19 34.80
C TYR A 518 5.26 15.92 34.60
N ALA A 519 4.16 15.20 34.36
CA ALA A 519 2.84 15.80 34.13
C ALA A 519 2.87 16.76 32.93
N TRP A 520 3.56 16.35 31.86
CA TRP A 520 3.63 17.13 30.64
C TRP A 520 2.58 16.70 29.61
N GLU A 521 1.56 15.98 30.06
CA GLU A 521 0.53 15.46 29.11
C GLU A 521 -0.14 16.62 28.38
N LEU A 522 -0.52 17.67 29.10
CA LEU A 522 -1.24 18.78 28.48
C LEU A 522 -0.37 19.54 27.50
N ALA A 523 0.92 19.70 27.82
CA ALA A 523 1.81 20.46 26.93
C ALA A 523 1.97 19.76 25.59
N PHE A 524 2.21 18.45 25.61
CA PHE A 524 2.36 17.73 24.35
C PHE A 524 1.03 17.53 23.66
N LYS A 525 -0.07 17.49 24.41
CA LYS A 525 -1.38 17.56 23.78
C LYS A 525 -1.56 18.85 23.00
N ASP A 526 -1.15 19.98 23.59
CA ASP A 526 -1.23 21.26 22.90
C ASP A 526 -0.35 21.29 21.67
N LYS A 527 0.86 20.72 21.77
CA LYS A 527 1.75 20.68 20.61
C LYS A 527 1.17 19.85 19.47
N VAL A 528 0.63 18.67 19.80
CA VAL A 528 0.02 17.82 18.78
C VAL A 528 -1.20 18.49 18.19
N LEU A 529 -1.97 19.21 19.01
CA LEU A 529 -3.13 19.94 18.50
C LEU A 529 -2.70 21.05 17.54
N ALA A 530 -1.59 21.73 17.87
CA ALA A 530 -1.09 22.78 16.98
C ALA A 530 -0.69 22.22 15.62
N ILE A 531 0.07 21.11 15.64
CA ILE A 531 0.48 20.51 14.37
C ILE A 531 -0.74 19.98 13.60
N ARG A 532 -1.70 19.40 14.33
CA ARG A 532 -2.90 18.88 13.68
C ARG A 532 -3.72 19.99 13.06
N GLN A 533 -3.81 21.15 13.72
CA GLN A 533 -4.54 22.26 13.14
C GLN A 533 -3.80 22.85 11.95
N GLU A 534 -2.47 22.81 11.97
CA GLU A 534 -1.71 23.18 10.78
C GLU A 534 -2.06 22.26 9.62
N GLU A 535 -2.17 20.96 9.88
CA GLU A 535 -2.57 20.02 8.84
C GLU A 535 -4.02 20.24 8.41
N LEU A 536 -4.88 20.60 9.37
CA LEU A 536 -6.30 20.79 9.09
C LEU A 536 -6.56 22.04 8.25
N LYS A 537 -5.69 23.04 8.36
CA LYS A 537 -5.81 24.19 7.47
C LYS A 537 -5.59 23.78 6.02
N VAL A 538 -4.58 22.94 5.76
CA VAL A 538 -4.36 22.42 4.42
C VAL A 538 -5.53 21.55 3.98
N LEU A 539 -6.05 20.73 4.90
CA LEU A 539 -7.20 19.88 4.57
C LEU A 539 -8.43 20.72 4.21
N LYS A 540 -8.66 21.80 4.95
CA LYS A 540 -9.79 22.68 4.66
C LYS A 540 -9.60 23.39 3.33
N LYS A 541 -8.37 23.80 3.01
CA LYS A 541 -8.14 24.43 1.72
C LYS A 541 -8.29 23.45 0.57
N SER A 542 -7.93 22.18 0.78
CA SER A 542 -8.14 21.16 -0.24
C SER A 542 -9.59 20.72 -0.32
N ALA A 543 -10.39 21.00 0.72
CA ALA A 543 -11.82 20.72 0.65
C ALA A 543 -12.48 21.51 -0.48
N TYR A 544 -12.13 22.79 -0.62
CA TYR A 544 -12.65 23.59 -1.72
C TYR A 544 -12.23 23.03 -3.07
N LEU A 545 -10.97 22.59 -3.15
CA LEU A 545 -10.44 22.02 -4.42
C LEU A 545 -11.24 20.76 -4.78
N ALA A 546 -11.48 19.89 -3.80
CA ALA A 546 -12.25 18.68 -4.05
C ALA A 546 -13.69 19.00 -4.41
N ALA A 547 -14.24 20.06 -3.82
CA ALA A 547 -15.59 20.48 -4.20
C ALA A 547 -15.64 20.96 -5.64
N VAL A 548 -14.60 21.68 -6.07
CA VAL A 548 -14.52 22.10 -7.46
C VAL A 548 -14.40 20.89 -8.38
N GLY A 549 -13.60 19.91 -7.96
CA GLY A 549 -13.44 18.68 -8.75
C GLY A 549 -14.73 17.89 -8.84
N THR A 550 -15.45 17.78 -7.71
CA THR A 550 -16.76 17.09 -7.71
C THR A 550 -17.70 17.79 -8.68
N PHE A 551 -17.69 19.14 -8.66
CA PHE A 551 -18.55 19.93 -9.58
C PHE A 551 -18.21 19.57 -11.02
N THR A 552 -16.92 19.45 -11.35
CA THR A 552 -16.52 19.21 -12.77
C THR A 552 -16.80 17.76 -13.18
N TRP A 553 -17.39 16.97 -12.30
CA TRP A 553 -17.68 15.53 -12.57
C TRP A 553 -19.19 15.35 -12.56
N VAL A 554 -19.92 16.37 -12.10
CA VAL A 554 -21.40 16.30 -11.99
C VAL A 554 -22.01 17.33 -12.94
N CYS A 555 -21.29 18.42 -13.23
CA CYS A 555 -21.94 19.46 -14.08
C CYS A 555 -21.27 19.52 -15.45
N THR A 556 -20.16 18.80 -15.63
CA THR A 556 -19.53 18.75 -16.98
C THR A 556 -20.57 18.32 -18.03
N PRO A 557 -21.45 17.31 -17.81
CA PRO A 557 -22.47 16.96 -18.80
C PRO A 557 -23.42 18.15 -19.02
N PHE A 558 -23.97 18.71 -17.94
CA PHE A 558 -24.93 19.80 -18.09
C PHE A 558 -24.24 21.06 -18.57
N LEU A 559 -23.01 21.31 -18.14
CA LEU A 559 -22.32 22.52 -18.57
C LEU A 559 -22.17 22.53 -20.09
N VAL A 560 -21.84 21.38 -20.67
CA VAL A 560 -21.79 21.30 -22.14
C VAL A 560 -23.19 21.35 -22.73
N ALA A 561 -24.14 20.63 -22.12
CA ALA A 561 -25.47 20.49 -22.70
C ALA A 561 -26.21 21.82 -22.75
N LEU A 562 -26.16 22.59 -21.66
CA LEU A 562 -26.85 23.87 -21.62
C LEU A 562 -26.29 24.82 -22.67
N SER A 563 -24.96 24.90 -22.79
CA SER A 563 -24.35 25.75 -23.79
C SER A 563 -24.76 25.35 -25.19
N THR A 564 -24.65 24.05 -25.49
CA THR A 564 -24.97 23.57 -26.83
C THR A 564 -26.43 23.79 -27.17
N PHE A 565 -27.34 23.48 -26.24
CA PHE A 565 -28.76 23.64 -26.49
C PHE A 565 -29.13 25.12 -26.63
N ALA A 566 -28.57 25.98 -25.78
CA ALA A 566 -28.86 27.40 -25.84
C ALA A 566 -28.41 27.97 -27.18
N VAL A 567 -27.19 27.64 -27.60
CA VAL A 567 -26.71 28.13 -28.89
C VAL A 567 -27.58 27.58 -30.02
N TYR A 568 -27.92 26.29 -29.94
CA TYR A 568 -28.70 25.66 -31.00
C TYR A 568 -30.06 26.31 -31.15
N VAL A 569 -30.74 26.62 -30.03
CA VAL A 569 -32.06 27.24 -30.11
C VAL A 569 -32.00 28.74 -30.30
N THR A 570 -30.84 29.37 -30.11
CA THR A 570 -30.75 30.82 -30.24
C THR A 570 -30.27 31.26 -31.62
N VAL A 571 -29.30 30.55 -32.22
CA VAL A 571 -28.71 31.02 -33.46
C VAL A 571 -29.75 31.06 -34.57
N ASP A 572 -30.60 30.04 -34.66
CA ASP A 572 -31.66 30.01 -35.66
C ASP A 572 -32.94 29.51 -35.01
N GLU A 573 -34.02 30.25 -35.19
CA GLU A 573 -35.30 29.85 -34.63
C GLU A 573 -35.86 28.59 -35.29
N ASN A 574 -35.41 28.27 -36.51
CA ASN A 574 -35.86 27.06 -37.19
C ASN A 574 -35.28 25.80 -36.57
N ASN A 575 -34.30 25.91 -35.68
CA ASN A 575 -33.71 24.74 -35.03
C ASN A 575 -34.70 24.21 -34.00
N ILE A 576 -35.23 23.02 -34.26
CA ILE A 576 -36.22 22.39 -33.39
C ILE A 576 -35.50 21.39 -32.49
N LEU A 577 -35.75 21.48 -31.20
CA LEU A 577 -35.11 20.58 -30.23
C LEU A 577 -36.05 19.40 -29.99
N ASP A 578 -36.05 18.46 -30.91
CA ASP A 578 -36.80 17.24 -30.75
C ASP A 578 -36.02 16.25 -29.89
N ALA A 579 -36.66 15.11 -29.58
CA ALA A 579 -36.02 14.14 -28.69
C ALA A 579 -34.75 13.55 -29.29
N GLN A 580 -34.72 13.38 -30.61
CA GLN A 580 -33.53 12.78 -31.26
C GLN A 580 -32.33 13.72 -31.12
N LYS A 581 -32.53 15.03 -31.28
CA LYS A 581 -31.45 15.99 -31.22
C LYS A 581 -31.19 16.51 -29.81
N ALA A 582 -31.92 16.00 -28.82
CA ALA A 582 -31.72 16.41 -27.44
C ALA A 582 -31.20 15.28 -26.57
N PHE A 583 -31.89 14.14 -26.53
CA PHE A 583 -31.52 13.07 -25.60
C PHE A 583 -30.37 12.21 -26.12
N VAL A 584 -30.25 12.02 -27.43
CA VAL A 584 -29.05 11.39 -27.96
C VAL A 584 -27.83 12.26 -27.64
N SER A 585 -27.96 13.57 -27.82
CA SER A 585 -26.89 14.48 -27.47
C SER A 585 -26.59 14.44 -25.97
N LEU A 586 -27.63 14.32 -25.15
CA LEU A 586 -27.43 14.25 -23.71
C LEU A 586 -26.68 12.98 -23.31
N ALA A 587 -27.01 11.85 -23.96
CA ALA A 587 -26.25 10.63 -23.73
C ALA A 587 -24.80 10.79 -24.18
N LEU A 588 -24.59 11.50 -25.29
CA LEU A 588 -23.23 11.78 -25.73
C LEU A 588 -22.48 12.63 -24.71
N PHE A 589 -23.16 13.61 -24.11
CA PHE A 589 -22.53 14.42 -23.07
C PHE A 589 -22.20 13.58 -21.83
N ASN A 590 -23.10 12.67 -21.45
CA ASN A 590 -22.83 11.79 -20.32
C ASN A 590 -21.63 10.91 -20.60
N ILE A 591 -21.50 10.42 -21.84
CA ILE A 591 -20.32 9.67 -22.22
C ILE A 591 -19.08 10.55 -22.15
N LEU A 592 -19.19 11.76 -22.72
CA LEU A 592 -18.03 12.69 -22.78
C LEU A 592 -17.56 13.06 -21.37
N ARG A 593 -18.44 12.92 -20.38
CA ARG A 593 -18.08 13.34 -18.99
C ARG A 593 -16.80 12.63 -18.54
N PHE A 594 -16.73 11.31 -18.70
CA PHE A 594 -15.55 10.56 -18.17
C PHE A 594 -14.25 10.99 -18.85
N PRO A 595 -14.04 10.79 -20.17
CA PRO A 595 -12.75 11.07 -20.81
C PRO A 595 -12.25 12.50 -20.57
N LEU A 596 -13.16 13.48 -20.56
CA LEU A 596 -12.76 14.88 -20.40
C LEU A 596 -12.11 15.13 -19.06
N ASN A 597 -12.70 14.59 -17.99
CA ASN A 597 -12.19 14.79 -16.65
C ASN A 597 -11.07 13.83 -16.28
N ILE A 598 -10.99 12.66 -16.93
CA ILE A 598 -9.90 11.74 -16.62
C ILE A 598 -8.60 12.08 -17.36
N LEU A 599 -8.68 12.78 -18.48
CA LEU A 599 -7.43 13.16 -19.15
C LEU A 599 -6.50 13.97 -18.26
N PRO A 600 -6.94 15.00 -17.52
CA PRO A 600 -5.99 15.67 -16.61
C PRO A 600 -5.43 14.78 -15.52
N MET A 601 -6.26 13.88 -14.96
CA MET A 601 -5.74 12.95 -13.97
C MET A 601 -4.73 11.97 -14.56
N VAL A 602 -4.98 11.52 -15.80
CA VAL A 602 -4.01 10.65 -16.47
C VAL A 602 -2.70 11.40 -16.70
N ILE A 603 -2.78 12.67 -17.08
CA ILE A 603 -1.56 13.46 -17.30
C ILE A 603 -0.79 13.63 -15.99
N SER A 604 -1.51 13.91 -14.91
CA SER A 604 -0.85 14.05 -13.60
C SER A 604 -0.16 12.74 -13.20
N SER A 605 -0.85 11.61 -13.38
CA SER A 605 -0.24 10.32 -13.08
C SER A 605 0.94 10.05 -13.99
N ILE A 606 0.91 10.51 -15.23
CA ILE A 606 2.01 10.29 -16.16
C ILE A 606 3.24 11.09 -15.72
N VAL A 607 3.04 12.32 -15.24
CA VAL A 607 4.17 13.11 -14.74
C VAL A 607 4.73 12.48 -13.46
N GLN A 608 3.84 12.08 -12.55
CA GLN A 608 4.28 11.46 -11.31
C GLN A 608 4.95 10.11 -11.57
N ALA A 609 4.62 9.46 -12.68
CA ALA A 609 5.32 8.25 -13.06
C ALA A 609 6.62 8.55 -13.81
N SER A 610 6.70 9.69 -14.48
CA SER A 610 7.94 10.07 -15.13
C SER A 610 9.04 10.34 -14.11
N VAL A 611 8.69 11.02 -13.01
CA VAL A 611 9.71 11.24 -11.97
C VAL A 611 10.14 9.91 -11.35
N SER A 612 9.18 9.01 -11.09
CA SER A 612 9.52 7.71 -10.52
C SER A 612 10.35 6.88 -11.49
N LEU A 613 10.07 6.98 -12.79
CA LEU A 613 10.85 6.27 -13.79
C LEU A 613 12.27 6.82 -13.88
N LYS A 614 12.42 8.13 -13.75
CA LYS A 614 13.76 8.71 -13.69
C LYS A 614 14.52 8.18 -12.49
N ARG A 615 13.86 8.10 -11.33
CA ARG A 615 14.51 7.54 -10.15
C ARG A 615 14.87 6.07 -10.36
N LEU A 616 13.98 5.31 -10.99
CA LEU A 616 14.25 3.89 -11.24
C LEU A 616 15.41 3.71 -12.20
N ARG A 617 15.50 4.53 -13.24
CA ARG A 617 16.63 4.45 -14.16
C ARG A 617 17.92 4.89 -13.50
N VAL A 618 17.85 5.87 -12.60
CA VAL A 618 19.03 6.27 -11.85
C VAL A 618 19.53 5.11 -10.99
N PHE A 619 18.62 4.42 -10.31
CA PHE A 619 19.01 3.30 -9.47
C PHE A 619 19.56 2.15 -10.31
N LEU A 620 18.86 1.79 -11.38
CA LEU A 620 19.23 0.62 -12.18
C LEU A 620 20.47 0.86 -13.03
N SER A 621 20.91 2.10 -13.20
CA SER A 621 22.14 2.40 -13.91
C SER A 621 23.35 2.50 -12.98
N HIS A 622 23.16 2.29 -11.69
CA HIS A 622 24.25 2.42 -10.73
C HIS A 622 25.34 1.38 -11.02
N GLU A 623 26.57 1.73 -10.65
CA GLU A 623 27.71 0.89 -10.97
C GLU A 623 27.59 -0.47 -10.28
N ASP A 624 28.07 -1.51 -10.97
CA ASP A 624 28.00 -2.87 -10.48
C ASP A 624 29.34 -3.30 -9.88
N LEU A 625 29.26 -4.20 -8.90
CA LEU A 625 30.46 -4.73 -8.27
C LEU A 625 31.04 -5.87 -9.10
N ASP A 626 32.35 -6.03 -9.03
CA ASP A 626 33.01 -7.14 -9.77
C ASP A 626 33.41 -8.21 -8.77
N PRO A 627 32.68 -9.35 -8.66
CA PRO A 627 33.10 -10.43 -7.78
C PRO A 627 34.52 -10.83 -8.22
N ASP A 628 34.79 -10.74 -9.52
CA ASP A 628 36.13 -11.07 -10.05
C ASP A 628 37.20 -10.24 -9.31
N SER A 629 36.92 -8.96 -9.02
CA SER A 629 37.97 -8.16 -8.40
C SER A 629 38.73 -8.97 -7.35
N ILE A 630 38.00 -9.74 -6.53
CA ILE A 630 38.61 -10.64 -5.56
C ILE A 630 38.54 -12.06 -6.12
N GLN A 631 39.67 -12.75 -6.13
CA GLN A 631 39.73 -14.11 -6.64
C GLN A 631 39.27 -15.06 -5.54
N ARG A 632 38.08 -15.65 -5.71
CA ARG A 632 37.48 -16.54 -4.73
C ARG A 632 37.74 -17.97 -5.18
N ARG A 633 38.86 -18.51 -4.75
CA ARG A 633 39.34 -19.83 -5.16
C ARG A 633 38.81 -20.89 -4.20
N PRO A 634 38.13 -21.92 -4.69
CA PRO A 634 37.67 -22.98 -3.79
C PRO A 634 38.83 -23.82 -3.28
N ILE A 635 38.62 -24.42 -2.11
CA ILE A 635 39.64 -25.25 -1.49
C ILE A 635 39.93 -26.48 -2.36
N ASN A 642 48.66 -18.68 2.57
CA ASN A 642 48.13 -18.87 1.22
C ASN A 642 46.61 -18.90 1.23
N SER A 643 46.01 -18.88 2.43
CA SER A 643 44.57 -18.81 2.53
C SER A 643 44.05 -17.45 2.07
N ILE A 644 44.70 -16.38 2.50
CA ILE A 644 44.39 -15.04 2.02
C ILE A 644 45.67 -14.45 1.44
N THR A 645 45.60 -13.97 0.21
CA THR A 645 46.77 -13.45 -0.48
C THR A 645 46.46 -12.06 -0.99
N VAL A 646 47.30 -11.09 -0.63
CA VAL A 646 47.19 -9.74 -1.15
C VAL A 646 48.58 -9.27 -1.53
N LYS A 647 48.76 -8.87 -2.79
CA LYS A 647 50.01 -8.28 -3.23
C LYS A 647 49.75 -6.95 -3.92
N ASN A 648 50.41 -5.90 -3.43
CA ASN A 648 50.44 -4.59 -4.07
C ASN A 648 49.03 -4.10 -4.41
N ALA A 649 48.11 -4.29 -3.47
CA ALA A 649 46.71 -3.97 -3.69
C ALA A 649 46.37 -2.64 -3.04
N THR A 650 45.83 -1.73 -3.85
CA THR A 650 45.26 -0.47 -3.36
C THR A 650 43.78 -0.45 -3.68
N PHE A 651 42.98 -0.07 -2.68
CA PHE A 651 41.53 -0.06 -2.75
C PHE A 651 40.99 1.33 -2.45
N THR A 652 39.79 1.60 -2.95
CA THR A 652 39.12 2.88 -2.78
C THR A 652 37.69 2.64 -2.32
N TRP A 653 37.12 3.65 -1.69
CA TRP A 653 35.69 3.64 -1.42
C TRP A 653 34.88 4.29 -2.54
N ALA A 654 35.54 4.87 -3.53
CA ALA A 654 34.87 5.47 -4.68
C ALA A 654 35.87 5.59 -5.83
N ARG A 655 35.34 5.77 -7.04
CA ARG A 655 36.23 5.82 -8.24
C ARG A 655 37.13 7.06 -8.18
N ASN A 656 36.60 8.20 -7.74
CA ASN A 656 37.39 9.43 -7.76
C ASN A 656 38.03 9.75 -6.42
N ASP A 657 37.57 9.18 -5.33
CA ASP A 657 38.17 9.42 -4.03
C ASP A 657 39.55 8.77 -3.93
N PRO A 658 40.41 9.29 -3.08
CA PRO A 658 41.76 8.73 -2.95
C PRO A 658 41.72 7.34 -2.33
N PRO A 659 42.76 6.55 -2.53
CA PRO A 659 42.80 5.22 -1.91
C PRO A 659 42.77 5.30 -0.39
N THR A 660 42.07 4.35 0.22
CA THR A 660 42.05 4.18 1.67
C THR A 660 43.09 3.18 2.16
N LEU A 661 43.41 2.18 1.35
CA LEU A 661 44.45 1.21 1.66
C LEU A 661 45.49 1.27 0.55
N HIS A 662 46.66 1.82 0.85
CA HIS A 662 47.70 2.05 -0.16
C HIS A 662 48.73 0.94 -0.10
N GLY A 663 48.88 0.21 -1.21
CA GLY A 663 49.96 -0.75 -1.36
C GLY A 663 50.03 -1.83 -0.32
N ILE A 664 48.90 -2.45 -0.01
CA ILE A 664 48.83 -3.47 1.03
C ILE A 664 49.31 -4.80 0.45
N THR A 665 50.16 -5.50 1.20
CA THR A 665 50.55 -6.85 0.86
C THR A 665 50.63 -7.68 2.13
N PHE A 666 50.06 -8.88 2.10
CA PHE A 666 50.18 -9.82 3.20
C PHE A 666 49.63 -11.17 2.76
N SER A 667 50.20 -12.23 3.34
CA SER A 667 49.79 -13.60 3.10
C SER A 667 49.41 -14.24 4.42
N VAL A 668 48.13 -14.58 4.57
CA VAL A 668 47.62 -15.25 5.76
C VAL A 668 47.49 -16.74 5.45
N PRO A 669 48.25 -17.61 6.10
CA PRO A 669 48.15 -19.05 5.83
C PRO A 669 46.88 -19.64 6.41
N GLU A 670 46.59 -20.86 5.99
CA GLU A 670 45.37 -21.53 6.41
C GLU A 670 45.40 -21.81 7.91
N GLY A 671 44.26 -21.60 8.55
CA GLY A 671 44.14 -21.87 9.98
C GLY A 671 45.02 -21.03 10.86
N SER A 672 45.17 -19.74 10.56
CA SER A 672 46.01 -18.84 11.33
C SER A 672 45.20 -17.68 11.84
N LEU A 673 45.55 -17.17 13.02
CA LEU A 673 44.86 -16.07 13.65
C LEU A 673 45.65 -14.79 13.40
N VAL A 674 45.03 -13.86 12.68
CA VAL A 674 45.67 -12.61 12.30
C VAL A 674 44.86 -11.46 12.86
N ALA A 675 45.54 -10.55 13.56
CA ALA A 675 44.89 -9.41 14.19
C ALA A 675 45.30 -8.14 13.47
N VAL A 676 44.34 -7.38 12.98
CA VAL A 676 44.62 -6.07 12.41
C VAL A 676 44.71 -5.05 13.53
N VAL A 677 45.76 -4.25 13.50
CA VAL A 677 46.12 -3.34 14.58
C VAL A 677 46.32 -1.94 14.01
N GLY A 678 45.72 -0.96 14.66
CA GLY A 678 45.91 0.42 14.24
C GLY A 678 45.12 1.35 15.12
N GLN A 679 45.22 2.63 14.80
CA GLN A 679 44.46 3.66 15.49
C GLN A 679 43.11 3.86 14.81
N VAL A 680 42.35 4.84 15.29
CA VAL A 680 41.04 5.11 14.71
C VAL A 680 41.21 5.75 13.34
N GLY A 681 40.46 5.25 12.35
CA GLY A 681 40.60 5.74 11.00
C GLY A 681 41.84 5.25 10.31
N CYS A 682 42.45 4.17 10.80
CA CYS A 682 43.68 3.66 10.21
C CYS A 682 43.41 2.93 8.89
N GLY A 683 42.34 2.14 8.84
CA GLY A 683 42.09 1.32 7.67
C GLY A 683 41.97 -0.15 8.01
N LYS A 684 41.57 -0.45 9.25
CA LYS A 684 41.39 -1.84 9.66
C LYS A 684 40.12 -2.43 9.07
N SER A 685 38.99 -1.77 9.28
CA SER A 685 37.73 -2.26 8.73
C SER A 685 37.73 -2.22 7.21
N SER A 686 38.48 -1.28 6.62
CA SER A 686 38.59 -1.23 5.18
C SER A 686 39.26 -2.48 4.62
N LEU A 687 40.20 -3.06 5.36
CA LEU A 687 40.84 -4.29 4.90
C LEU A 687 39.82 -5.43 4.80
N LEU A 688 39.00 -5.60 5.83
CA LEU A 688 38.00 -6.66 5.79
C LEU A 688 36.94 -6.38 4.73
N SER A 689 36.58 -5.10 4.53
CA SER A 689 35.68 -4.77 3.44
C SER A 689 36.29 -5.09 2.08
N ALA A 690 37.59 -4.86 1.93
CA ALA A 690 38.28 -5.14 0.67
C ALA A 690 38.37 -6.63 0.40
N LEU A 691 38.54 -7.44 1.44
CA LEU A 691 38.57 -8.89 1.23
C LEU A 691 37.21 -9.43 0.83
N LEU A 692 36.13 -8.67 1.04
CA LEU A 692 34.78 -9.08 0.67
C LEU A 692 34.31 -8.47 -0.64
N ALA A 693 35.22 -7.81 -1.38
CA ALA A 693 34.87 -7.09 -2.60
C ALA A 693 33.83 -6.01 -2.34
N GLU A 694 33.97 -5.30 -1.22
CA GLU A 694 33.16 -4.12 -0.93
C GLU A 694 33.88 -2.83 -1.30
N MET A 695 35.19 -2.77 -1.06
CA MET A 695 36.00 -1.67 -1.53
C MET A 695 36.15 -1.72 -3.05
N ASP A 696 36.47 -0.57 -3.62
CA ASP A 696 36.69 -0.45 -5.07
C ASP A 696 38.19 -0.63 -5.28
N LYS A 697 38.57 -1.72 -5.92
CA LYS A 697 39.98 -2.07 -6.09
C LYS A 697 40.55 -1.31 -7.27
N VAL A 698 41.39 -0.32 -6.98
CA VAL A 698 42.05 0.39 -8.08
C VAL A 698 43.25 -0.40 -8.58
N GLU A 699 43.92 -1.16 -7.73
CA GLU A 699 45.01 -2.00 -8.23
C GLU A 699 45.24 -3.17 -7.27
N GLY A 700 45.93 -4.19 -7.76
CA GLY A 700 46.39 -5.27 -6.92
C GLY A 700 45.92 -6.66 -7.29
N HIS A 701 45.98 -7.57 -6.33
CA HIS A 701 45.59 -8.97 -6.55
C HIS A 701 45.22 -9.58 -5.21
N VAL A 702 43.97 -10.00 -5.07
CA VAL A 702 43.46 -10.60 -3.82
C VAL A 702 42.92 -11.98 -4.15
N THR A 703 43.29 -12.97 -3.35
CA THR A 703 43.03 -14.37 -3.65
C THR A 703 42.51 -15.09 -2.40
N VAL A 704 41.45 -14.56 -1.81
CA VAL A 704 40.83 -15.21 -0.65
C VAL A 704 40.33 -16.59 -1.07
N LYS A 705 40.71 -17.60 -0.29
CA LYS A 705 40.45 -18.99 -0.65
C LYS A 705 39.39 -19.58 0.27
N GLY A 706 38.26 -19.98 -0.30
CA GLY A 706 37.22 -20.64 0.45
C GLY A 706 36.14 -19.69 0.94
N SER A 707 35.13 -20.26 1.58
CA SER A 707 33.98 -19.50 2.04
C SER A 707 34.39 -18.51 3.12
N VAL A 708 33.71 -17.37 3.14
CA VAL A 708 34.03 -16.27 4.04
C VAL A 708 32.83 -16.00 4.92
N ALA A 709 33.06 -15.95 6.23
CA ALA A 709 32.05 -15.57 7.22
C ALA A 709 32.44 -14.21 7.79
N TYR A 710 31.56 -13.24 7.64
CA TYR A 710 31.81 -11.86 8.00
C TYR A 710 31.06 -11.51 9.27
N VAL A 711 31.79 -11.03 10.28
CA VAL A 711 31.16 -10.45 11.45
C VAL A 711 31.36 -8.93 11.34
N PRO A 712 30.34 -8.20 10.91
CA PRO A 712 30.52 -6.75 10.72
C PRO A 712 30.59 -6.01 12.03
N GLN A 713 31.14 -4.81 11.97
CA GLN A 713 31.18 -3.95 13.15
C GLN A 713 29.76 -3.59 13.60
N GLN A 714 28.94 -3.09 12.68
CA GLN A 714 27.55 -2.79 12.97
C GLN A 714 26.73 -4.04 12.73
N ALA A 715 26.25 -4.64 13.82
CA ALA A 715 25.60 -5.94 13.74
C ALA A 715 24.29 -5.85 12.98
N TRP A 716 24.12 -6.72 12.00
CA TRP A 716 22.89 -6.81 11.23
C TRP A 716 22.05 -7.97 11.76
N ILE A 717 20.87 -7.65 12.25
CA ILE A 717 19.97 -8.63 12.87
C ILE A 717 18.71 -8.71 12.02
N GLN A 718 18.40 -9.90 11.54
CA GLN A 718 17.12 -10.12 10.86
C GLN A 718 15.98 -10.14 11.88
N ASN A 719 14.81 -9.71 11.43
CA ASN A 719 13.64 -9.68 12.31
C ASN A 719 13.09 -11.07 12.61
N ILE A 720 13.66 -12.11 12.01
CA ILE A 720 13.28 -13.49 12.31
C ILE A 720 13.78 -13.85 13.71
N SER A 721 13.36 -15.01 14.21
CA SER A 721 13.74 -15.43 15.55
C SER A 721 15.26 -15.59 15.67
N LEU A 722 15.73 -15.57 16.93
CA LEU A 722 17.16 -15.65 17.19
C LEU A 722 17.74 -16.96 16.66
N ARG A 723 16.97 -18.04 16.75
CA ARG A 723 17.42 -19.32 16.21
C ARG A 723 17.68 -19.22 14.72
N GLU A 724 16.77 -18.60 13.96
CA GLU A 724 16.99 -18.43 12.53
C GLU A 724 18.00 -17.36 12.22
N ASN A 725 18.25 -16.42 13.14
CA ASN A 725 19.36 -15.50 12.98
C ASN A 725 20.69 -16.24 13.03
N ILE A 726 20.85 -17.14 14.00
CA ILE A 726 22.08 -17.91 14.11
C ILE A 726 22.18 -18.93 12.97
N LEU A 727 21.08 -19.58 12.64
CA LEU A 727 21.08 -20.59 11.58
C LEU A 727 21.39 -19.95 10.23
N PHE A 728 20.76 -18.82 9.93
CA PHE A 728 20.95 -18.10 8.67
C PHE A 728 20.59 -18.99 7.48
N GLY A 729 19.37 -19.53 7.50
CA GLY A 729 18.92 -20.37 6.39
C GLY A 729 19.74 -21.61 6.19
N ARG A 730 20.10 -22.29 7.28
CA ARG A 730 20.94 -23.47 7.22
C ARG A 730 20.29 -24.57 8.06
N GLN A 731 20.58 -25.82 7.70
CA GLN A 731 20.03 -26.96 8.40
C GLN A 731 20.41 -26.92 9.87
N LEU A 732 19.43 -27.09 10.75
CA LEU A 732 19.69 -27.05 12.18
C LEU A 732 20.38 -28.33 12.63
N GLN A 733 21.50 -28.18 13.32
CA GLN A 733 22.24 -29.29 13.94
C GLN A 733 22.25 -28.98 15.43
N GLU A 734 21.53 -29.80 16.19
CA GLU A 734 21.27 -29.51 17.59
C GLU A 734 22.59 -29.47 18.36
N ARG A 735 23.48 -30.42 18.10
CA ARG A 735 24.76 -30.45 18.79
C ARG A 735 25.63 -29.25 18.42
N TYR A 736 25.68 -28.91 17.13
CA TYR A 736 26.52 -27.80 16.70
C TYR A 736 25.93 -26.46 17.15
N TYR A 737 24.61 -26.32 17.04
CA TYR A 737 23.95 -25.11 17.53
C TYR A 737 24.17 -24.94 19.02
N LYS A 738 24.04 -26.02 19.78
CA LYS A 738 24.17 -25.94 21.23
C LYS A 738 25.63 -25.83 21.65
N ALA A 739 26.56 -26.13 20.73
CA ALA A 739 27.96 -25.82 20.99
C ALA A 739 28.29 -24.38 20.65
N VAL A 740 27.55 -23.79 19.71
CA VAL A 740 27.83 -22.42 19.30
C VAL A 740 27.25 -21.42 20.29
N VAL A 741 26.04 -21.69 20.80
CA VAL A 741 25.31 -20.68 21.56
C VAL A 741 26.06 -20.30 22.83
N GLU A 742 26.53 -21.30 23.60
CA GLU A 742 27.19 -20.96 24.86
C GLU A 742 28.62 -20.52 24.65
N ALA A 743 29.27 -21.00 23.59
CA ALA A 743 30.62 -20.55 23.29
C ALA A 743 30.68 -19.05 23.04
N CYS A 744 29.58 -18.48 22.55
CA CYS A 744 29.44 -17.05 22.44
C CYS A 744 28.90 -16.43 23.73
N ALA A 745 28.70 -17.24 24.77
CA ALA A 745 28.11 -16.79 26.03
C ALA A 745 26.72 -16.21 25.81
N LEU A 746 25.97 -16.80 24.88
CA LEU A 746 24.61 -16.36 24.61
C LEU A 746 23.59 -17.01 25.52
N LEU A 747 24.02 -17.89 26.44
CA LEU A 747 23.06 -18.54 27.34
C LEU A 747 22.37 -17.56 28.28
N PRO A 748 23.06 -16.63 28.96
CA PRO A 748 22.33 -15.64 29.76
C PRO A 748 21.37 -14.80 28.94
N ASP A 749 21.77 -14.43 27.72
CA ASP A 749 20.89 -13.66 26.85
C ASP A 749 19.65 -14.46 26.46
N LEU A 750 19.83 -15.76 26.20
CA LEU A 750 18.69 -16.62 25.93
C LEU A 750 17.78 -16.70 27.14
N GLU A 751 18.37 -16.75 28.35
CA GLU A 751 17.56 -16.85 29.56
C GLU A 751 16.73 -15.61 29.80
N ILE A 752 17.33 -14.42 29.65
CA ILE A 752 16.58 -13.20 29.94
C ILE A 752 15.47 -13.00 28.91
N LEU A 753 15.74 -13.32 27.66
CA LEU A 753 14.76 -13.13 26.60
C LEU A 753 13.53 -14.02 26.87
N PRO A 754 12.33 -13.53 26.56
CA PRO A 754 11.11 -14.25 26.95
C PRO A 754 11.01 -15.67 26.41
N SER A 755 11.06 -15.82 25.09
CA SER A 755 10.85 -17.12 24.46
C SER A 755 12.13 -17.91 24.28
N GLY A 756 13.25 -17.40 24.77
CA GLY A 756 14.52 -18.09 24.60
C GLY A 756 15.17 -17.71 23.29
N ASP A 757 15.54 -18.72 22.51
CA ASP A 757 16.08 -18.48 21.18
C ASP A 757 15.01 -18.33 20.12
N ARG A 758 13.75 -18.60 20.46
CA ARG A 758 12.63 -18.39 19.55
C ARG A 758 12.10 -16.96 19.60
N THR A 759 12.67 -16.11 20.43
CA THR A 759 12.19 -14.74 20.54
C THR A 759 12.46 -13.98 19.25
N GLU A 760 11.57 -13.02 18.95
CA GLU A 760 11.65 -12.24 17.72
C GLU A 760 12.59 -11.06 17.99
N ILE A 761 13.87 -11.24 17.68
CA ILE A 761 14.84 -10.17 17.84
C ILE A 761 14.78 -9.28 16.61
N GLY A 762 15.41 -8.12 16.69
CA GLY A 762 15.40 -7.13 15.63
C GLY A 762 14.72 -5.85 16.06
N GLU A 763 14.65 -4.92 15.11
CA GLU A 763 14.03 -3.62 15.39
C GLU A 763 12.55 -3.77 15.72
N LYS A 764 11.84 -4.59 14.96
CA LYS A 764 10.39 -4.71 15.17
C LYS A 764 10.06 -5.49 16.44
N GLY A 765 10.77 -6.59 16.69
CA GLY A 765 10.51 -7.39 17.87
C GLY A 765 11.17 -6.83 19.11
N VAL A 766 11.72 -7.72 19.95
CA VAL A 766 12.39 -7.27 21.16
C VAL A 766 13.73 -6.64 20.79
N ASN A 767 14.02 -5.48 21.38
CA ASN A 767 15.29 -4.83 21.14
C ASN A 767 16.39 -5.50 21.95
N LEU A 768 17.58 -5.54 21.37
CA LEU A 768 18.72 -6.18 22.00
C LEU A 768 19.84 -5.17 22.20
N SER A 769 20.62 -5.35 23.25
CA SER A 769 21.77 -4.50 23.48
C SER A 769 22.84 -4.78 22.43
N GLY A 770 23.74 -3.81 22.26
CA GLY A 770 24.77 -3.94 21.25
C GLY A 770 25.61 -5.19 21.40
N GLY A 771 26.01 -5.50 22.65
CA GLY A 771 26.80 -6.69 22.88
C GLY A 771 26.06 -7.97 22.49
N GLN A 772 24.77 -8.03 22.81
CA GLN A 772 23.97 -9.18 22.41
C GLN A 772 23.88 -9.29 20.89
N LYS A 773 23.77 -8.16 20.20
CA LYS A 773 23.73 -8.20 18.74
C LYS A 773 25.04 -8.68 18.15
N GLN A 774 26.15 -8.23 18.71
CA GLN A 774 27.48 -8.72 18.26
C GLN A 774 27.55 -10.23 18.54
N ARG A 775 27.01 -10.66 19.69
CA ARG A 775 27.03 -12.10 20.04
C ARG A 775 26.25 -12.89 18.98
N VAL A 776 25.07 -12.40 18.59
CA VAL A 776 24.25 -13.12 17.61
C VAL A 776 24.96 -13.14 16.26
N SER A 777 25.59 -12.03 15.88
CA SER A 777 26.31 -11.99 14.61
C SER A 777 27.47 -12.99 14.61
N LEU A 778 28.25 -13.02 15.68
CA LEU A 778 29.35 -13.97 15.78
C LEU A 778 28.85 -15.41 15.80
N ALA A 779 27.75 -15.67 16.50
CA ALA A 779 27.19 -17.01 16.53
C ALA A 779 26.73 -17.45 15.14
N ARG A 780 26.11 -16.54 14.40
CA ARG A 780 25.70 -16.84 13.03
C ARG A 780 26.90 -17.17 12.16
N ALA A 781 27.96 -16.37 12.27
CA ALA A 781 29.16 -16.64 11.49
C ALA A 781 29.78 -17.98 11.87
N VAL A 782 29.83 -18.30 13.16
CA VAL A 782 30.45 -19.53 13.61
C VAL A 782 29.63 -20.74 13.15
N TYR A 783 28.30 -20.63 13.22
CA TYR A 783 27.45 -21.74 12.74
C TYR A 783 27.64 -21.92 11.24
N CYS A 784 27.77 -20.82 10.50
CA CYS A 784 27.92 -20.92 9.04
C CYS A 784 29.11 -21.78 8.66
N ASP A 785 30.10 -21.91 9.54
CA ASP A 785 31.17 -22.89 9.39
C ASP A 785 31.95 -22.65 8.09
N SER A 786 32.42 -21.42 7.94
CA SER A 786 33.28 -21.07 6.82
C SER A 786 34.72 -21.44 7.16
N ASP A 787 35.58 -21.34 6.15
CA ASP A 787 37.00 -21.57 6.38
C ASP A 787 37.75 -20.29 6.68
N VAL A 788 37.32 -19.17 6.09
CA VAL A 788 37.91 -17.86 6.33
C VAL A 788 36.89 -17.02 7.09
N TYR A 789 37.32 -16.43 8.20
CA TYR A 789 36.48 -15.55 8.99
C TYR A 789 37.08 -14.15 9.00
N LEU A 790 36.25 -13.16 8.76
CA LEU A 790 36.64 -11.75 8.82
C LEU A 790 35.83 -11.12 9.95
N LEU A 791 36.48 -10.92 11.09
CA LEU A 791 35.80 -10.48 12.31
C LEU A 791 36.14 -9.02 12.54
N ASP A 792 35.32 -8.12 11.97
CA ASP A 792 35.56 -6.69 12.08
C ASP A 792 35.08 -6.27 13.46
N ASP A 793 35.97 -6.38 14.44
CA ASP A 793 35.75 -5.95 15.82
C ASP A 793 34.50 -6.63 16.41
N PRO A 794 34.53 -7.96 16.57
CA PRO A 794 33.35 -8.65 17.10
C PRO A 794 33.15 -8.41 18.58
N LEU A 795 34.21 -7.98 19.26
CA LEU A 795 34.22 -7.83 20.72
C LEU A 795 34.25 -6.39 21.17
N SER A 796 33.66 -5.49 20.38
CA SER A 796 33.64 -4.08 20.75
C SER A 796 32.66 -3.82 21.89
N ALA A 797 31.46 -4.38 21.81
CA ALA A 797 30.41 -4.08 22.77
C ALA A 797 30.26 -5.11 23.88
N VAL A 798 30.98 -6.22 23.81
CA VAL A 798 30.92 -7.21 24.88
C VAL A 798 31.91 -6.83 25.97
N ASP A 799 31.56 -7.14 27.21
CA ASP A 799 32.39 -6.78 28.34
C ASP A 799 33.68 -7.60 28.37
N ALA A 800 34.61 -7.18 29.22
CA ALA A 800 35.94 -7.76 29.23
C ALA A 800 35.90 -9.26 29.56
N HIS A 801 35.11 -9.63 30.58
CA HIS A 801 35.00 -11.05 30.92
C HIS A 801 34.30 -11.82 29.82
N VAL A 802 33.19 -11.27 29.30
CA VAL A 802 32.49 -11.92 28.21
C VAL A 802 33.37 -11.98 26.97
N GLY A 803 34.11 -10.92 26.69
CA GLY A 803 35.02 -10.92 25.55
C GLY A 803 36.11 -11.97 25.66
N LYS A 804 36.71 -12.09 26.85
CA LYS A 804 37.74 -13.09 27.06
C LYS A 804 37.17 -14.51 26.95
N HIS A 805 35.98 -14.73 27.50
CA HIS A 805 35.33 -16.02 27.36
C HIS A 805 35.06 -16.35 25.89
N ILE A 806 34.57 -15.37 25.13
CA ILE A 806 34.27 -15.57 23.72
C ILE A 806 35.55 -15.92 22.96
N PHE A 807 36.62 -15.16 23.20
CA PHE A 807 37.87 -15.43 22.51
C PHE A 807 38.40 -16.81 22.89
N GLU A 808 38.22 -17.21 24.14
CA GLU A 808 38.67 -18.54 24.56
C GLU A 808 37.92 -19.65 23.84
N ASN A 809 36.60 -19.54 23.72
CA ASN A 809 35.82 -20.64 23.17
C ASN A 809 35.51 -20.52 21.69
N VAL A 810 35.80 -19.39 21.06
CA VAL A 810 35.40 -19.20 19.66
C VAL A 810 36.61 -18.91 18.78
N ILE A 811 37.28 -17.79 19.05
CA ILE A 811 38.32 -17.31 18.14
C ILE A 811 39.70 -17.86 18.48
N GLY A 812 39.93 -18.22 19.75
CA GLY A 812 41.24 -18.65 20.18
C GLY A 812 41.66 -19.96 19.56
N PRO A 813 42.95 -20.28 19.66
CA PRO A 813 43.44 -21.55 19.09
C PRO A 813 42.84 -22.78 19.74
N LYS A 814 42.26 -22.65 20.93
CA LYS A 814 41.60 -23.77 21.60
C LYS A 814 40.08 -23.60 21.67
N GLY A 815 39.51 -22.81 20.78
CA GLY A 815 38.08 -22.56 20.75
C GLY A 815 37.37 -23.40 19.71
N LEU A 816 36.35 -22.81 19.09
CA LEU A 816 35.62 -23.52 18.04
C LEU A 816 36.34 -23.42 16.70
N LEU A 817 36.91 -22.26 16.40
CA LEU A 817 37.59 -22.02 15.13
C LEU A 817 39.09 -22.20 15.35
N LYS A 818 39.51 -23.46 15.48
CA LYS A 818 40.92 -23.75 15.64
C LYS A 818 41.63 -23.88 14.30
N ASN A 819 40.99 -24.53 13.33
CA ASN A 819 41.55 -24.75 12.02
C ASN A 819 41.09 -23.73 10.99
N LYS A 820 40.28 -22.76 11.40
CA LYS A 820 39.73 -21.77 10.48
C LYS A 820 40.64 -20.56 10.38
N THR A 821 40.82 -20.04 9.16
CA THR A 821 41.63 -18.82 8.98
C THR A 821 40.85 -17.64 9.56
N ARG A 822 41.27 -17.10 10.70
CA ARG A 822 40.48 -16.02 11.35
C ARG A 822 41.21 -14.68 11.27
N LEU A 823 40.64 -13.71 10.57
CA LEU A 823 41.25 -12.34 10.54
C LEU A 823 40.44 -11.47 11.52
N LEU A 824 41.08 -10.91 12.54
CA LEU A 824 40.31 -10.17 13.58
C LEU A 824 40.77 -8.70 13.68
N VAL A 825 39.86 -7.76 13.44
CA VAL A 825 40.18 -6.35 13.62
C VAL A 825 39.96 -6.01 15.10
N THR A 826 41.01 -5.56 15.77
CA THR A 826 40.93 -5.34 17.20
C THR A 826 41.72 -4.09 17.58
N HIS A 827 41.31 -3.47 18.69
CA HIS A 827 42.08 -2.41 19.32
C HIS A 827 42.34 -2.73 20.79
N ALA A 828 42.29 -4.00 21.16
CA ALA A 828 42.50 -4.45 22.53
C ALA A 828 43.72 -5.36 22.58
N ILE A 829 44.64 -5.06 23.50
CA ILE A 829 45.91 -5.78 23.56
C ILE A 829 45.78 -7.11 24.28
N SER A 830 44.70 -7.32 25.03
CA SER A 830 44.62 -8.44 25.96
C SER A 830 44.83 -9.78 25.26
N TYR A 831 44.34 -9.90 24.03
CA TYR A 831 44.42 -11.20 23.31
C TYR A 831 45.54 -11.18 22.26
N LEU A 832 46.25 -10.06 22.14
CA LEU A 832 47.27 -9.93 21.09
C LEU A 832 48.37 -10.98 21.18
N PRO A 833 48.95 -11.31 22.35
CA PRO A 833 50.02 -12.32 22.38
C PRO A 833 49.59 -13.69 21.89
N GLN A 834 48.30 -14.02 21.95
CA GLN A 834 47.83 -15.31 21.46
C GLN A 834 47.67 -15.34 19.94
N MET A 835 47.73 -14.17 19.30
CA MET A 835 47.53 -14.08 17.83
C MET A 835 48.77 -14.63 17.11
N ASP A 836 48.58 -15.45 16.08
CA ASP A 836 49.70 -15.97 15.30
C ASP A 836 50.41 -14.87 14.53
N VAL A 837 49.65 -14.03 13.82
CA VAL A 837 50.22 -12.95 13.03
C VAL A 837 49.49 -11.66 13.38
N ILE A 838 50.26 -10.59 13.56
CA ILE A 838 49.72 -9.27 13.82
C ILE A 838 50.04 -8.38 12.63
N ILE A 839 49.01 -7.92 11.94
CA ILE A 839 49.14 -6.98 10.84
C ILE A 839 48.85 -5.60 11.41
N VAL A 840 49.90 -4.88 11.75
CA VAL A 840 49.77 -3.51 12.25
C VAL A 840 49.97 -2.55 11.10
N MET A 841 49.09 -1.58 10.96
CA MET A 841 49.10 -0.65 9.84
C MET A 841 48.88 0.76 10.36
N SER A 842 49.16 1.72 9.48
CA SER A 842 49.05 3.14 9.83
C SER A 842 48.70 3.92 8.58
N GLY A 843 47.58 4.62 8.60
CA GLY A 843 47.17 5.39 7.44
C GLY A 843 46.90 4.55 6.22
N GLY A 844 46.27 3.40 6.39
CA GLY A 844 45.97 2.53 5.27
C GLY A 844 47.19 2.00 4.56
N LYS A 845 48.26 1.70 5.28
CA LYS A 845 49.48 1.18 4.70
C LYS A 845 50.05 0.08 5.59
N ILE A 846 50.50 -1.01 4.97
CA ILE A 846 51.10 -2.09 5.73
C ILE A 846 52.37 -1.59 6.42
N SER A 847 52.43 -1.81 7.74
CA SER A 847 53.53 -1.29 8.56
C SER A 847 54.08 -2.41 9.43
N GLU A 848 55.11 -3.09 8.94
CA GLU A 848 55.87 -4.11 9.66
C GLU A 848 54.95 -5.11 10.39
N MET A 849 54.25 -5.88 9.58
CA MET A 849 53.45 -7.00 10.09
C MET A 849 54.37 -8.09 10.62
N GLY A 850 53.84 -8.90 11.52
CA GLY A 850 54.60 -10.00 12.08
C GLY A 850 53.93 -10.56 13.31
N SER A 851 54.59 -11.54 13.91
CA SER A 851 54.08 -12.15 15.12
C SER A 851 54.36 -11.28 16.34
N TYR A 852 53.62 -11.54 17.41
CA TYR A 852 53.62 -10.64 18.57
C TYR A 852 55.01 -10.52 19.19
N GLN A 853 55.64 -11.65 19.48
CA GLN A 853 56.96 -11.60 20.11
C GLN A 853 58.00 -10.97 19.20
N GLU A 854 57.99 -11.33 17.92
CA GLU A 854 58.93 -10.73 16.98
C GLU A 854 58.69 -9.23 16.83
N LEU A 855 57.43 -8.82 16.74
CA LEU A 855 57.13 -7.40 16.62
C LEU A 855 57.56 -6.63 17.86
N LEU A 856 57.34 -7.20 19.04
CA LEU A 856 57.79 -6.56 20.27
C LEU A 856 59.31 -6.46 20.31
N ALA A 857 60.01 -7.52 19.88
CA ALA A 857 61.47 -7.48 19.85
C ALA A 857 61.98 -6.42 18.87
N ARG A 858 61.30 -6.27 17.73
CA ARG A 858 61.73 -5.29 16.74
C ARG A 858 61.64 -3.87 17.29
N ASP A 859 60.69 -3.62 18.19
CA ASP A 859 60.53 -2.33 18.85
C ASP A 859 60.34 -1.21 17.84
N GLY A 860 59.33 -1.37 16.99
CA GLY A 860 59.02 -0.36 16.00
C GLY A 860 57.60 0.15 16.07
N ALA A 861 56.84 -0.03 14.99
CA ALA A 861 55.48 0.47 14.93
C ALA A 861 54.59 -0.23 15.95
N PHE A 862 54.80 -1.53 16.17
CA PHE A 862 53.97 -2.23 17.15
C PHE A 862 54.30 -1.78 18.57
N ALA A 863 55.56 -1.53 18.86
CA ALA A 863 55.92 -0.99 20.16
C ALA A 863 55.31 0.40 20.36
N GLU A 864 55.32 1.22 19.31
CA GLU A 864 54.70 2.53 19.38
C GLU A 864 53.20 2.41 19.64
N PHE A 865 52.56 1.48 18.94
CA PHE A 865 51.13 1.21 19.14
C PHE A 865 50.84 0.79 20.58
N LEU A 866 51.65 -0.13 21.11
CA LEU A 866 51.45 -0.55 22.49
C LEU A 866 51.64 0.61 23.46
N ARG A 867 52.61 1.48 23.17
CA ARG A 867 52.86 2.63 24.03
C ARG A 867 51.73 3.66 23.94
N THR A 868 50.95 3.64 22.86
CA THR A 868 49.87 4.63 22.72
C THR A 868 48.90 4.56 23.89
N TYR A 869 48.56 3.36 24.35
CA TYR A 869 47.73 3.21 25.54
C TYR A 869 48.00 1.88 26.25
N GLY A 955 -16.24 -9.79 9.95
CA GLY A 955 -17.65 -9.52 9.73
C GLY A 955 -17.92 -8.09 9.31
N GLN A 956 -19.18 -7.82 9.00
CA GLN A 956 -19.60 -6.50 8.58
C GLN A 956 -19.48 -5.51 9.75
N VAL A 957 -19.10 -4.29 9.44
CA VAL A 957 -19.05 -3.24 10.44
C VAL A 957 -20.47 -2.79 10.75
N LYS A 958 -20.76 -2.64 12.05
CA LYS A 958 -22.12 -2.34 12.49
C LYS A 958 -22.51 -0.91 12.12
N LEU A 959 -23.82 -0.67 12.07
CA LEU A 959 -24.34 0.66 11.78
C LEU A 959 -24.04 1.64 12.90
N SER A 960 -23.66 1.15 14.09
CA SER A 960 -23.29 2.04 15.17
C SER A 960 -22.06 2.87 14.82
N VAL A 961 -21.11 2.29 14.09
CA VAL A 961 -19.91 3.04 13.71
C VAL A 961 -20.25 4.09 12.65
N TYR A 962 -21.15 3.75 11.72
CA TYR A 962 -21.64 4.74 10.78
C TYR A 962 -22.33 5.89 11.48
N TRP A 963 -23.17 5.58 12.47
CA TRP A 963 -23.81 6.64 13.25
C TRP A 963 -22.81 7.43 14.07
N ASP A 964 -21.74 6.79 14.53
CA ASP A 964 -20.68 7.50 15.25
C ASP A 964 -19.99 8.50 14.34
N TYR A 965 -19.70 8.11 13.11
CA TYR A 965 -19.13 9.07 12.16
C TYR A 965 -20.12 10.18 11.83
N MET A 966 -21.41 9.83 11.71
CA MET A 966 -22.45 10.82 11.47
C MET A 966 -22.50 11.84 12.60
N LYS A 967 -22.38 11.39 13.84
CA LYS A 967 -22.30 12.30 14.97
C LYS A 967 -21.03 13.14 14.92
N ALA A 968 -19.91 12.52 14.53
CA ALA A 968 -18.65 13.23 14.48
C ALA A 968 -18.61 14.21 13.30
N ILE A 969 -19.19 13.82 12.17
CA ILE A 969 -19.24 14.68 11.00
C ILE A 969 -20.11 15.91 11.23
N GLY A 970 -20.88 15.92 12.31
CA GLY A 970 -21.84 16.98 12.54
C GLY A 970 -23.22 16.59 12.06
N LEU A 971 -24.16 16.42 12.99
CA LEU A 971 -25.50 16.00 12.62
C LEU A 971 -26.15 17.00 11.67
N PHE A 972 -26.04 18.29 11.98
CA PHE A 972 -26.57 19.30 11.07
C PHE A 972 -25.84 19.27 9.73
N ILE A 973 -24.52 19.12 9.75
CA ILE A 973 -23.77 19.06 8.51
C ILE A 973 -24.18 17.86 7.68
N SER A 974 -24.34 16.70 8.32
CA SER A 974 -24.72 15.48 7.59
C SER A 974 -26.11 15.62 6.99
N PHE A 975 -27.08 16.08 7.79
CA PHE A 975 -28.43 16.21 7.27
C PHE A 975 -28.54 17.30 6.22
N LEU A 976 -27.78 18.39 6.38
CA LEU A 976 -27.74 19.42 5.34
C LEU A 976 -27.14 18.87 4.05
N SER A 977 -26.09 18.05 4.16
CA SER A 977 -25.51 17.45 2.96
C SER A 977 -26.51 16.53 2.27
N ILE A 978 -27.22 15.71 3.05
CA ILE A 978 -28.19 14.81 2.45
C ILE A 978 -29.32 15.60 1.78
N PHE A 979 -29.84 16.64 2.45
CA PHE A 979 -30.90 17.44 1.84
C PHE A 979 -30.41 18.17 0.60
N LEU A 980 -29.21 18.74 0.66
CA LEU A 980 -28.66 19.47 -0.48
C LEU A 980 -28.49 18.54 -1.67
N PHE A 981 -27.97 17.33 -1.42
CA PHE A 981 -27.68 16.46 -2.56
C PHE A 981 -28.96 15.78 -3.06
N LEU A 982 -29.96 15.64 -2.19
CA LEU A 982 -31.31 15.35 -2.65
C LEU A 982 -31.81 16.42 -3.60
N CYS A 983 -31.62 17.69 -3.24
CA CYS A 983 -31.97 18.77 -4.16
C CYS A 983 -31.19 18.69 -5.45
N ASN A 984 -29.92 18.29 -5.37
CA ASN A 984 -29.10 18.08 -6.56
C ASN A 984 -29.76 17.09 -7.51
N HIS A 985 -30.09 15.91 -6.99
CA HIS A 985 -30.63 14.89 -7.90
C HIS A 985 -32.06 15.20 -8.31
N VAL A 986 -32.84 15.84 -7.46
CA VAL A 986 -34.19 16.26 -7.85
C VAL A 986 -34.10 17.29 -8.97
N ALA A 987 -33.15 18.23 -8.86
CA ALA A 987 -32.96 19.22 -9.91
C ALA A 987 -32.51 18.57 -11.20
N SER A 988 -31.60 17.58 -11.11
CA SER A 988 -31.16 16.88 -12.31
C SER A 988 -32.32 16.14 -12.99
N LEU A 989 -33.10 15.39 -12.20
CA LEU A 989 -34.22 14.65 -12.76
C LEU A 989 -35.27 15.59 -13.34
N VAL A 990 -35.56 16.68 -12.65
CA VAL A 990 -36.56 17.64 -13.12
C VAL A 990 -36.05 18.36 -14.37
N SER A 991 -34.75 18.64 -14.43
CA SER A 991 -34.17 19.24 -15.63
C SER A 991 -34.28 18.32 -16.82
N ASN A 992 -34.01 17.03 -16.63
CA ASN A 992 -34.13 16.09 -17.73
C ASN A 992 -35.59 15.87 -18.14
N TYR A 993 -36.52 15.87 -17.17
CA TYR A 993 -37.93 15.78 -17.50
C TYR A 993 -38.42 17.03 -18.20
N TRP A 994 -37.88 18.19 -17.82
CA TRP A 994 -38.20 19.44 -18.51
C TRP A 994 -37.69 19.42 -19.94
N LEU A 995 -36.49 18.84 -20.14
CA LEU A 995 -35.99 18.65 -21.50
C LEU A 995 -36.90 17.71 -22.28
N SER A 996 -37.41 16.67 -21.62
CA SER A 996 -38.35 15.75 -22.27
C SER A 996 -39.62 16.48 -22.70
N LEU A 997 -40.16 17.33 -21.83
CA LEU A 997 -41.34 18.12 -22.20
C LEU A 997 -41.01 19.09 -23.33
N TRP A 998 -39.81 19.66 -23.30
CA TRP A 998 -39.36 20.58 -24.34
C TRP A 998 -39.29 19.89 -25.69
N THR A 999 -38.84 18.63 -25.71
CA THR A 999 -38.76 17.88 -26.95
C THR A 999 -40.12 17.52 -27.51
N ASP A 1000 -41.16 17.49 -26.67
CA ASP A 1000 -42.51 17.21 -27.11
C ASP A 1000 -43.26 18.45 -27.57
N ASP A 1001 -42.62 19.62 -27.51
CA ASP A 1001 -43.31 20.85 -27.84
C ASP A 1001 -43.70 20.87 -29.30
N PRO A 1002 -44.94 21.28 -29.68
CA PRO A 1002 -45.33 21.40 -31.09
C PRO A 1002 -44.52 22.50 -31.78
N ILE A 1003 -44.48 22.49 -33.12
CA ILE A 1003 -43.66 23.48 -33.87
C ILE A 1003 -44.59 24.39 -34.68
N VAL A 1004 -44.64 25.68 -34.33
CA VAL A 1004 -45.46 26.65 -35.11
C VAL A 1004 -44.65 27.07 -36.33
N ASN A 1005 -45.15 26.77 -37.55
CA ASN A 1005 -44.38 27.06 -38.78
C ASN A 1005 -43.04 26.30 -38.68
N GLY A 1006 -41.92 27.03 -38.61
CA GLY A 1006 -40.60 26.38 -38.47
C GLY A 1006 -40.01 26.60 -37.09
N THR A 1007 -40.72 27.33 -36.22
CA THR A 1007 -40.20 27.63 -34.86
C THR A 1007 -41.02 26.88 -33.81
N GLN A 1008 -40.49 26.73 -32.60
CA GLN A 1008 -41.25 26.07 -31.51
C GLN A 1008 -42.15 27.11 -30.83
N GLU A 1009 -43.09 26.66 -29.99
CA GLU A 1009 -44.04 27.57 -29.34
C GLU A 1009 -43.33 28.49 -28.36
N HIS A 1010 -42.82 27.92 -27.27
CA HIS A 1010 -42.14 28.73 -26.22
C HIS A 1010 -40.74 28.14 -25.96
N THR A 1011 -39.75 28.60 -26.73
CA THR A 1011 -38.37 28.14 -26.59
C THR A 1011 -37.61 28.92 -25.52
N GLN A 1012 -37.81 30.24 -25.46
CA GLN A 1012 -37.10 31.06 -24.49
C GLN A 1012 -37.43 30.66 -23.07
N VAL A 1013 -38.72 30.44 -22.77
CA VAL A 1013 -39.13 30.10 -21.42
C VAL A 1013 -38.54 28.75 -21.00
N ARG A 1014 -38.64 27.76 -21.88
CA ARG A 1014 -38.12 26.44 -21.56
C ARG A 1014 -36.61 26.45 -21.39
N LEU A 1015 -35.91 27.20 -22.25
CA LEU A 1015 -34.45 27.30 -22.13
C LEU A 1015 -34.06 28.01 -20.83
N SER A 1016 -34.79 29.06 -20.46
CA SER A 1016 -34.50 29.76 -19.22
C SER A 1016 -34.73 28.86 -18.01
N VAL A 1017 -35.81 28.07 -18.03
CA VAL A 1017 -36.08 27.16 -16.92
C VAL A 1017 -35.01 26.07 -16.85
N TYR A 1018 -34.60 25.56 -18.01
CA TYR A 1018 -33.54 24.56 -18.05
C TYR A 1018 -32.24 25.12 -17.47
N GLY A 1019 -31.89 26.34 -17.86
CA GLY A 1019 -30.70 26.97 -17.33
C GLY A 1019 -30.78 27.23 -15.83
N ALA A 1020 -31.95 27.67 -15.36
CA ALA A 1020 -32.12 27.91 -13.93
C ALA A 1020 -31.98 26.63 -13.13
N LEU A 1021 -32.60 25.54 -13.62
CA LEU A 1021 -32.48 24.26 -12.94
C LEU A 1021 -31.04 23.78 -12.92
N GLY A 1022 -30.33 23.96 -14.03
CA GLY A 1022 -28.94 23.53 -14.07
C GLY A 1022 -28.03 24.35 -13.19
N ILE A 1023 -28.25 25.66 -13.12
CA ILE A 1023 -27.45 26.50 -12.23
C ILE A 1023 -27.73 26.16 -10.78
N SER A 1024 -29.00 25.88 -10.46
CA SER A 1024 -29.33 25.39 -9.12
C SER A 1024 -28.60 24.09 -8.82
N GLN A 1025 -28.56 23.18 -9.79
CA GLN A 1025 -27.86 21.91 -9.60
C GLN A 1025 -26.37 22.14 -9.40
N GLY A 1026 -25.78 23.07 -10.16
CA GLY A 1026 -24.36 23.34 -10.01
C GLY A 1026 -24.00 23.91 -8.66
N ILE A 1027 -24.70 24.97 -8.23
CA ILE A 1027 -24.45 25.52 -6.91
C ILE A 1027 -24.76 24.51 -5.82
N THR A 1028 -25.71 23.61 -6.04
CA THR A 1028 -26.07 22.61 -5.05
C THR A 1028 -25.03 21.50 -4.93
N VAL A 1029 -24.46 21.04 -6.05
CA VAL A 1029 -23.36 20.08 -5.96
C VAL A 1029 -22.14 20.74 -5.33
N PHE A 1030 -21.91 22.02 -5.64
CA PHE A 1030 -20.81 22.75 -5.01
C PHE A 1030 -21.00 22.77 -3.49
N GLY A 1031 -22.17 23.17 -3.03
CA GLY A 1031 -22.48 23.18 -1.62
C GLY A 1031 -22.44 21.83 -0.95
N TYR A 1032 -22.90 20.78 -1.63
CA TYR A 1032 -22.91 19.45 -1.05
C TYR A 1032 -21.51 18.90 -0.88
N SER A 1033 -20.66 19.04 -1.90
CA SER A 1033 -19.27 18.62 -1.74
C SER A 1033 -18.56 19.45 -0.68
N MET A 1034 -18.80 20.77 -0.68
CA MET A 1034 -18.24 21.64 0.35
C MET A 1034 -18.64 21.18 1.75
N ALA A 1035 -19.92 20.90 1.95
CA ALA A 1035 -20.40 20.52 3.27
C ALA A 1035 -19.88 19.15 3.68
N VAL A 1036 -19.81 18.20 2.75
CA VAL A 1036 -19.27 16.89 3.10
C VAL A 1036 -17.81 16.99 3.50
N SER A 1037 -17.02 17.78 2.76
CA SER A 1037 -15.61 17.93 3.14
C SER A 1037 -15.43 18.73 4.42
N ILE A 1038 -16.27 19.74 4.65
CA ILE A 1038 -16.19 20.51 5.90
C ILE A 1038 -16.53 19.61 7.09
N GLY A 1039 -17.59 18.81 6.95
CA GLY A 1039 -17.88 17.82 7.97
C GLY A 1039 -16.79 16.79 8.13
N GLY A 1040 -16.09 16.47 7.04
CA GLY A 1040 -14.97 15.55 7.14
C GLY A 1040 -13.84 16.11 7.99
N ILE A 1041 -13.49 17.38 7.78
CA ILE A 1041 -12.47 17.99 8.63
C ILE A 1041 -12.98 18.13 10.06
N PHE A 1042 -14.27 18.42 10.25
CA PHE A 1042 -14.84 18.48 11.59
C PHE A 1042 -14.69 17.14 12.31
N ALA A 1043 -15.07 16.06 11.64
CA ALA A 1043 -15.00 14.73 12.23
C ALA A 1043 -13.55 14.32 12.46
N SER A 1044 -12.65 14.66 11.54
CA SER A 1044 -11.24 14.34 11.75
C SER A 1044 -10.70 15.06 12.98
N ARG A 1045 -11.03 16.35 13.12
CA ARG A 1045 -10.61 17.09 14.30
C ARG A 1045 -11.14 16.45 15.58
N ARG A 1046 -12.43 16.15 15.62
CA ARG A 1046 -13.02 15.61 16.84
C ARG A 1046 -12.48 14.22 17.16
N LEU A 1047 -12.34 13.37 16.15
CA LEU A 1047 -11.83 12.03 16.38
C LEU A 1047 -10.37 12.05 16.82
N HIS A 1048 -9.55 12.91 16.21
CA HIS A 1048 -8.16 13.03 16.66
C HIS A 1048 -8.09 13.56 18.08
N LEU A 1049 -8.90 14.56 18.41
CA LEU A 1049 -8.88 15.11 19.76
C LEU A 1049 -9.31 14.06 20.79
N ASP A 1050 -10.36 13.30 20.48
CA ASP A 1050 -10.81 12.27 21.41
C ASP A 1050 -9.80 11.15 21.55
N LEU A 1051 -9.19 10.73 20.43
CA LEU A 1051 -8.16 9.70 20.51
C LEU A 1051 -6.97 10.17 21.32
N LEU A 1052 -6.53 11.41 21.11
CA LEU A 1052 -5.41 11.93 21.87
C LEU A 1052 -5.73 12.04 23.35
N HIS A 1053 -6.94 12.52 23.68
CA HIS A 1053 -7.31 12.64 25.08
C HIS A 1053 -7.38 11.26 25.74
N ASN A 1054 -7.98 10.29 25.05
CA ASN A 1054 -8.07 8.92 25.62
C ASN A 1054 -6.67 8.35 25.80
N VAL A 1055 -5.79 8.52 24.81
CA VAL A 1055 -4.46 7.95 24.88
C VAL A 1055 -3.66 8.58 26.01
N LEU A 1056 -3.71 9.91 26.14
CA LEU A 1056 -2.95 10.59 27.17
C LEU A 1056 -3.50 10.30 28.56
N ARG A 1057 -4.82 10.20 28.69
CA ARG A 1057 -5.42 9.91 29.98
C ARG A 1057 -5.30 8.45 30.38
N SER A 1058 -4.97 7.57 29.44
CA SER A 1058 -4.84 6.16 29.75
C SER A 1058 -3.62 5.91 30.62
N PRO A 1059 -3.69 4.91 31.51
CA PRO A 1059 -2.56 4.61 32.38
C PRO A 1059 -1.36 4.09 31.60
N ILE A 1060 -0.21 4.10 32.28
CA ILE A 1060 1.02 3.60 31.67
C ILE A 1060 0.92 2.11 31.38
N SER A 1061 0.12 1.39 32.18
CA SER A 1061 -0.08 -0.03 31.92
C SER A 1061 -0.64 -0.27 30.53
N PHE A 1062 -1.54 0.59 30.07
CA PHE A 1062 -2.05 0.46 28.71
C PHE A 1062 -0.93 0.62 27.68
N PHE A 1063 -0.05 1.60 27.91
CA PHE A 1063 1.04 1.84 26.96
C PHE A 1063 1.99 0.65 26.90
N GLU A 1064 2.31 0.06 28.05
CA GLU A 1064 3.21 -1.08 28.03
C GLU A 1064 2.52 -2.33 27.51
N ARG A 1065 1.19 -2.41 27.62
CA ARG A 1065 0.47 -3.59 27.14
C ARG A 1065 0.32 -3.56 25.62
N THR A 1066 -0.37 -2.57 25.09
CA THR A 1066 -0.56 -2.48 23.66
C THR A 1066 0.75 -2.10 22.99
N PRO A 1067 1.18 -2.81 21.94
CA PRO A 1067 2.40 -2.42 21.24
C PRO A 1067 2.27 -1.02 20.67
N SER A 1068 3.37 -0.28 20.69
CA SER A 1068 3.36 1.07 20.13
C SER A 1068 3.06 1.06 18.65
N GLY A 1069 3.25 -0.08 17.98
CA GLY A 1069 2.90 -0.18 16.58
C GLY A 1069 1.42 0.07 16.33
N ASN A 1070 0.55 -0.47 17.20
CA ASN A 1070 -0.88 -0.26 17.02
C ASN A 1070 -1.27 1.20 17.30
N LEU A 1071 -0.62 1.84 18.28
CA LEU A 1071 -0.90 3.25 18.55
C LEU A 1071 -0.48 4.13 17.38
N VAL A 1072 0.70 3.87 16.80
CA VAL A 1072 1.11 4.61 15.62
C VAL A 1072 0.19 4.31 14.45
N ASN A 1073 -0.30 3.07 14.34
CA ASN A 1073 -1.30 2.74 13.33
C ASN A 1073 -2.54 3.62 13.49
N ARG A 1074 -3.07 3.70 14.71
CA ARG A 1074 -4.23 4.54 14.98
C ARG A 1074 -3.95 5.99 14.59
N PHE A 1075 -2.80 6.52 15.01
CA PHE A 1075 -2.52 7.94 14.83
C PHE A 1075 -2.10 8.29 13.41
N SER A 1076 -1.74 7.32 12.57
CA SER A 1076 -1.30 7.62 11.22
C SER A 1076 -2.28 7.11 10.16
N LYS A 1077 -2.52 5.81 10.08
CA LYS A 1077 -3.27 5.33 8.92
C LYS A 1077 -4.76 5.49 9.09
N GLU A 1078 -5.28 5.25 10.30
CA GLU A 1078 -6.70 5.48 10.54
C GLU A 1078 -7.04 6.96 10.41
N LEU A 1079 -6.17 7.84 10.91
CA LEU A 1079 -6.39 9.27 10.72
C LEU A 1079 -6.33 9.64 9.25
N ASP A 1080 -5.39 9.08 8.49
CA ASP A 1080 -5.32 9.38 7.07
C ASP A 1080 -6.58 8.94 6.34
N THR A 1081 -7.11 7.77 6.68
CA THR A 1081 -8.34 7.31 6.03
C THR A 1081 -9.53 8.17 6.43
N VAL A 1082 -9.63 8.52 7.71
CA VAL A 1082 -10.79 9.26 8.19
C VAL A 1082 -10.80 10.69 7.63
N ASP A 1083 -9.67 11.37 7.67
CA ASP A 1083 -9.64 12.80 7.34
C ASP A 1083 -9.67 13.07 5.85
N SER A 1084 -9.19 12.13 5.02
CA SER A 1084 -8.97 12.41 3.61
C SER A 1084 -9.92 11.63 2.70
N MET A 1085 -9.93 10.30 2.80
CA MET A 1085 -10.57 9.52 1.74
C MET A 1085 -11.96 9.04 2.13
N ILE A 1086 -12.29 9.00 3.42
CA ILE A 1086 -13.68 8.76 3.82
C ILE A 1086 -14.63 9.80 3.26
N PRO A 1087 -14.34 11.11 3.30
CA PRO A 1087 -15.28 12.07 2.68
C PRO A 1087 -15.47 11.84 1.19
N GLN A 1088 -14.40 11.52 0.46
CA GLN A 1088 -14.54 11.25 -0.96
C GLN A 1088 -15.37 10.00 -1.19
N VAL A 1089 -15.16 8.96 -0.37
CA VAL A 1089 -15.94 7.75 -0.48
C VAL A 1089 -17.41 8.06 -0.25
N ILE A 1090 -17.72 8.87 0.75
CA ILE A 1090 -19.10 9.23 1.04
C ILE A 1090 -19.72 9.98 -0.13
N LYS A 1091 -19.00 10.97 -0.66
CA LYS A 1091 -19.54 11.76 -1.77
C LYS A 1091 -19.81 10.88 -2.98
N MET A 1092 -18.85 10.04 -3.35
CA MET A 1092 -18.99 9.23 -4.54
C MET A 1092 -20.05 8.14 -4.36
N PHE A 1093 -20.13 7.55 -3.17
CA PHE A 1093 -21.16 6.54 -2.90
C PHE A 1093 -22.56 7.15 -2.93
N MET A 1094 -22.75 8.31 -2.28
CA MET A 1094 -24.05 8.96 -2.32
C MET A 1094 -24.42 9.32 -3.75
N GLY A 1095 -23.47 9.88 -4.51
CA GLY A 1095 -23.76 10.24 -5.89
C GLY A 1095 -24.17 9.05 -6.72
N SER A 1096 -23.42 7.94 -6.61
CA SER A 1096 -23.77 6.74 -7.37
C SER A 1096 -25.10 6.15 -6.95
N LEU A 1097 -25.36 6.08 -5.64
CA LEU A 1097 -26.61 5.50 -5.16
C LEU A 1097 -27.81 6.30 -5.65
N PHE A 1098 -27.75 7.61 -5.53
CA PHE A 1098 -28.89 8.39 -5.98
C PHE A 1098 -28.96 8.52 -7.49
N ASN A 1099 -27.84 8.36 -8.20
CA ASN A 1099 -27.92 8.26 -9.65
C ASN A 1099 -28.67 7.00 -10.07
N VAL A 1100 -28.38 5.88 -9.40
CA VAL A 1100 -29.12 4.65 -9.67
C VAL A 1100 -30.60 4.82 -9.31
N ILE A 1101 -30.86 5.45 -8.17
CA ILE A 1101 -32.24 5.67 -7.73
C ILE A 1101 -32.99 6.55 -8.71
N GLY A 1102 -32.34 7.63 -9.18
CA GLY A 1102 -32.97 8.51 -10.14
C GLY A 1102 -33.22 7.84 -11.47
N ALA A 1103 -32.27 7.00 -11.92
CA ALA A 1103 -32.49 6.26 -13.16
C ALA A 1103 -33.68 5.31 -13.02
N CYS A 1104 -33.79 4.62 -11.89
CA CYS A 1104 -34.95 3.76 -11.67
C CYS A 1104 -36.24 4.59 -11.61
N ILE A 1105 -36.18 5.76 -10.98
CA ILE A 1105 -37.37 6.62 -10.88
C ILE A 1105 -37.82 7.05 -12.26
N ILE A 1106 -36.86 7.46 -13.10
CA ILE A 1106 -37.19 7.89 -14.46
C ILE A 1106 -37.75 6.73 -15.29
N ILE A 1107 -37.15 5.55 -15.16
CA ILE A 1107 -37.66 4.39 -15.88
C ILE A 1107 -39.08 4.06 -15.46
N LEU A 1108 -39.35 4.10 -14.14
CA LEU A 1108 -40.69 3.84 -13.65
C LEU A 1108 -41.68 4.90 -14.13
N LEU A 1109 -41.28 6.17 -14.13
CA LEU A 1109 -42.19 7.21 -14.59
C LEU A 1109 -42.51 7.04 -16.07
N ALA A 1110 -41.48 6.81 -16.89
CA ALA A 1110 -41.71 6.62 -18.32
C ALA A 1110 -42.46 5.32 -18.58
N THR A 1111 -41.99 4.21 -18.02
CA THR A 1111 -42.60 2.90 -18.21
C THR A 1111 -42.84 2.27 -16.84
N PRO A 1112 -44.02 2.49 -16.26
CA PRO A 1112 -44.30 1.89 -14.93
C PRO A 1112 -44.26 0.38 -14.92
N MET A 1113 -44.65 -0.26 -16.02
CA MET A 1113 -44.63 -1.73 -16.06
C MET A 1113 -43.25 -2.29 -15.80
N ALA A 1114 -42.18 -1.53 -16.10
CA ALA A 1114 -40.82 -1.98 -15.84
C ALA A 1114 -40.59 -2.32 -14.38
N ALA A 1115 -41.52 -1.99 -13.49
CA ALA A 1115 -41.39 -2.43 -12.10
C ALA A 1115 -41.30 -3.96 -12.00
N VAL A 1116 -41.85 -4.69 -12.98
CA VAL A 1116 -41.77 -6.13 -12.96
C VAL A 1116 -40.33 -6.63 -13.02
N ILE A 1117 -39.38 -5.79 -13.47
CA ILE A 1117 -37.98 -6.17 -13.49
C ILE A 1117 -37.26 -5.81 -12.20
N ILE A 1118 -37.86 -4.98 -11.34
CA ILE A 1118 -37.17 -4.53 -10.14
C ILE A 1118 -36.79 -5.67 -9.20
N PRO A 1119 -37.68 -6.60 -8.86
CA PRO A 1119 -37.30 -7.65 -7.90
C PRO A 1119 -36.14 -8.50 -8.41
N PRO A 1120 -36.29 -9.22 -9.56
CA PRO A 1120 -35.27 -10.23 -9.90
C PRO A 1120 -33.88 -9.62 -10.03
N LEU A 1121 -33.76 -8.61 -10.90
CA LEU A 1121 -32.51 -7.88 -11.04
C LEU A 1121 -32.04 -7.40 -9.68
N GLY A 1122 -32.92 -6.78 -8.91
CA GLY A 1122 -32.55 -6.32 -7.59
C GLY A 1122 -32.01 -7.46 -6.74
N LEU A 1123 -32.72 -8.60 -6.75
CA LEU A 1123 -32.23 -9.77 -6.06
C LEU A 1123 -30.81 -10.09 -6.48
N ILE A 1124 -30.59 -10.16 -7.80
CA ILE A 1124 -29.24 -10.44 -8.30
C ILE A 1124 -28.27 -9.42 -7.73
N TYR A 1125 -28.64 -8.14 -7.84
CA TYR A 1125 -27.77 -7.10 -7.32
C TYR A 1125 -27.42 -7.38 -5.87
N PHE A 1126 -28.45 -7.62 -5.04
CA PHE A 1126 -28.22 -7.88 -3.63
C PHE A 1126 -27.25 -9.04 -3.48
N PHE A 1127 -27.54 -10.16 -4.14
CA PHE A 1127 -26.66 -11.32 -4.03
C PHE A 1127 -25.25 -10.94 -4.42
N VAL A 1128 -25.09 -10.32 -5.61
CA VAL A 1128 -23.76 -9.94 -6.06
C VAL A 1128 -23.10 -9.04 -5.04
N GLN A 1129 -23.85 -8.03 -4.58
CA GLN A 1129 -23.31 -7.10 -3.60
C GLN A 1129 -22.75 -7.87 -2.41
N ARG A 1130 -23.55 -8.77 -1.85
CA ARG A 1130 -23.09 -9.55 -0.71
C ARG A 1130 -21.80 -10.26 -1.04
N PHE A 1131 -21.80 -11.03 -2.13
CA PHE A 1131 -20.64 -11.85 -2.46
C PHE A 1131 -19.43 -11.01 -2.77
N TYR A 1132 -19.62 -9.74 -3.12
CA TYR A 1132 -18.46 -8.87 -3.28
C TYR A 1132 -18.05 -8.29 -1.93
N VAL A 1133 -19.01 -7.71 -1.21
CA VAL A 1133 -18.67 -6.92 -0.04
C VAL A 1133 -18.00 -7.79 1.02
N ALA A 1134 -18.54 -8.98 1.26
CA ALA A 1134 -17.92 -9.88 2.21
C ALA A 1134 -16.54 -10.32 1.76
N SER A 1135 -16.36 -10.55 0.45
CA SER A 1135 -15.12 -11.15 -0.03
C SER A 1135 -14.03 -10.13 -0.27
N SER A 1136 -14.34 -9.06 -1.00
CA SER A 1136 -13.30 -8.10 -1.40
C SER A 1136 -12.59 -7.52 -0.19
N ARG A 1137 -13.35 -7.16 0.85
CA ARG A 1137 -12.73 -6.67 2.09
C ARG A 1137 -11.68 -7.64 2.58
N GLN A 1138 -12.03 -8.92 2.66
CA GLN A 1138 -11.06 -9.92 3.10
C GLN A 1138 -9.86 -9.97 2.18
N LEU A 1139 -10.07 -9.77 0.88
CA LEU A 1139 -8.94 -9.73 -0.04
C LEU A 1139 -8.21 -8.39 0.04
N LYS A 1140 -8.90 -7.32 0.42
CA LYS A 1140 -8.23 -6.04 0.60
C LYS A 1140 -7.57 -5.92 1.97
N ARG A 1141 -7.89 -6.82 2.90
CA ARG A 1141 -7.15 -6.90 4.14
C ARG A 1141 -5.86 -7.69 3.95
N LEU A 1142 -5.96 -8.87 3.34
CA LEU A 1142 -4.79 -9.70 3.10
C LEU A 1142 -3.75 -8.97 2.25
N GLU A 1143 -4.20 -8.07 1.37
CA GLU A 1143 -3.25 -7.26 0.61
C GLU A 1143 -2.50 -6.31 1.55
N SER A 1144 -3.22 -5.61 2.43
CA SER A 1144 -2.59 -4.62 3.29
C SER A 1144 -1.56 -5.26 4.21
N VAL A 1145 -1.87 -6.43 4.76
CA VAL A 1145 -0.92 -7.13 5.61
C VAL A 1145 0.22 -7.76 4.83
N SER A 1146 0.13 -7.83 3.51
CA SER A 1146 1.17 -8.49 2.72
C SER A 1146 2.07 -7.52 1.97
N ARG A 1147 1.65 -6.26 1.83
CA ARG A 1147 2.46 -5.29 1.10
C ARG A 1147 3.63 -4.78 1.93
N SER A 1148 3.37 -4.44 3.18
CA SER A 1148 4.42 -3.90 4.04
C SER A 1148 5.58 -4.86 4.28
N PRO A 1149 5.38 -6.18 4.54
CA PRO A 1149 6.52 -7.11 4.68
C PRO A 1149 7.50 -7.03 3.51
N VAL A 1150 6.99 -6.84 2.28
CA VAL A 1150 7.87 -6.81 1.07
C VAL A 1150 8.93 -5.73 1.27
N TYR A 1151 8.52 -4.53 1.71
CA TYR A 1151 9.46 -3.40 1.88
C TYR A 1151 10.29 -3.64 3.14
N SER A 1152 9.67 -4.16 4.20
CA SER A 1152 10.40 -4.48 5.43
C SER A 1152 11.55 -5.42 5.12
N HIS A 1153 11.26 -6.52 4.43
CA HIS A 1153 12.32 -7.43 4.03
C HIS A 1153 13.39 -6.70 3.24
N PHE A 1154 12.97 -5.91 2.25
CA PHE A 1154 13.94 -5.15 1.47
C PHE A 1154 14.77 -4.26 2.39
N ASN A 1155 14.09 -3.54 3.28
CA ASN A 1155 14.80 -2.62 4.22
C ASN A 1155 15.87 -3.42 4.98
N GLU A 1156 15.49 -4.55 5.57
CA GLU A 1156 16.47 -5.37 6.36
C GLU A 1156 17.57 -5.83 5.40
N THR A 1157 17.21 -6.25 4.18
CA THR A 1157 18.23 -6.66 3.19
C THR A 1157 19.15 -5.46 2.92
N LEU A 1158 18.56 -4.29 2.67
CA LEU A 1158 19.36 -3.07 2.42
C LEU A 1158 20.33 -2.84 3.59
N LEU A 1159 19.92 -3.19 4.82
CA LEU A 1159 20.78 -2.90 5.95
C LEU A 1159 21.97 -3.85 6.01
N GLY A 1160 21.77 -5.11 5.62
CA GLY A 1160 22.82 -6.10 5.73
C GLY A 1160 23.28 -6.67 4.41
N VAL A 1161 23.41 -5.81 3.39
CA VAL A 1161 23.88 -6.28 2.08
C VAL A 1161 25.26 -6.90 2.20
N SER A 1162 26.13 -6.31 3.02
CA SER A 1162 27.48 -6.84 3.19
C SER A 1162 27.45 -8.24 3.80
N VAL A 1163 26.56 -8.47 4.77
CA VAL A 1163 26.45 -9.79 5.37
C VAL A 1163 25.92 -10.81 4.37
N ILE A 1164 24.92 -10.42 3.58
CA ILE A 1164 24.37 -11.32 2.57
C ILE A 1164 25.43 -11.67 1.54
N ARG A 1165 26.21 -10.68 1.09
CA ARG A 1165 27.27 -10.94 0.13
C ARG A 1165 28.36 -11.82 0.71
N ALA A 1166 28.75 -11.57 1.96
CA ALA A 1166 29.86 -12.30 2.57
C ALA A 1166 29.54 -13.78 2.74
N PHE A 1167 28.31 -14.10 3.14
CA PHE A 1167 27.86 -15.47 3.32
C PHE A 1167 27.36 -16.10 2.02
N GLU A 1168 27.52 -15.38 0.90
CA GLU A 1168 27.08 -15.89 -0.42
C GLU A 1168 25.63 -16.38 -0.34
N GLU A 1169 24.77 -15.67 0.39
CA GLU A 1169 23.36 -16.03 0.46
C GLU A 1169 22.48 -15.07 -0.34
N GLN A 1170 23.00 -14.53 -1.44
CA GLN A 1170 22.21 -13.60 -2.25
C GLN A 1170 21.01 -14.29 -2.87
N GLU A 1171 21.18 -15.53 -3.35
CA GLU A 1171 20.06 -16.24 -3.98
C GLU A 1171 18.96 -16.54 -2.97
N ARG A 1172 19.32 -16.85 -1.73
CA ARG A 1172 18.30 -17.09 -0.71
C ARG A 1172 17.44 -15.85 -0.48
N PHE A 1173 18.08 -14.68 -0.38
CA PHE A 1173 17.32 -13.45 -0.15
C PHE A 1173 16.54 -13.05 -1.39
N ILE A 1174 17.06 -13.31 -2.58
CA ILE A 1174 16.31 -13.07 -3.82
C ILE A 1174 15.06 -13.93 -3.84
N ARG A 1175 15.20 -15.20 -3.46
CA ARG A 1175 14.04 -16.09 -3.43
C ARG A 1175 13.04 -15.67 -2.35
N GLN A 1176 13.53 -15.19 -1.21
CA GLN A 1176 12.63 -14.71 -0.17
C GLN A 1176 11.85 -13.48 -0.65
N SER A 1177 12.53 -12.56 -1.35
CA SER A 1177 11.82 -11.41 -1.91
C SER A 1177 10.82 -11.86 -2.96
N ASP A 1178 11.18 -12.84 -3.77
CA ASP A 1178 10.22 -13.39 -4.74
C ASP A 1178 9.01 -13.95 -4.04
N LEU A 1179 9.21 -14.67 -2.93
CA LEU A 1179 8.09 -15.23 -2.17
C LEU A 1179 7.22 -14.13 -1.58
N LYS A 1180 7.84 -13.08 -1.05
CA LYS A 1180 7.07 -11.97 -0.48
C LYS A 1180 6.23 -11.28 -1.53
N VAL A 1181 6.83 -10.99 -2.69
CA VAL A 1181 6.08 -10.36 -3.77
C VAL A 1181 5.00 -11.30 -4.29
N ASP A 1182 5.28 -12.60 -4.32
CA ASP A 1182 4.28 -13.56 -4.76
C ASP A 1182 3.09 -13.61 -3.81
N GLU A 1183 3.34 -13.55 -2.50
CA GLU A 1183 2.22 -13.48 -1.56
C GLU A 1183 1.42 -12.20 -1.73
N ASN A 1184 2.12 -11.08 -1.93
CA ASN A 1184 1.41 -9.83 -2.17
C ASN A 1184 0.55 -9.90 -3.43
N GLN A 1185 1.09 -10.48 -4.50
CA GLN A 1185 0.33 -10.59 -5.74
C GLN A 1185 -0.79 -11.62 -5.63
N LYS A 1186 -0.60 -12.66 -4.81
CA LYS A 1186 -1.69 -13.61 -4.56
C LYS A 1186 -2.81 -12.96 -3.77
N ALA A 1187 -2.49 -11.94 -2.96
CA ALA A 1187 -3.53 -11.17 -2.31
C ALA A 1187 -4.17 -10.16 -3.27
N TYR A 1188 -3.38 -9.60 -4.19
CA TYR A 1188 -3.84 -8.48 -5.01
C TYR A 1188 -4.61 -8.94 -6.26
N TYR A 1189 -4.21 -10.05 -6.86
CA TYR A 1189 -4.85 -10.52 -8.08
C TYR A 1189 -6.33 -10.87 -7.86
N PRO A 1190 -6.71 -11.66 -6.85
CA PRO A 1190 -8.15 -11.83 -6.59
C PRO A 1190 -8.84 -10.52 -6.27
N SER A 1191 -8.14 -9.55 -5.70
CA SER A 1191 -8.76 -8.27 -5.39
C SER A 1191 -9.26 -7.58 -6.66
N ILE A 1192 -8.47 -7.58 -7.72
CA ILE A 1192 -8.88 -6.93 -8.95
C ILE A 1192 -9.76 -7.83 -9.83
N VAL A 1193 -9.56 -9.15 -9.77
CA VAL A 1193 -10.45 -10.06 -10.48
C VAL A 1193 -11.85 -9.99 -9.88
N ALA A 1194 -11.95 -9.77 -8.56
CA ALA A 1194 -13.25 -9.57 -7.93
C ALA A 1194 -13.91 -8.30 -8.42
N ASN A 1195 -13.12 -7.24 -8.64
CA ASN A 1195 -13.66 -6.04 -9.23
C ASN A 1195 -14.22 -6.32 -10.63
N ARG A 1196 -13.46 -7.09 -11.42
CA ARG A 1196 -13.94 -7.46 -12.78
C ARG A 1196 -15.23 -8.26 -12.66
N TRP A 1197 -15.28 -9.23 -11.74
CA TRP A 1197 -16.44 -10.09 -11.57
C TRP A 1197 -17.68 -9.29 -11.19
N LEU A 1198 -17.54 -8.44 -10.16
CA LEU A 1198 -18.64 -7.58 -9.74
C LEU A 1198 -19.07 -6.66 -10.86
N ALA A 1199 -18.11 -6.09 -11.59
CA ALA A 1199 -18.45 -5.18 -12.68
C ALA A 1199 -19.19 -5.91 -13.79
N VAL A 1200 -18.75 -7.11 -14.15
CA VAL A 1200 -19.46 -7.88 -15.17
C VAL A 1200 -20.90 -8.16 -14.72
N ARG A 1201 -21.05 -8.64 -13.48
CA ARG A 1201 -22.38 -8.98 -12.95
C ARG A 1201 -23.31 -7.78 -12.97
N LEU A 1202 -22.82 -6.61 -12.55
CA LEU A 1202 -23.70 -5.45 -12.39
C LEU A 1202 -23.91 -4.68 -13.67
N GLU A 1203 -22.98 -4.76 -14.62
CA GLU A 1203 -23.23 -4.21 -15.94
C GLU A 1203 -23.92 -5.21 -16.85
N CYS A 1204 -24.16 -6.43 -16.39
CA CYS A 1204 -25.14 -7.30 -17.00
C CYS A 1204 -26.54 -6.98 -16.51
N VAL A 1205 -26.67 -6.41 -15.31
CA VAL A 1205 -27.95 -5.97 -14.78
C VAL A 1205 -28.34 -4.61 -15.32
N GLY A 1206 -27.40 -3.67 -15.35
CA GLY A 1206 -27.66 -2.39 -16.00
C GLY A 1206 -27.93 -2.53 -17.48
N ASN A 1207 -27.33 -3.54 -18.11
CA ASN A 1207 -27.66 -3.81 -19.54
C ASN A 1207 -29.07 -4.38 -19.57
N CYS A 1208 -29.40 -5.30 -18.65
CA CYS A 1208 -30.76 -5.79 -18.57
C CYS A 1208 -31.73 -4.64 -18.29
N ILE A 1209 -31.32 -3.66 -17.50
CA ILE A 1209 -32.14 -2.48 -17.27
C ILE A 1209 -32.35 -1.72 -18.58
N VAL A 1210 -31.26 -1.55 -19.36
CA VAL A 1210 -31.37 -0.86 -20.64
C VAL A 1210 -32.34 -1.61 -21.54
N LEU A 1211 -32.22 -2.89 -21.64
CA LEU A 1211 -33.06 -3.68 -22.53
C LEU A 1211 -34.52 -3.61 -22.10
N PHE A 1212 -34.79 -3.70 -20.80
CA PHE A 1212 -36.17 -3.73 -20.35
C PHE A 1212 -36.84 -2.37 -20.47
N ALA A 1213 -36.12 -1.29 -20.14
CA ALA A 1213 -36.67 0.05 -20.35
C ALA A 1213 -36.95 0.30 -21.83
N SER A 1214 -35.99 -0.08 -22.69
CA SER A 1214 -36.19 0.09 -24.12
C SER A 1214 -37.36 -0.74 -24.63
N LEU A 1215 -37.49 -1.98 -24.13
CA LEU A 1215 -38.54 -2.87 -24.60
C LEU A 1215 -39.92 -2.40 -24.13
N PHE A 1216 -40.01 -1.92 -22.89
CA PHE A 1216 -41.29 -1.42 -22.39
C PHE A 1216 -41.64 -0.08 -23.02
N ALA A 1217 -40.64 0.68 -23.48
CA ALA A 1217 -40.93 1.89 -24.25
C ALA A 1217 -41.41 1.54 -25.65
N VAL A 1218 -40.85 0.48 -26.25
CA VAL A 1218 -41.32 0.05 -27.56
C VAL A 1218 -42.72 -0.53 -27.47
N ILE A 1219 -43.00 -1.32 -26.43
CA ILE A 1219 -44.31 -1.93 -26.25
C ILE A 1219 -45.38 -0.87 -26.10
N SER A 1220 -45.10 0.16 -25.30
CA SER A 1220 -46.03 1.25 -25.06
C SER A 1220 -45.65 2.49 -25.85
N ARG A 1221 -45.16 2.30 -27.08
CA ARG A 1221 -44.74 3.43 -27.91
C ARG A 1221 -45.90 4.32 -28.30
N HIS A 1222 -47.13 3.82 -28.26
CA HIS A 1222 -48.27 4.64 -28.63
C HIS A 1222 -48.59 5.68 -27.57
N SER A 1223 -48.55 5.29 -26.30
CA SER A 1223 -48.83 6.19 -25.20
C SER A 1223 -47.59 6.91 -24.67
N LEU A 1224 -46.44 6.68 -25.29
CA LEU A 1224 -45.18 7.26 -24.84
C LEU A 1224 -44.69 8.27 -25.87
N SER A 1225 -44.32 9.45 -25.40
CA SER A 1225 -43.69 10.43 -26.27
C SER A 1225 -42.23 10.07 -26.50
N ALA A 1226 -41.67 10.61 -27.58
CA ALA A 1226 -40.27 10.33 -27.90
C ALA A 1226 -39.34 10.86 -26.82
N GLY A 1227 -39.69 12.00 -26.21
CA GLY A 1227 -38.86 12.53 -25.15
C GLY A 1227 -38.78 11.62 -23.94
N LEU A 1228 -39.91 11.02 -23.56
CA LEU A 1228 -39.91 10.10 -22.43
C LEU A 1228 -39.04 8.87 -22.72
N VAL A 1229 -39.13 8.35 -23.96
CA VAL A 1229 -38.33 7.20 -24.33
C VAL A 1229 -36.84 7.55 -24.28
N GLY A 1230 -36.47 8.69 -24.87
CA GLY A 1230 -35.08 9.09 -24.86
C GLY A 1230 -34.55 9.32 -23.46
N LEU A 1231 -35.36 9.95 -22.61
CA LEU A 1231 -34.96 10.19 -21.22
C LEU A 1231 -34.73 8.88 -20.48
N SER A 1232 -35.69 7.95 -20.59
CA SER A 1232 -35.57 6.67 -19.90
C SER A 1232 -34.36 5.88 -20.40
N VAL A 1233 -34.14 5.87 -21.72
CA VAL A 1233 -33.03 5.09 -22.28
C VAL A 1233 -31.69 5.71 -21.90
N SER A 1234 -31.59 7.05 -21.90
CA SER A 1234 -30.33 7.69 -21.53
C SER A 1234 -29.99 7.43 -20.07
N TYR A 1235 -31.00 7.54 -19.18
CA TYR A 1235 -30.75 7.25 -17.78
C TYR A 1235 -30.41 5.78 -17.57
N SER A 1236 -31.03 4.88 -18.33
CA SER A 1236 -30.67 3.48 -18.26
C SER A 1236 -29.23 3.25 -18.72
N LEU A 1237 -28.80 4.00 -19.73
CA LEU A 1237 -27.42 3.89 -20.20
C LEU A 1237 -26.44 4.29 -19.11
N GLN A 1238 -26.74 5.38 -18.38
CA GLN A 1238 -25.81 5.83 -17.35
C GLN A 1238 -25.87 4.98 -16.07
N VAL A 1239 -27.02 4.39 -15.76
CA VAL A 1239 -27.11 3.57 -14.56
C VAL A 1239 -26.21 2.34 -14.68
N THR A 1240 -25.87 1.93 -15.90
CA THR A 1240 -24.97 0.79 -16.08
C THR A 1240 -23.63 1.05 -15.40
N THR A 1241 -23.04 2.22 -15.71
CA THR A 1241 -21.73 2.58 -15.11
C THR A 1241 -21.92 2.91 -13.62
N TYR A 1242 -23.05 3.52 -13.26
CA TYR A 1242 -23.24 3.93 -11.88
C TYR A 1242 -23.46 2.77 -10.91
N LEU A 1243 -24.08 1.67 -11.37
CA LEU A 1243 -24.48 0.59 -10.50
C LEU A 1243 -23.30 -0.18 -9.90
N ASN A 1244 -22.32 -0.57 -10.73
CA ASN A 1244 -21.18 -1.30 -10.20
C ASN A 1244 -20.31 -0.42 -9.32
N TRP A 1245 -20.20 0.86 -9.67
CA TRP A 1245 -19.46 1.78 -8.81
C TRP A 1245 -20.16 1.99 -7.49
N LEU A 1246 -21.49 1.86 -7.46
CA LEU A 1246 -22.19 1.90 -6.18
C LEU A 1246 -21.68 0.82 -5.23
N VAL A 1247 -21.57 -0.43 -5.71
CA VAL A 1247 -21.12 -1.51 -4.83
C VAL A 1247 -19.65 -1.37 -4.51
N ARG A 1248 -18.85 -0.96 -5.50
CA ARG A 1248 -17.40 -0.74 -5.28
C ARG A 1248 -17.24 0.28 -4.15
N MET A 1249 -18.03 1.35 -4.19
CA MET A 1249 -17.93 2.42 -3.17
C MET A 1249 -18.43 1.88 -1.82
N SER A 1250 -19.54 1.14 -1.84
CA SER A 1250 -20.07 0.56 -0.60
C SER A 1250 -19.03 -0.31 0.10
N SER A 1251 -18.30 -1.13 -0.67
CA SER A 1251 -17.24 -1.93 -0.09
C SER A 1251 -16.13 -1.05 0.49
N GLU A 1252 -15.75 0.01 -0.24
CA GLU A 1252 -14.74 0.92 0.29
C GLU A 1252 -15.23 1.64 1.54
N MET A 1253 -16.51 2.00 1.59
CA MET A 1253 -17.08 2.63 2.78
C MET A 1253 -17.02 1.67 3.97
N GLU A 1254 -17.35 0.40 3.74
CA GLU A 1254 -17.29 -0.57 4.82
C GLU A 1254 -15.85 -0.75 5.32
N THR A 1255 -14.88 -0.80 4.40
CA THR A 1255 -13.49 -0.88 4.81
C THR A 1255 -13.02 0.39 5.51
N ASN A 1256 -13.62 1.54 5.21
CA ASN A 1256 -13.16 2.80 5.78
C ASN A 1256 -13.76 3.08 7.15
N ILE A 1257 -15.00 2.64 7.40
CA ILE A 1257 -15.63 2.90 8.68
C ILE A 1257 -14.99 2.10 9.82
N VAL A 1258 -14.30 1.01 9.49
CA VAL A 1258 -13.52 0.32 10.52
C VAL A 1258 -12.42 1.23 11.06
N ALA A 1259 -11.99 2.24 10.28
CA ALA A 1259 -11.04 3.21 10.81
C ALA A 1259 -11.67 4.05 11.92
N VAL A 1260 -12.91 4.48 11.74
CA VAL A 1260 -13.61 5.19 12.81
C VAL A 1260 -13.77 4.28 14.02
N GLU A 1261 -14.09 3.01 13.77
CA GLU A 1261 -14.20 2.05 14.87
C GLU A 1261 -12.89 1.94 15.64
N ARG A 1262 -11.77 1.86 14.93
CA ARG A 1262 -10.47 1.74 15.58
C ARG A 1262 -10.11 3.02 16.33
N LEU A 1263 -10.45 4.17 15.78
CA LEU A 1263 -10.19 5.44 16.47
C LEU A 1263 -10.98 5.51 17.77
N LYS A 1264 -12.20 4.99 17.74
CA LYS A 1264 -13.06 5.06 18.96
C LYS A 1264 -12.85 3.82 19.84
N GLU A 1265 -11.71 3.14 19.83
CA GLU A 1265 -11.61 1.92 20.70
C GLU A 1265 -11.25 2.25 22.16
N TYR A 1266 -10.24 3.09 22.42
CA TYR A 1266 -9.69 3.41 23.72
C TYR A 1266 -10.60 4.37 24.49
N SER A 1267 -11.74 4.70 23.89
CA SER A 1267 -12.65 5.67 24.51
C SER A 1267 -13.31 5.10 25.76
N GLU A 1268 -13.36 3.78 25.89
CA GLU A 1268 -14.01 3.13 27.03
C GLU A 1268 -13.04 2.33 27.89
N THR A 1269 -11.76 2.31 27.55
CA THR A 1269 -10.78 1.61 28.38
C THR A 1269 -10.58 2.35 29.69
N GLU A 1270 -10.05 1.64 30.68
CA GLU A 1270 -9.83 2.24 31.99
C GLU A 1270 -8.80 3.36 31.90
N LYS A 1271 -9.14 4.52 32.43
CA LYS A 1271 -8.29 5.70 32.41
C LYS A 1271 -7.73 5.96 33.79
N GLU A 1272 -6.77 6.89 33.83
CA GLU A 1272 -6.13 7.27 35.08
C GLU A 1272 -7.13 8.00 35.98
N ALA A 1273 -6.74 8.16 37.24
CA ALA A 1273 -7.50 9.00 38.15
C ALA A 1273 -7.50 10.44 37.63
N PRO A 1274 -8.52 11.22 37.95
CA PRO A 1274 -8.62 12.58 37.39
C PRO A 1274 -7.36 13.39 37.69
N TRP A 1275 -6.91 14.13 36.68
CA TRP A 1275 -5.70 14.92 36.83
C TRP A 1275 -5.90 16.06 37.80
N GLN A 1276 -7.07 16.71 37.76
CA GLN A 1276 -7.41 17.79 38.69
C GLN A 1276 -8.76 17.46 39.31
N ILE A 1277 -8.79 17.35 40.64
CA ILE A 1277 -10.06 17.08 41.31
C ILE A 1277 -10.82 18.37 41.57
N GLN A 1278 -10.15 19.38 42.13
CA GLN A 1278 -10.67 20.72 42.36
C GLN A 1278 -11.68 20.77 43.51
N ASP A 1279 -12.02 19.61 44.07
CA ASP A 1279 -12.79 19.61 45.32
C ASP A 1279 -11.87 19.45 46.52
N MET A 1280 -10.85 18.60 46.40
CA MET A 1280 -9.89 18.39 47.47
C MET A 1280 -8.49 18.75 47.02
N ALA A 1281 -8.35 19.86 46.29
CA ALA A 1281 -7.05 20.31 45.82
C ALA A 1281 -6.18 20.73 47.00
N PRO A 1282 -4.86 20.52 46.90
CA PRO A 1282 -3.97 20.89 47.99
C PRO A 1282 -3.71 22.39 47.98
N PRO A 1283 -3.09 22.98 49.04
CA PRO A 1283 -2.72 24.40 49.00
C PRO A 1283 -1.56 24.65 48.03
N LYS A 1284 -1.24 25.93 47.77
CA LYS A 1284 -0.13 26.26 46.84
C LYS A 1284 1.15 25.59 47.33
N ASP A 1285 1.49 25.77 48.61
CA ASP A 1285 2.68 25.08 49.18
C ASP A 1285 2.23 23.74 49.75
N TRP A 1286 1.90 22.78 48.88
CA TRP A 1286 1.42 21.46 49.36
C TRP A 1286 2.54 20.75 50.14
N PRO A 1287 3.76 20.54 49.61
CA PRO A 1287 4.86 19.92 50.38
C PRO A 1287 5.50 20.95 51.30
N GLN A 1288 4.84 21.18 52.43
CA GLN A 1288 5.29 22.20 53.37
C GLN A 1288 6.68 21.89 53.91
N VAL A 1289 6.89 20.62 54.27
CA VAL A 1289 8.24 20.20 54.76
C VAL A 1289 8.69 19.00 53.90
N GLY A 1290 7.73 18.31 53.29
CA GLY A 1290 8.04 17.14 52.50
C GLY A 1290 8.09 15.87 53.31
N ARG A 1291 7.11 15.70 54.21
CA ARG A 1291 7.05 14.55 55.11
C ARG A 1291 6.32 13.43 54.39
N VAL A 1292 7.05 12.41 53.98
CA VAL A 1292 6.48 11.26 53.28
C VAL A 1292 6.22 10.16 54.29
N GLU A 1293 5.09 9.48 54.14
CA GLU A 1293 4.74 8.39 55.04
C GLU A 1293 4.04 7.30 54.24
N PHE A 1294 4.74 6.19 54.02
CA PHE A 1294 4.14 4.99 53.43
C PHE A 1294 3.47 4.22 54.55
N ARG A 1295 2.14 4.30 54.60
CA ARG A 1295 1.34 3.65 55.65
C ARG A 1295 0.74 2.38 55.08
N ASP A 1296 1.39 1.25 55.34
CA ASP A 1296 0.93 -0.07 54.90
C ASP A 1296 0.71 -0.10 53.39
N TYR A 1297 1.74 0.31 52.65
CA TYR A 1297 1.65 0.36 51.21
C TYR A 1297 1.73 -1.03 50.57
N GLY A 1298 0.85 -1.26 49.60
CA GLY A 1298 0.89 -2.48 48.81
C GLY A 1298 0.62 -2.19 47.35
N LEU A 1299 1.61 -2.48 46.50
CA LEU A 1299 1.46 -2.25 45.05
C LEU A 1299 1.07 -3.58 44.41
N ARG A 1300 0.16 -3.55 43.42
CA ARG A 1300 -0.35 -4.81 42.85
C ARG A 1300 0.53 -5.29 41.69
N TYR A 1301 1.44 -4.44 41.19
CA TYR A 1301 2.17 -4.91 39.98
C TYR A 1301 3.58 -4.32 39.97
N ASP A 1306 2.38 -11.96 43.84
CA ASP A 1306 1.35 -11.12 43.23
C ASP A 1306 1.58 -9.65 43.54
N LEU A 1307 2.03 -9.37 44.77
CA LEU A 1307 2.32 -8.01 45.21
C LEU A 1307 3.82 -7.77 45.15
N VAL A 1308 4.25 -6.87 44.27
CA VAL A 1308 5.70 -6.50 44.24
C VAL A 1308 6.00 -5.72 45.53
N LEU A 1309 5.14 -4.75 45.88
CA LEU A 1309 5.31 -3.99 47.14
C LEU A 1309 4.32 -4.52 48.17
N LYS A 1310 4.79 -4.77 49.40
CA LYS A 1310 3.89 -5.36 50.44
C LYS A 1310 4.40 -4.97 51.84
N HIS A 1311 3.48 -4.73 52.78
CA HIS A 1311 3.87 -4.39 54.17
C HIS A 1311 4.94 -3.29 54.18
N ILE A 1312 4.61 -2.12 53.64
CA ILE A 1312 5.56 -0.98 53.64
C ILE A 1312 5.07 0.11 54.61
N ASN A 1313 5.66 0.17 55.81
CA ASN A 1313 5.28 1.20 56.78
C ASN A 1313 6.55 1.98 57.13
N VAL A 1314 6.84 3.03 56.37
CA VAL A 1314 8.05 3.79 56.56
C VAL A 1314 7.69 5.28 56.62
N THR A 1315 8.57 6.06 57.24
CA THR A 1315 8.36 7.49 57.39
C THR A 1315 9.65 8.22 57.06
N ILE A 1316 9.62 9.04 56.01
CA ILE A 1316 10.74 9.89 55.62
C ILE A 1316 10.41 11.31 56.07
N ASP A 1317 11.20 11.83 57.00
CA ASP A 1317 10.96 13.15 57.54
C ASP A 1317 11.27 14.23 56.50
N GLY A 1318 10.68 15.40 56.71
CA GLY A 1318 10.90 16.53 55.84
C GLY A 1318 12.36 16.96 55.77
N GLY A 1319 12.89 17.07 54.55
CA GLY A 1319 14.28 17.48 54.38
C GLY A 1319 15.28 16.48 54.92
N GLU A 1320 14.95 15.19 54.87
CA GLU A 1320 15.86 14.13 55.30
C GLU A 1320 16.22 13.28 54.09
N LYS A 1321 17.52 13.19 53.80
CA LYS A 1321 17.97 12.40 52.68
C LYS A 1321 17.79 10.92 52.99
N VAL A 1322 17.13 10.21 52.07
CA VAL A 1322 16.81 8.81 52.24
C VAL A 1322 17.03 8.11 50.91
N GLY A 1323 17.68 6.95 50.93
CA GLY A 1323 17.91 6.17 49.74
C GLY A 1323 17.28 4.80 49.87
N ILE A 1324 17.10 4.13 48.73
CA ILE A 1324 16.50 2.81 48.67
C ILE A 1324 17.48 1.87 47.98
N VAL A 1325 17.88 0.82 48.69
CA VAL A 1325 18.81 -0.18 48.18
C VAL A 1325 18.08 -1.50 48.06
N GLY A 1326 18.45 -2.27 47.05
CA GLY A 1326 17.86 -3.58 46.84
C GLY A 1326 18.37 -4.18 45.56
N ARG A 1327 18.18 -5.48 45.44
CA ARG A 1327 18.60 -6.21 44.26
C ARG A 1327 17.50 -6.20 43.20
N THR A 1328 17.84 -6.73 42.03
CA THR A 1328 16.85 -6.83 40.96
C THR A 1328 15.70 -7.73 41.39
N GLY A 1329 14.47 -7.27 41.13
CA GLY A 1329 13.28 -7.96 41.56
C GLY A 1329 12.65 -7.39 42.81
N ALA A 1330 13.37 -6.50 43.51
CA ALA A 1330 12.80 -5.84 44.70
C ALA A 1330 11.84 -4.75 44.25
N GLY A 1331 11.26 -4.00 45.20
CA GLY A 1331 10.27 -2.96 44.85
C GLY A 1331 10.88 -1.57 44.84
N LYS A 1332 12.20 -1.47 44.62
CA LYS A 1332 12.88 -0.16 44.64
C LYS A 1332 12.20 0.80 43.67
N SER A 1333 12.26 0.53 42.37
CA SER A 1333 11.69 1.44 41.35
C SER A 1333 10.17 1.54 41.54
N SER A 1334 9.51 0.41 41.80
CA SER A 1334 8.04 0.41 41.99
C SER A 1334 7.66 1.38 43.12
N LEU A 1335 8.57 1.59 44.08
CA LEU A 1335 8.31 2.54 45.15
C LEU A 1335 8.15 3.96 44.61
N THR A 1336 9.03 4.35 43.67
CA THR A 1336 8.85 5.65 43.01
C THR A 1336 7.50 5.72 42.31
N LEU A 1337 7.09 4.64 41.63
CA LEU A 1337 5.80 4.64 40.98
C LEU A 1337 4.68 4.78 42.00
N GLY A 1338 4.92 4.40 43.25
CA GLY A 1338 3.95 4.67 44.29
C GLY A 1338 3.82 6.15 44.60
N LEU A 1339 4.95 6.86 44.61
CA LEU A 1339 4.92 8.29 44.94
C LEU A 1339 4.13 9.08 43.90
N PHE A 1340 4.33 8.76 42.62
CA PHE A 1340 3.69 9.49 41.53
C PHE A 1340 2.37 8.88 41.11
N ARG A 1341 1.89 7.84 41.81
CA ARG A 1341 0.62 7.19 41.51
C ARG A 1341 0.57 6.67 40.08
N ILE A 1342 1.71 6.13 39.61
CA ILE A 1342 1.73 5.52 38.24
C ILE A 1342 0.79 4.31 38.28
N LYS A 1343 0.91 3.48 39.32
CA LYS A 1343 -0.03 2.33 39.47
C LYS A 1343 -0.85 2.56 40.74
N GLU A 1344 -2.18 2.40 40.65
CA GLU A 1344 -3.07 2.68 41.82
C GLU A 1344 -2.68 1.79 42.99
N SER A 1345 -2.84 2.28 44.22
CA SER A 1345 -2.47 1.52 45.41
C SER A 1345 -3.45 0.38 45.63
N ALA A 1346 -2.94 -0.85 45.55
CA ALA A 1346 -3.79 -2.00 45.87
C ALA A 1346 -4.22 -1.96 47.33
N GLU A 1347 -3.29 -1.61 48.23
CA GLU A 1347 -3.62 -1.39 49.64
C GLU A 1347 -2.54 -0.49 50.21
N GLY A 1348 -2.89 0.76 50.48
CA GLY A 1348 -1.91 1.71 50.98
C GLY A 1348 -2.46 3.10 51.12
N GLU A 1349 -1.87 3.89 52.01
CA GLU A 1349 -2.33 5.22 52.35
C GLU A 1349 -1.16 6.20 52.40
N ILE A 1350 -0.34 6.21 51.35
CA ILE A 1350 0.75 7.18 51.26
C ILE A 1350 0.21 8.57 51.49
N ILE A 1351 0.79 9.28 52.46
CA ILE A 1351 0.35 10.67 52.75
C ILE A 1351 1.58 11.58 52.81
N ILE A 1352 1.57 12.67 52.04
CA ILE A 1352 2.70 13.65 52.12
C ILE A 1352 2.26 14.75 53.07
N ASP A 1353 3.06 15.02 54.12
CA ASP A 1353 2.65 16.01 55.15
C ASP A 1353 1.34 15.54 55.77
N ASP A 1354 0.26 16.31 55.58
CA ASP A 1354 -1.06 15.95 56.18
C ASP A 1354 -2.08 15.68 55.07
N ILE A 1355 -1.63 15.35 53.86
CA ILE A 1355 -2.58 15.17 52.72
C ILE A 1355 -2.37 13.80 52.07
N ASN A 1356 -3.46 13.07 51.81
CA ASN A 1356 -3.38 11.74 51.15
C ASN A 1356 -3.11 11.93 49.65
N ILE A 1357 -2.30 11.05 49.05
CA ILE A 1357 -1.98 11.17 47.64
C ILE A 1357 -3.14 10.69 46.78
N ALA A 1358 -3.77 9.58 47.16
CA ALA A 1358 -4.82 8.99 46.33
C ALA A 1358 -6.00 9.94 46.15
N LYS A 1359 -6.23 10.82 47.12
CA LYS A 1359 -7.32 11.79 46.99
C LYS A 1359 -6.97 12.92 46.03
N ILE A 1360 -5.69 13.32 45.98
CA ILE A 1360 -5.25 14.43 45.14
C ILE A 1360 -5.31 14.02 43.69
N GLY A 1361 -5.64 14.97 42.82
CA GLY A 1361 -5.55 14.73 41.39
C GLY A 1361 -4.12 14.41 40.98
N LEU A 1362 -3.99 13.67 39.88
CA LEU A 1362 -2.64 13.25 39.41
C LEU A 1362 -1.74 14.46 39.12
N HIS A 1363 -2.18 15.35 38.22
CA HIS A 1363 -1.31 16.49 37.81
C HIS A 1363 -0.76 17.21 39.04
N ASP A 1364 -1.65 17.60 39.97
CA ASP A 1364 -1.22 18.31 41.20
C ASP A 1364 0.02 17.65 41.79
N LEU A 1365 -0.08 16.38 42.20
CA LEU A 1365 1.08 15.72 42.88
C LEU A 1365 2.25 15.58 41.90
N ARG A 1366 1.96 15.27 40.63
CA ARG A 1366 3.05 15.08 39.62
C ARG A 1366 3.75 16.42 39.39
N PHE A 1367 3.06 17.53 39.66
CA PHE A 1367 3.69 18.85 39.57
C PHE A 1367 4.47 19.19 40.83
N LYS A 1368 4.01 18.72 41.98
CA LYS A 1368 4.64 19.05 43.26
C LYS A 1368 5.74 18.06 43.65
N ILE A 1369 5.96 17.01 42.88
CA ILE A 1369 7.04 16.05 43.10
C ILE A 1369 7.82 15.89 41.81
N THR A 1370 9.14 15.79 41.91
CA THR A 1370 9.97 15.68 40.72
C THR A 1370 10.77 14.38 40.74
N ILE A 1371 11.12 13.92 39.54
CA ILE A 1371 11.82 12.64 39.35
C ILE A 1371 12.92 12.84 38.31
N ILE A 1372 14.08 12.27 38.60
CA ILE A 1372 15.18 12.19 37.63
C ILE A 1372 15.34 10.71 37.27
N PRO A 1373 14.78 10.28 36.13
CA PRO A 1373 14.71 8.84 35.84
C PRO A 1373 16.04 8.24 35.42
N GLN A 1374 16.01 6.95 35.06
CA GLN A 1374 17.22 6.25 34.66
C GLN A 1374 17.83 6.89 33.41
N ASP A 1375 17.07 6.87 32.31
CA ASP A 1375 17.55 7.49 31.05
C ASP A 1375 16.71 8.74 30.77
N PRO A 1376 17.27 9.96 30.95
CA PRO A 1376 16.54 11.20 30.68
C PRO A 1376 16.03 11.23 29.23
N VAL A 1377 14.76 11.59 29.04
CA VAL A 1377 14.17 11.62 27.66
C VAL A 1377 14.09 13.06 27.17
N LEU A 1378 14.99 13.46 26.27
CA LEU A 1378 14.96 14.80 25.71
C LEU A 1378 14.09 14.80 24.45
N PHE A 1379 13.09 15.67 24.44
CA PHE A 1379 12.13 15.70 23.35
C PHE A 1379 12.56 16.67 22.27
N SER A 1380 12.14 16.39 21.04
CA SER A 1380 12.49 17.25 19.91
C SER A 1380 11.92 18.64 20.12
N GLY A 1381 12.70 19.64 19.75
CA GLY A 1381 12.34 21.03 19.93
C GLY A 1381 13.51 21.78 20.54
N SER A 1382 13.21 22.94 21.13
CA SER A 1382 14.24 23.73 21.75
C SER A 1382 14.54 23.20 23.16
N LEU A 1383 15.68 23.62 23.70
CA LEU A 1383 16.04 23.24 25.05
C LEU A 1383 15.09 23.85 26.07
N ARG A 1384 14.61 25.08 25.80
CA ARG A 1384 13.68 25.72 26.72
C ARG A 1384 12.36 24.95 26.81
N MET A 1385 11.87 24.43 25.67
CA MET A 1385 10.66 23.62 25.70
C MET A 1385 10.91 22.29 26.39
N ASN A 1386 12.15 21.80 26.39
CA ASN A 1386 12.48 20.63 27.19
C ASN A 1386 12.42 20.94 28.68
N LEU A 1387 13.05 22.05 29.09
CA LEU A 1387 13.05 22.43 30.50
C LEU A 1387 11.66 22.82 30.97
N ASP A 1388 11.01 23.72 30.24
CA ASP A 1388 9.69 24.25 30.61
C ASP A 1388 8.77 24.18 29.39
N PRO A 1389 8.11 23.03 29.17
CA PRO A 1389 7.17 22.95 28.05
C PRO A 1389 6.04 23.97 28.14
N PHE A 1390 5.57 24.28 29.34
CA PHE A 1390 4.51 25.25 29.53
C PHE A 1390 5.01 26.69 29.42
N SER A 1391 6.32 26.91 29.40
CA SER A 1391 6.92 28.24 29.43
C SER A 1391 6.45 29.03 30.66
N GLN A 1392 6.13 28.32 31.74
CA GLN A 1392 5.62 28.99 32.93
C GLN A 1392 6.72 29.72 33.68
N TYR A 1393 7.90 29.12 33.79
CA TYR A 1393 9.01 29.72 34.50
C TYR A 1393 9.67 30.79 33.62
N SER A 1394 10.08 31.89 34.25
CA SER A 1394 10.66 33.00 33.52
C SER A 1394 12.04 32.63 33.00
N ASP A 1395 12.53 33.45 32.07
CA ASP A 1395 13.84 33.21 31.47
C ASP A 1395 14.96 33.28 32.50
N GLU A 1396 14.83 34.18 33.49
CA GLU A 1396 15.85 34.27 34.53
C GLU A 1396 15.93 32.99 35.34
N GLU A 1397 14.78 32.39 35.67
CA GLU A 1397 14.77 31.13 36.40
C GLU A 1397 15.42 30.03 35.59
N VAL A 1398 15.14 29.97 34.29
CA VAL A 1398 15.74 28.96 33.43
C VAL A 1398 17.26 29.14 33.40
N TRP A 1399 17.71 30.39 33.25
CA TRP A 1399 19.14 30.65 33.22
C TRP A 1399 19.81 30.27 34.53
N THR A 1400 19.19 30.62 35.66
CA THR A 1400 19.75 30.27 36.96
C THR A 1400 19.83 28.77 37.16
N SER A 1401 18.76 28.05 36.80
CA SER A 1401 18.76 26.60 36.96
C SER A 1401 19.80 25.95 36.05
N LEU A 1402 19.95 26.45 34.82
CA LEU A 1402 20.94 25.89 33.91
C LEU A 1402 22.36 26.16 34.41
N GLU A 1403 22.60 27.35 34.96
CA GLU A 1403 23.91 27.63 35.55
C GLU A 1403 24.18 26.72 36.74
N LEU A 1404 23.17 26.53 37.59
CA LEU A 1404 23.31 25.66 38.76
C LEU A 1404 23.44 24.19 38.39
N ALA A 1405 23.18 23.83 37.13
CA ALA A 1405 23.29 22.46 36.67
C ALA A 1405 24.59 22.20 35.92
N HIS A 1406 25.63 23.01 36.15
CA HIS A 1406 26.93 22.86 35.50
C HIS A 1406 26.79 22.86 33.97
N LEU A 1407 25.79 23.58 33.47
CA LEU A 1407 25.50 23.62 32.05
C LEU A 1407 25.57 25.00 31.42
N LYS A 1408 25.88 26.03 32.21
CA LYS A 1408 25.89 27.39 31.67
C LYS A 1408 26.92 27.54 30.55
N GLY A 1409 28.09 26.93 30.72
CA GLY A 1409 29.11 27.02 29.69
C GLY A 1409 28.68 26.41 28.38
N PHE A 1410 28.04 25.23 28.42
CA PHE A 1410 27.61 24.58 27.20
C PHE A 1410 26.38 25.27 26.60
N VAL A 1411 25.40 25.62 27.45
CA VAL A 1411 24.16 26.18 26.93
C VAL A 1411 24.39 27.55 26.30
N SER A 1412 25.41 28.28 26.77
CA SER A 1412 25.73 29.56 26.16
C SER A 1412 26.47 29.38 24.84
N ALA A 1413 26.98 28.18 24.57
CA ALA A 1413 27.78 27.92 23.38
C ALA A 1413 26.96 27.72 22.12
N LEU A 1414 25.72 27.24 22.23
CA LEU A 1414 24.92 26.99 21.03
C LEU A 1414 24.56 28.31 20.35
N PRO A 1415 24.63 28.38 19.02
CA PRO A 1415 24.26 29.63 18.34
C PRO A 1415 22.82 30.04 18.55
N ASP A 1416 21.93 29.08 18.86
CA ASP A 1416 20.51 29.36 19.03
C ASP A 1416 20.16 29.71 20.47
N LYS A 1417 21.17 29.87 21.33
CA LYS A 1417 20.99 30.24 22.74
C LYS A 1417 20.14 29.18 23.41
N LEU A 1418 19.01 29.52 24.04
CA LEU A 1418 18.14 28.52 24.65
C LEU A 1418 17.32 27.75 23.63
N ASN A 1419 17.28 28.21 22.38
CA ASN A 1419 16.45 27.60 21.35
C ASN A 1419 17.21 26.58 20.51
N HIS A 1420 18.18 25.90 21.10
CA HIS A 1420 18.92 24.86 20.38
C HIS A 1420 17.99 23.72 20.01
N GLU A 1421 17.93 23.41 18.71
CA GLU A 1421 17.01 22.38 18.21
C GLU A 1421 17.65 21.01 18.41
N CYS A 1422 17.26 20.33 19.48
CA CYS A 1422 17.73 18.97 19.73
C CYS A 1422 16.86 17.97 18.98
N ALA A 1423 17.51 16.97 18.39
CA ALA A 1423 16.83 15.99 17.56
C ALA A 1423 16.06 15.00 18.42
N GLU A 1424 15.51 13.97 17.79
CA GLU A 1424 14.74 12.93 18.49
C GLU A 1424 15.59 12.25 19.54
N GLY A 1425 15.24 12.43 20.81
CA GLY A 1425 15.99 11.84 21.89
C GLY A 1425 17.29 12.53 22.23
N GLY A 1426 17.54 13.72 21.65
CA GLY A 1426 18.77 14.43 21.91
C GLY A 1426 20.00 13.70 21.41
N GLU A 1427 19.94 13.21 20.17
CA GLU A 1427 21.08 12.49 19.60
C GLU A 1427 22.30 13.39 19.49
N ASN A 1428 22.10 14.65 19.12
CA ASN A 1428 23.22 15.59 19.03
C ASN A 1428 23.89 15.79 20.38
N LEU A 1429 23.10 15.91 21.44
CA LEU A 1429 23.64 16.05 22.78
C LEU A 1429 24.21 14.72 23.27
N SER A 1430 25.18 14.80 24.17
CA SER A 1430 25.76 13.61 24.77
C SER A 1430 24.88 13.10 25.91
N VAL A 1431 25.16 11.86 26.34
CA VAL A 1431 24.35 11.25 27.43
C VAL A 1431 24.52 12.09 28.70
N GLY A 1432 25.77 12.49 29.00
CA GLY A 1432 26.02 13.33 30.19
C GLY A 1432 25.21 14.62 30.12
N GLN A 1433 25.18 15.25 28.94
CA GLN A 1433 24.45 16.53 28.78
C GLN A 1433 22.96 16.30 29.02
N ARG A 1434 22.39 15.28 28.40
CA ARG A 1434 20.94 14.98 28.56
C ARG A 1434 20.65 14.75 30.05
N GLN A 1435 21.54 14.03 30.75
CA GLN A 1435 21.35 13.83 32.19
C GLN A 1435 21.36 15.16 32.93
N LEU A 1436 22.28 16.05 32.57
CA LEU A 1436 22.33 17.35 33.22
C LEU A 1436 21.13 18.21 32.83
N VAL A 1437 20.58 18.01 31.63
CA VAL A 1437 19.36 18.74 31.26
C VAL A 1437 18.18 18.26 32.10
N CYS A 1438 18.10 16.94 32.34
CA CYS A 1438 17.04 16.44 33.23
C CYS A 1438 17.22 16.99 34.65
N LEU A 1439 18.47 17.04 35.12
CA LEU A 1439 18.72 17.65 36.41
C LEU A 1439 18.30 19.12 36.43
N ALA A 1440 18.54 19.83 35.32
CA ALA A 1440 18.11 21.22 35.22
C ALA A 1440 16.60 21.33 35.27
N ARG A 1441 15.90 20.40 34.63
CA ARG A 1441 14.44 20.37 34.75
C ARG A 1441 14.01 20.23 36.20
N ALA A 1442 14.59 19.26 36.90
CA ALA A 1442 14.24 19.03 38.30
C ALA A 1442 14.54 20.25 39.15
N LEU A 1443 15.69 20.89 38.91
CA LEU A 1443 16.07 22.06 39.67
C LEU A 1443 15.13 23.23 39.40
N LEU A 1444 14.76 23.43 38.13
CA LEU A 1444 13.84 24.50 37.78
C LEU A 1444 12.46 24.27 38.37
N ARG A 1445 12.11 23.03 38.69
CA ARG A 1445 10.71 22.81 39.15
C ARG A 1445 10.59 23.31 40.59
N LYS A 1446 11.68 23.31 41.35
CA LYS A 1446 11.67 23.87 42.70
C LYS A 1446 10.59 23.25 43.57
N THR A 1447 10.73 21.94 43.78
CA THR A 1447 9.80 21.18 44.60
C THR A 1447 10.56 20.53 45.75
N LYS A 1448 9.83 20.27 46.85
CA LYS A 1448 10.45 19.77 48.06
C LYS A 1448 10.67 18.27 48.06
N ILE A 1449 10.05 17.53 47.13
CA ILE A 1449 10.19 16.08 47.08
C ILE A 1449 10.77 15.71 45.72
N LEU A 1450 11.93 15.06 45.74
CA LEU A 1450 12.65 14.70 44.54
C LEU A 1450 13.12 13.25 44.63
N VAL A 1451 12.97 12.52 43.54
CA VAL A 1451 13.39 11.12 43.46
C VAL A 1451 14.49 11.01 42.40
N LEU A 1452 15.48 10.18 42.68
CA LEU A 1452 16.61 9.95 41.79
C LEU A 1452 16.67 8.48 41.42
N ASP A 1453 16.95 8.20 40.15
CA ASP A 1453 17.16 6.83 39.66
C ASP A 1453 18.55 6.76 39.05
N GLU A 1454 19.49 6.16 39.76
CA GLU A 1454 20.86 6.03 39.28
C GLU A 1454 21.03 4.74 38.50
N ALA A 1455 21.93 4.78 37.52
CA ALA A 1455 22.23 3.61 36.70
C ALA A 1455 23.01 2.57 37.49
N GLU A 1462 30.71 8.52 34.29
CA GLU A 1462 31.64 9.60 33.86
C GLU A 1462 31.19 10.93 34.47
N THR A 1463 29.95 11.35 34.18
CA THR A 1463 29.42 12.62 34.74
C THR A 1463 28.79 12.36 36.11
N ASP A 1464 28.87 11.11 36.59
CA ASP A 1464 28.26 10.74 37.90
C ASP A 1464 28.79 11.70 38.97
N ASP A 1465 30.10 11.95 38.98
CA ASP A 1465 30.70 12.89 39.96
C ASP A 1465 29.98 14.23 39.90
N LEU A 1466 29.62 14.69 38.70
CA LEU A 1466 29.00 16.00 38.56
C LEU A 1466 27.54 15.98 39.03
N ILE A 1467 26.77 14.97 38.60
CA ILE A 1467 25.36 14.92 38.99
C ILE A 1467 25.23 14.63 40.47
N GLN A 1468 26.12 13.78 41.02
CA GLN A 1468 26.07 13.52 42.45
C GLN A 1468 26.38 14.79 43.26
N SER A 1469 27.41 15.53 42.85
CA SER A 1469 27.72 16.77 43.54
C SER A 1469 26.59 17.77 43.43
N THR A 1470 25.96 17.86 42.25
CA THR A 1470 24.89 18.81 42.06
C THR A 1470 23.66 18.45 42.89
N ILE A 1471 23.35 17.15 42.99
CA ILE A 1471 22.23 16.75 43.83
C ILE A 1471 22.57 16.93 45.30
N ARG A 1472 23.86 16.97 45.64
CA ARG A 1472 24.28 17.20 47.02
C ARG A 1472 24.52 18.69 47.31
N THR A 1473 24.39 19.54 46.29
CA THR A 1473 24.76 20.98 46.47
C THR A 1473 23.62 21.81 47.09
N GLN A 1474 22.49 21.93 46.40
CA GLN A 1474 21.42 22.82 46.85
C GLN A 1474 20.13 22.09 47.23
N PHE A 1475 19.97 20.84 46.79
CA PHE A 1475 18.77 20.08 47.14
C PHE A 1475 18.82 19.50 48.55
N ASP A 1476 19.75 19.96 49.39
CA ASP A 1476 19.75 19.50 50.78
C ASP A 1476 18.51 19.97 51.53
N ASP A 1477 17.91 21.08 51.10
CA ASP A 1477 16.69 21.56 51.74
C ASP A 1477 15.53 20.62 51.44
N CYS A 1478 15.51 20.01 50.26
CA CYS A 1478 14.40 19.18 49.83
C CYS A 1478 14.62 17.72 50.23
N THR A 1479 13.51 16.99 50.36
CA THR A 1479 13.57 15.56 50.66
C THR A 1479 13.85 14.78 49.39
N VAL A 1480 14.92 14.00 49.39
CA VAL A 1480 15.37 13.26 48.21
C VAL A 1480 15.33 11.78 48.52
N LEU A 1481 14.55 11.04 47.74
CA LEU A 1481 14.65 9.60 47.67
C LEU A 1481 15.61 9.22 46.55
N THR A 1482 16.37 8.14 46.76
CA THR A 1482 17.40 7.74 45.81
C THR A 1482 17.38 6.23 45.65
N ILE A 1483 17.21 5.77 44.41
CA ILE A 1483 17.32 4.35 44.08
C ILE A 1483 18.54 4.20 43.18
N ALA A 1484 19.62 3.66 43.74
CA ALA A 1484 20.88 3.52 43.04
C ALA A 1484 21.32 2.06 43.06
N HIS A 1485 21.75 1.58 41.90
CA HIS A 1485 22.35 0.25 41.79
C HIS A 1485 23.80 0.23 42.27
N ARG A 1486 24.31 1.37 42.73
CA ARG A 1486 25.67 1.48 43.23
C ARG A 1486 25.63 1.91 44.69
N LEU A 1487 26.33 1.16 45.54
CA LEU A 1487 26.32 1.44 46.97
C LEU A 1487 27.19 2.64 47.34
N ASN A 1488 28.10 3.04 46.45
CA ASN A 1488 29.02 4.12 46.77
C ASN A 1488 28.28 5.43 47.03
N THR A 1489 27.32 5.76 46.16
CA THR A 1489 26.57 7.01 46.33
C THR A 1489 25.58 6.92 47.48
N ILE A 1490 24.93 5.77 47.65
CA ILE A 1490 23.86 5.65 48.68
C ILE A 1490 24.47 5.78 50.09
N MET A 1491 25.75 5.44 50.24
CA MET A 1491 26.39 5.47 51.58
C MET A 1491 26.30 6.89 52.14
N ASP A 1492 26.42 7.90 51.27
CA ASP A 1492 26.38 9.32 51.72
C ASP A 1492 25.01 9.64 52.34
N TYR A 1493 23.94 9.06 51.80
CA TYR A 1493 22.58 9.40 52.27
C TYR A 1493 22.23 8.65 53.56
N THR A 1494 21.75 9.37 54.58
CA THR A 1494 21.31 8.74 55.82
C THR A 1494 20.02 7.96 55.59
N ARG A 1495 19.56 7.31 56.67
CA ARG A 1495 18.26 6.58 56.64
C ARG A 1495 18.10 5.79 55.33
N VAL A 1496 18.91 4.74 55.16
CA VAL A 1496 18.76 3.88 54.00
C VAL A 1496 17.67 2.85 54.26
N ILE A 1497 16.81 2.63 53.27
CA ILE A 1497 15.77 1.60 53.33
C ILE A 1497 16.18 0.49 52.38
N VAL A 1498 16.29 -0.73 52.90
CA VAL A 1498 16.69 -1.89 52.11
C VAL A 1498 15.45 -2.73 51.84
N LEU A 1499 15.27 -3.12 50.58
CA LEU A 1499 14.13 -3.94 50.18
C LEU A 1499 14.63 -5.29 49.69
N ASP A 1500 14.26 -6.35 50.39
CA ASP A 1500 14.65 -7.69 49.97
C ASP A 1500 13.72 -8.22 48.88
N LYS A 1501 12.43 -8.36 49.21
CA LYS A 1501 11.42 -8.83 48.22
C LYS A 1501 10.15 -7.99 48.40
N GLY A 1502 10.30 -6.67 48.60
CA GLY A 1502 9.13 -5.81 48.84
C GLY A 1502 9.02 -5.43 50.30
N GLU A 1503 9.51 -6.31 51.20
CA GLU A 1503 9.50 -6.02 52.62
C GLU A 1503 10.63 -5.08 52.99
N ILE A 1504 10.45 -4.36 54.10
CA ILE A 1504 11.48 -3.47 54.63
C ILE A 1504 12.45 -4.33 55.44
N GLN A 1505 13.57 -4.71 54.83
CA GLN A 1505 14.53 -5.56 55.53
C GLN A 1505 15.22 -4.81 56.66
N GLU A 1506 15.68 -3.59 56.35
CA GLU A 1506 16.35 -2.75 57.38
C GLU A 1506 15.84 -1.31 57.24
N TRP A 1507 15.54 -0.66 58.36
CA TRP A 1507 15.08 0.76 58.33
C TRP A 1507 15.93 1.57 59.31
N GLY A 1508 16.99 2.22 58.81
CA GLY A 1508 17.85 3.01 59.67
C GLY A 1508 18.99 3.62 58.89
N SER A 1509 19.82 4.38 59.60
CA SER A 1509 20.95 5.06 58.99
C SER A 1509 22.01 4.05 58.57
N PRO A 1510 22.86 4.41 57.61
CA PRO A 1510 23.96 3.51 57.23
C PRO A 1510 24.91 3.20 58.37
N SER A 1511 25.03 4.08 59.35
CA SER A 1511 25.85 3.77 60.52
C SER A 1511 25.29 2.57 61.27
N ASP A 1512 23.96 2.49 61.39
CA ASP A 1512 23.35 1.31 61.99
C ASP A 1512 23.36 0.12 61.05
N LEU A 1513 23.53 0.36 59.74
CA LEU A 1513 23.64 -0.74 58.79
C LEU A 1513 24.87 -1.58 59.05
N LEU A 1514 25.99 -0.95 59.36
CA LEU A 1514 27.23 -1.67 59.63
C LEU A 1514 27.61 -1.55 61.10
C30 4YH B . -17.79 9.54 -13.69
O19 4YH B . -17.17 8.26 -13.55
C6 4YH B . -16.50 8.02 -12.38
C5 4YH B . -15.16 8.26 -12.16
C9 4YH B . -17.28 7.47 -11.36
O23 4YH B . -18.59 7.27 -11.67
C32 4YH B . -19.07 5.93 -11.71
C13 4YH B . -16.71 7.19 -10.13
C11 4YH B . -15.36 7.44 -9.93
C2 4YH B . -14.56 7.98 -10.94
C1 4YH B . -13.09 8.26 -10.70
C15 4YH B . -12.19 7.75 -11.87
C29 4YH B . -12.32 6.25 -12.03
C28 4YH B . -10.74 8.13 -11.68
C3 4YH B . -12.62 7.50 -9.52
N4 4YH B . -12.19 6.93 -8.63
C22 4YH B . -12.79 9.75 -10.53
C26 4YH B . -13.34 10.29 -9.25
C25 4YH B . -13.16 11.80 -9.19
N8 4YH B . -13.34 12.38 -7.86
C27 4YH B . -12.41 11.78 -6.91
C16 4YH B . -14.73 12.23 -7.42
C21 4YH B . -15.69 12.94 -8.35
C17 4YH B . -17.00 12.24 -8.56
C12 4YH B . -18.13 12.64 -7.87
C18 4YH B . -17.10 11.19 -9.45
C14 4YH B . -18.30 10.54 -9.67
C10 4YH B . -19.42 10.95 -8.99
O24 4YH B . -20.65 10.38 -9.12
C33 4YH B . -20.67 8.99 -9.39
C7 4YH B . -19.35 12.01 -8.08
O20 4YH B . -20.52 12.32 -7.45
C31 4YH B . -20.46 13.21 -6.35
N1 GSH C . -17.20 4.08 -19.61
CA1 GSH C . -15.89 4.25 -18.93
C1 GSH C . -14.77 4.21 -19.97
O11 GSH C . -13.94 3.30 -19.89
O12 GSH C . -14.76 5.12 -20.82
CB1 GSH C . -15.71 3.16 -17.87
CG1 GSH C . -14.41 3.28 -17.10
CD1 GSH C . -14.68 2.85 -15.68
OE1 GSH C . -15.19 1.77 -15.42
N2 GSH C . -14.31 3.70 -14.73
CA2 GSH C . -13.89 3.22 -13.43
C2 GSH C . -12.81 2.16 -13.53
O2 GSH C . -11.94 2.29 -14.37
CB2 GSH C . -15.09 2.72 -12.64
SG2 GSH C . -16.64 3.50 -13.16
N3 GSH C . -12.81 1.16 -12.66
CA3 GSH C . -11.56 0.64 -12.19
C3 GSH C . -11.74 -0.54 -11.24
O31 GSH C . -11.43 -0.37 -10.05
O32 GSH C . -12.16 -1.60 -11.73
#